data_2EOC
#
_entry.id   2EOC
#
_entity_poly.entity_id   1
_entity_poly.type   'polypeptide(L)'
_entity_poly.pdbx_seq_one_letter_code
;GSSGSSGAEKRIIRVDPTCPLSSNPGTQVYEDYNCTLNQTNIENNNNKFYIIQLLQDSNRFFTCWNRWGRVGEVGQSKIN
HFTRLEDAKKDFEKKFREKTKNNWAERDHFVSHPGKYTLIEVQA
;
_entity_poly.pdbx_strand_id   A
#
# COMPACT_ATOMS: atom_id res chain seq x y z
N GLY A 1 2.74 13.28 28.23
CA GLY A 1 3.39 13.05 26.95
C GLY A 1 4.76 13.70 26.88
N SER A 2 5.78 12.96 27.31
CA SER A 2 7.14 13.47 27.30
C SER A 2 8.13 12.37 27.70
N SER A 3 9.40 12.73 27.74
CA SER A 3 10.45 11.79 28.11
C SER A 3 10.52 10.63 27.12
N GLY A 4 11.73 10.15 26.84
CA GLY A 4 11.91 9.06 25.91
C GLY A 4 11.15 7.82 26.32
N SER A 5 10.92 6.92 25.37
CA SER A 5 10.19 5.69 25.65
C SER A 5 10.13 4.81 24.40
N SER A 6 10.28 3.50 24.60
CA SER A 6 10.24 2.55 23.49
C SER A 6 11.23 2.95 22.41
N GLY A 7 12.39 2.28 22.39
CA GLY A 7 13.41 2.58 21.40
C GLY A 7 12.93 2.34 19.99
N ALA A 8 13.43 1.26 19.38
CA ALA A 8 13.04 0.91 18.02
C ALA A 8 13.24 2.09 17.08
N GLU A 9 13.04 1.85 15.78
CA GLU A 9 13.20 2.88 14.78
C GLU A 9 11.85 3.28 14.19
N LYS A 10 11.41 4.50 14.50
CA LYS A 10 10.14 5.01 14.00
C LYS A 10 10.17 5.16 12.49
N ARG A 11 9.31 4.41 11.79
CA ARG A 11 9.24 4.47 10.34
C ARG A 11 8.35 5.63 9.89
N ILE A 12 8.67 6.20 8.73
CA ILE A 12 7.91 7.31 8.18
C ILE A 12 7.30 6.94 6.83
N ILE A 13 6.06 7.38 6.62
CA ILE A 13 5.35 7.10 5.37
C ILE A 13 5.00 8.39 4.64
N ARG A 14 5.00 8.32 3.31
CA ARG A 14 4.68 9.49 2.49
C ARG A 14 3.54 9.17 1.52
N VAL A 15 2.45 9.91 1.64
CA VAL A 15 1.29 9.72 0.77
C VAL A 15 1.71 9.65 -0.69
N ASP A 16 1.36 8.55 -1.36
CA ASP A 16 1.70 8.37 -2.77
C ASP A 16 1.51 9.66 -3.55
N PRO A 17 2.42 9.93 -4.49
CA PRO A 17 2.36 11.14 -5.32
C PRO A 17 1.21 11.11 -6.31
N THR A 18 1.05 9.99 -7.01
CA THR A 18 -0.01 9.84 -7.99
C THR A 18 -1.37 10.17 -7.38
N CYS A 19 -1.48 9.99 -6.07
CA CYS A 19 -2.73 10.27 -5.36
C CYS A 19 -2.95 11.78 -5.24
N PRO A 20 -4.21 12.21 -5.44
CA PRO A 20 -4.59 13.62 -5.36
C PRO A 20 -4.53 14.16 -3.92
N LEU A 21 -5.15 13.43 -3.00
CA LEU A 21 -5.16 13.84 -1.60
C LEU A 21 -3.77 14.24 -1.13
N SER A 22 -2.76 13.55 -1.66
CA SER A 22 -1.38 13.83 -1.30
C SER A 22 -1.14 15.33 -1.17
N SER A 23 -1.59 16.08 -2.18
CA SER A 23 -1.42 17.53 -2.19
C SER A 23 -2.16 18.17 -1.03
N ASN A 24 -3.38 17.71 -0.78
CA ASN A 24 -4.20 18.22 0.30
C ASN A 24 -3.47 18.13 1.64
N PRO A 25 -3.41 19.25 2.37
CA PRO A 25 -2.74 19.32 3.67
C PRO A 25 -3.48 18.53 4.75
N GLY A 26 -2.73 17.78 5.55
CA GLY A 26 -3.34 16.99 6.61
C GLY A 26 -3.48 15.53 6.23
N THR A 27 -3.71 15.27 4.94
CA THR A 27 -3.87 13.91 4.46
C THR A 27 -2.60 13.10 4.66
N GLN A 28 -2.65 12.15 5.59
CA GLN A 28 -1.49 11.30 5.88
C GLN A 28 -1.85 9.83 5.70
N VAL A 29 -0.82 8.98 5.68
CA VAL A 29 -1.02 7.54 5.52
C VAL A 29 -1.33 6.89 6.85
N TYR A 30 -2.60 6.50 7.04
CA TYR A 30 -3.03 5.86 8.28
C TYR A 30 -2.03 4.79 8.70
N GLU A 31 -1.46 4.96 9.89
CA GLU A 31 -0.49 4.01 10.42
C GLU A 31 0.60 3.71 9.38
N ASP A 32 1.06 2.47 9.38
CA ASP A 32 2.11 2.05 8.44
C ASP A 32 1.54 1.13 7.38
N TYR A 33 0.27 1.31 7.05
CA TYR A 33 -0.39 0.48 6.04
C TYR A 33 0.06 0.86 4.63
N ASN A 34 1.28 0.46 4.29
CA ASN A 34 1.82 0.76 2.97
C ASN A 34 2.73 -0.38 2.49
N CYS A 35 2.21 -1.18 1.56
CA CYS A 35 2.96 -2.31 1.02
C CYS A 35 2.86 -2.34 -0.50
N THR A 36 4.00 -2.57 -1.16
CA THR A 36 4.05 -2.63 -2.62
C THR A 36 4.06 -4.07 -3.11
N LEU A 37 3.26 -4.35 -4.13
CA LEU A 37 3.18 -5.68 -4.71
C LEU A 37 3.59 -5.67 -6.18
N ASN A 38 4.29 -6.73 -6.59
CA ASN A 38 4.74 -6.84 -7.98
C ASN A 38 4.15 -8.08 -8.64
N GLN A 39 4.14 -8.07 -9.97
CA GLN A 39 3.60 -9.20 -10.73
C GLN A 39 4.25 -9.29 -12.10
N THR A 40 5.10 -10.31 -12.28
CA THR A 40 5.80 -10.51 -13.54
C THR A 40 5.29 -11.74 -14.26
N ASN A 41 5.35 -11.73 -15.58
CA ASN A 41 4.88 -12.86 -16.39
C ASN A 41 5.73 -13.01 -17.66
N ILE A 42 6.00 -14.26 -18.04
CA ILE A 42 6.79 -14.53 -19.23
C ILE A 42 5.98 -14.30 -20.50
N GLU A 43 5.37 -13.12 -20.59
CA GLU A 43 4.56 -12.78 -21.76
C GLU A 43 4.90 -11.37 -22.26
N ASN A 44 5.59 -11.30 -23.39
CA ASN A 44 5.97 -10.02 -23.98
C ASN A 44 6.46 -9.06 -22.90
N ASN A 45 7.23 -9.58 -21.96
CA ASN A 45 7.77 -8.77 -20.87
C ASN A 45 6.68 -7.90 -20.26
N ASN A 46 5.59 -8.52 -19.84
CA ASN A 46 4.48 -7.80 -19.24
C ASN A 46 4.54 -7.87 -17.72
N ASN A 47 4.66 -6.70 -17.08
CA ASN A 47 4.72 -6.63 -15.63
C ASN A 47 3.74 -5.60 -15.09
N LYS A 48 3.18 -5.88 -13.91
CA LYS A 48 2.23 -4.97 -13.28
C LYS A 48 2.58 -4.75 -11.81
N PHE A 49 2.09 -3.64 -11.25
CA PHE A 49 2.36 -3.32 -9.86
C PHE A 49 1.06 -2.93 -9.14
N TYR A 50 0.88 -3.47 -7.93
CA TYR A 50 -0.31 -3.20 -7.15
C TYR A 50 0.06 -2.51 -5.83
N ILE A 51 -0.54 -1.36 -5.58
CA ILE A 51 -0.28 -0.60 -4.36
C ILE A 51 -1.55 -0.43 -3.54
N ILE A 52 -1.46 -0.69 -2.24
CA ILE A 52 -2.60 -0.57 -1.35
C ILE A 52 -2.22 0.20 -0.08
N GLN A 53 -2.62 1.47 -0.02
CA GLN A 53 -2.32 2.30 1.14
C GLN A 53 -3.61 2.81 1.78
N LEU A 54 -3.57 2.99 3.10
CA LEU A 54 -4.74 3.46 3.84
C LEU A 54 -4.53 4.91 4.30
N LEU A 55 -5.35 5.81 3.77
CA LEU A 55 -5.27 7.22 4.13
C LEU A 55 -6.38 7.61 5.10
N GLN A 56 -6.20 8.75 5.75
CA GLN A 56 -7.19 9.24 6.71
C GLN A 56 -7.25 10.76 6.72
N ASP A 57 -8.44 11.30 6.52
CA ASP A 57 -8.63 12.75 6.51
C ASP A 57 -9.05 13.26 7.88
N SER A 58 -9.04 14.58 8.05
CA SER A 58 -9.41 15.19 9.31
C SER A 58 -10.92 15.10 9.53
N ASN A 59 -11.62 14.53 8.56
CA ASN A 59 -13.07 14.38 8.64
C ASN A 59 -13.44 12.96 9.07
N ARG A 60 -12.65 12.40 9.97
CA ARG A 60 -12.90 11.04 10.47
C ARG A 60 -13.36 10.12 9.33
N PHE A 61 -12.74 10.29 8.17
CA PHE A 61 -13.07 9.47 7.01
C PHE A 61 -11.81 8.93 6.33
N PHE A 62 -11.73 7.61 6.22
CA PHE A 62 -10.58 6.98 5.58
C PHE A 62 -10.80 6.78 4.09
N THR A 63 -9.72 6.59 3.35
CA THR A 63 -9.81 6.39 1.91
C THR A 63 -8.77 5.37 1.43
N CYS A 64 -9.25 4.31 0.80
CA CYS A 64 -8.38 3.25 0.29
C CYS A 64 -7.85 3.61 -1.09
N TRP A 65 -6.57 3.98 -1.16
CA TRP A 65 -5.94 4.34 -2.42
C TRP A 65 -5.40 3.11 -3.13
N ASN A 66 -6.00 2.77 -4.27
CA ASN A 66 -5.58 1.61 -5.05
C ASN A 66 -5.10 2.03 -6.43
N ARG A 67 -3.84 1.75 -6.73
CA ARG A 67 -3.26 2.10 -8.02
C ARG A 67 -2.63 0.87 -8.69
N TRP A 68 -2.93 0.68 -9.97
CA TRP A 68 -2.40 -0.44 -10.72
C TRP A 68 -2.04 -0.04 -12.14
N GLY A 69 -1.41 -0.95 -12.88
CA GLY A 69 -1.02 -0.67 -14.24
C GLY A 69 0.15 -1.52 -14.70
N ARG A 70 1.08 -0.90 -15.41
CA ARG A 70 2.25 -1.61 -15.91
C ARG A 70 3.51 -1.17 -15.18
N VAL A 71 4.26 -2.13 -14.67
CA VAL A 71 5.50 -1.84 -13.94
C VAL A 71 6.39 -0.89 -14.74
N GLY A 72 6.61 0.30 -14.17
CA GLY A 72 7.44 1.28 -14.84
C GLY A 72 6.67 2.55 -15.19
N GLU A 73 5.40 2.38 -15.55
CA GLU A 73 4.56 3.53 -15.91
C GLU A 73 3.62 3.89 -14.77
N VAL A 74 2.88 4.98 -14.94
CA VAL A 74 1.94 5.44 -13.93
C VAL A 74 0.75 4.49 -13.82
N GLY A 75 0.20 4.10 -14.96
CA GLY A 75 -0.93 3.20 -14.97
C GLY A 75 -2.22 3.89 -14.58
N GLN A 76 -3.22 3.09 -14.20
CA GLN A 76 -4.51 3.63 -13.80
C GLN A 76 -4.47 4.16 -12.37
N SER A 77 -5.62 4.60 -11.86
CA SER A 77 -5.70 5.13 -10.50
C SER A 77 -7.12 4.99 -9.96
N LYS A 78 -7.26 4.30 -8.84
CA LYS A 78 -8.56 4.10 -8.22
C LYS A 78 -8.53 4.50 -6.74
N ILE A 79 -9.60 5.13 -6.29
CA ILE A 79 -9.69 5.56 -4.90
C ILE A 79 -11.05 5.23 -4.31
N ASN A 80 -11.07 4.80 -3.05
CA ASN A 80 -12.31 4.46 -2.37
C ASN A 80 -12.41 5.16 -1.01
N HIS A 81 -13.58 5.71 -0.72
CA HIS A 81 -13.80 6.41 0.54
C HIS A 81 -14.68 5.58 1.47
N PHE A 82 -14.21 5.36 2.69
CA PHE A 82 -14.95 4.59 3.68
C PHE A 82 -15.24 5.42 4.92
N THR A 83 -16.49 5.39 5.37
CA THR A 83 -16.90 6.14 6.55
C THR A 83 -16.37 5.49 7.82
N ARG A 84 -16.41 4.17 7.86
CA ARG A 84 -15.95 3.42 9.03
C ARG A 84 -14.49 3.01 8.86
N LEU A 85 -13.75 2.96 9.96
CA LEU A 85 -12.35 2.58 9.93
C LEU A 85 -12.18 1.10 9.62
N GLU A 86 -12.73 0.25 10.48
CA GLU A 86 -12.64 -1.19 10.29
C GLU A 86 -12.98 -1.57 8.84
N ASP A 87 -14.09 -1.04 8.35
CA ASP A 87 -14.53 -1.32 6.99
C ASP A 87 -13.36 -1.20 6.01
N ALA A 88 -12.64 -0.10 6.10
CA ALA A 88 -11.49 0.14 5.22
C ALA A 88 -10.41 -0.91 5.45
N LYS A 89 -10.12 -1.19 6.72
CA LYS A 89 -9.10 -2.17 7.06
C LYS A 89 -9.40 -3.52 6.43
N LYS A 90 -10.65 -3.97 6.57
CA LYS A 90 -11.07 -5.25 6.00
C LYS A 90 -10.70 -5.33 4.53
N ASP A 91 -10.86 -4.23 3.82
CA ASP A 91 -10.55 -4.19 2.39
C ASP A 91 -9.04 -4.21 2.16
N PHE A 92 -8.31 -3.48 3.00
CA PHE A 92 -6.86 -3.42 2.89
C PHE A 92 -6.24 -4.80 3.12
N GLU A 93 -6.68 -5.47 4.18
CA GLU A 93 -6.17 -6.80 4.50
C GLU A 93 -6.72 -7.84 3.54
N LYS A 94 -8.04 -7.84 3.35
CA LYS A 94 -8.68 -8.79 2.45
C LYS A 94 -8.00 -8.81 1.09
N LYS A 95 -7.91 -7.64 0.46
CA LYS A 95 -7.28 -7.51 -0.84
C LYS A 95 -5.84 -8.01 -0.79
N PHE A 96 -5.04 -7.41 0.08
CA PHE A 96 -3.63 -7.79 0.22
C PHE A 96 -3.49 -9.30 0.31
N ARG A 97 -4.14 -9.90 1.30
CA ARG A 97 -4.09 -11.35 1.50
C ARG A 97 -4.62 -12.08 0.26
N GLU A 98 -5.56 -11.46 -0.42
CA GLU A 98 -6.17 -12.06 -1.61
C GLU A 98 -5.17 -12.06 -2.78
N LYS A 99 -4.19 -11.17 -2.71
CA LYS A 99 -3.17 -11.06 -3.75
C LYS A 99 -1.89 -11.78 -3.33
N THR A 100 -1.69 -11.89 -2.02
CA THR A 100 -0.50 -12.53 -1.48
C THR A 100 -0.85 -13.85 -0.80
N LYS A 101 -2.13 -14.24 -0.88
CA LYS A 101 -2.60 -15.47 -0.27
C LYS A 101 -1.98 -15.66 1.12
N ASN A 102 -1.75 -14.56 1.81
CA ASN A 102 -1.16 -14.60 3.15
C ASN A 102 -1.82 -13.58 4.07
N ASN A 103 -1.56 -13.69 5.36
CA ASN A 103 -2.12 -12.77 6.34
C ASN A 103 -1.16 -11.64 6.66
N TRP A 104 -1.67 -10.42 6.72
CA TRP A 104 -0.85 -9.25 7.02
C TRP A 104 -0.16 -9.39 8.36
N ALA A 105 -0.85 -9.99 9.32
CA ALA A 105 -0.30 -10.19 10.65
C ALA A 105 0.82 -11.23 10.64
N GLU A 106 0.60 -12.32 9.89
CA GLU A 106 1.59 -13.38 9.80
C GLU A 106 2.53 -13.14 8.61
N ARG A 107 2.83 -11.87 8.36
CA ARG A 107 3.72 -11.51 7.25
C ARG A 107 5.11 -12.14 7.44
N ASP A 108 5.38 -12.60 8.65
CA ASP A 108 6.66 -13.22 8.96
C ASP A 108 6.91 -14.42 8.07
N HIS A 109 5.88 -15.25 7.91
CA HIS A 109 5.99 -16.46 7.08
C HIS A 109 5.40 -16.21 5.70
N PHE A 110 5.57 -14.99 5.18
CA PHE A 110 5.05 -14.62 3.87
C PHE A 110 5.55 -15.60 2.81
N VAL A 111 4.65 -16.44 2.32
CA VAL A 111 4.99 -17.43 1.30
C VAL A 111 4.78 -16.86 -0.10
N SER A 112 5.85 -16.81 -0.88
CA SER A 112 5.76 -16.29 -2.24
C SER A 112 5.41 -17.39 -3.24
N HIS A 113 4.21 -17.33 -3.78
CA HIS A 113 3.75 -18.33 -4.74
C HIS A 113 4.10 -17.90 -6.17
N PRO A 114 4.35 -18.90 -7.03
CA PRO A 114 4.70 -18.66 -8.43
C PRO A 114 3.54 -18.12 -9.24
N GLY A 115 3.63 -16.87 -9.66
CA GLY A 115 2.57 -16.26 -10.44
C GLY A 115 1.81 -15.21 -9.66
N LYS A 116 1.62 -15.45 -8.37
CA LYS A 116 0.89 -14.51 -7.51
C LYS A 116 1.70 -13.23 -7.32
N TYR A 117 1.16 -12.33 -6.50
CA TYR A 117 1.83 -11.06 -6.23
C TYR A 117 2.89 -11.22 -5.14
N THR A 118 4.01 -10.53 -5.31
CA THR A 118 5.10 -10.59 -4.34
C THR A 118 5.08 -9.39 -3.41
N LEU A 119 5.83 -9.47 -2.32
CA LEU A 119 5.91 -8.39 -1.35
C LEU A 119 7.29 -7.72 -1.38
N ILE A 120 7.31 -6.45 -1.79
CA ILE A 120 8.55 -5.70 -1.86
C ILE A 120 8.55 -4.53 -0.88
N GLU A 121 9.70 -3.89 -0.72
CA GLU A 121 9.83 -2.76 0.19
C GLU A 121 10.27 -1.51 -0.57
N VAL A 122 10.16 -1.56 -1.89
CA VAL A 122 10.55 -0.42 -2.73
C VAL A 122 11.94 0.08 -2.37
N GLN A 123 12.45 0.99 -3.18
CA GLN A 123 13.78 1.56 -2.95
C GLN A 123 13.73 3.08 -2.95
N ALA A 124 14.25 3.69 -1.89
CA ALA A 124 14.27 5.14 -1.77
C ALA A 124 15.19 5.77 -2.81
N GLY A 1 8.29 6.26 17.81
CA GLY A 1 8.56 7.01 19.03
C GLY A 1 7.38 7.01 19.98
N SER A 2 7.57 6.40 21.15
CA SER A 2 6.51 6.33 22.15
C SER A 2 7.09 6.09 23.54
N SER A 3 6.52 6.75 24.54
CA SER A 3 6.98 6.62 25.91
C SER A 3 8.25 7.44 26.14
N GLY A 4 9.24 7.25 25.28
CA GLY A 4 10.49 7.97 25.39
C GLY A 4 11.70 7.12 25.03
N SER A 5 12.85 7.46 25.59
CA SER A 5 14.08 6.73 25.32
C SER A 5 14.27 6.53 23.81
N SER A 6 15.03 7.44 23.21
CA SER A 6 15.28 7.38 21.77
C SER A 6 16.13 6.14 21.43
N GLY A 7 15.45 5.04 21.13
CA GLY A 7 16.15 3.81 20.79
C GLY A 7 15.58 3.14 19.56
N ALA A 8 14.39 2.58 19.69
CA ALA A 8 13.72 1.91 18.58
C ALA A 8 13.59 2.84 17.38
N GLU A 9 13.97 2.33 16.20
CA GLU A 9 13.90 3.11 14.98
C GLU A 9 12.46 3.20 14.46
N LYS A 10 11.94 4.41 14.37
CA LYS A 10 10.57 4.63 13.89
C LYS A 10 10.57 4.96 12.40
N ARG A 11 9.80 4.19 11.65
CA ARG A 11 9.70 4.39 10.21
C ARG A 11 8.67 5.46 9.88
N ILE A 12 8.66 5.91 8.62
CA ILE A 12 7.73 6.93 8.18
C ILE A 12 7.15 6.61 6.81
N ILE A 13 5.94 7.07 6.56
CA ILE A 13 5.28 6.83 5.27
C ILE A 13 4.89 8.14 4.60
N ARG A 14 5.10 8.21 3.29
CA ARG A 14 4.77 9.41 2.53
C ARG A 14 3.62 9.14 1.57
N VAL A 15 2.54 9.91 1.72
CA VAL A 15 1.37 9.75 0.86
C VAL A 15 1.75 9.80 -0.61
N ASP A 16 1.64 8.65 -1.29
CA ASP A 16 1.98 8.56 -2.70
C ASP A 16 1.60 9.84 -3.43
N PRO A 17 2.45 10.25 -4.39
CA PRO A 17 2.23 11.47 -5.18
C PRO A 17 1.06 11.33 -6.14
N THR A 18 0.95 10.16 -6.77
CA THR A 18 -0.12 9.90 -7.72
C THR A 18 -1.48 10.22 -7.11
N CYS A 19 -1.57 10.13 -5.79
CA CYS A 19 -2.82 10.42 -5.09
C CYS A 19 -3.03 11.92 -4.95
N PRO A 20 -4.27 12.37 -5.19
CA PRO A 20 -4.63 13.78 -5.10
C PRO A 20 -4.62 14.29 -3.66
N LEU A 21 -5.26 13.54 -2.77
CA LEU A 21 -5.31 13.91 -1.36
C LEU A 21 -3.95 14.37 -0.85
N SER A 22 -2.90 13.73 -1.35
CA SER A 22 -1.54 14.07 -0.94
C SER A 22 -1.37 15.58 -0.82
N SER A 23 -1.85 16.32 -1.82
CA SER A 23 -1.76 17.77 -1.83
C SER A 23 -2.53 18.36 -0.64
N ASN A 24 -3.73 17.85 -0.40
CA ASN A 24 -4.56 18.32 0.69
C ASN A 24 -3.84 18.20 2.02
N PRO A 25 -3.80 19.31 2.77
CA PRO A 25 -3.13 19.34 4.08
C PRO A 25 -3.89 18.54 5.13
N GLY A 26 -3.17 17.69 5.86
CA GLY A 26 -3.78 16.88 6.88
C GLY A 26 -3.87 15.42 6.50
N THR A 27 -4.12 15.16 5.22
CA THR A 27 -4.23 13.80 4.72
C THR A 27 -2.90 13.05 4.86
N GLN A 28 -2.86 12.09 5.77
CA GLN A 28 -1.66 11.30 6.00
C GLN A 28 -1.96 9.81 5.92
N VAL A 29 -0.94 9.03 5.57
CA VAL A 29 -1.08 7.59 5.45
C VAL A 29 -1.37 6.94 6.79
N TYR A 30 -2.62 6.53 7.00
CA TYR A 30 -3.02 5.90 8.25
C TYR A 30 -2.03 4.81 8.66
N GLU A 31 -1.36 5.02 9.79
CA GLU A 31 -0.38 4.06 10.28
C GLU A 31 0.67 3.75 9.22
N ASP A 32 1.14 2.51 9.20
CA ASP A 32 2.15 2.08 8.23
C ASP A 32 1.55 1.12 7.22
N TYR A 33 0.28 1.33 6.88
CA TYR A 33 -0.41 0.48 5.91
C TYR A 33 0.01 0.82 4.49
N ASN A 34 1.18 0.34 4.08
CA ASN A 34 1.68 0.60 2.73
C ASN A 34 2.60 -0.53 2.28
N CYS A 35 2.06 -1.42 1.45
CA CYS A 35 2.84 -2.54 0.93
C CYS A 35 2.81 -2.57 -0.59
N THR A 36 3.95 -2.93 -1.19
CA THR A 36 4.05 -3.00 -2.65
C THR A 36 3.97 -4.43 -3.14
N LEU A 37 3.16 -4.65 -4.17
CA LEU A 37 2.99 -5.99 -4.74
C LEU A 37 3.49 -6.03 -6.17
N ASN A 38 4.05 -7.18 -6.57
CA ASN A 38 4.56 -7.34 -7.92
C ASN A 38 4.05 -8.63 -8.55
N GLN A 39 3.87 -8.62 -9.86
CA GLN A 39 3.38 -9.80 -10.58
C GLN A 39 3.91 -9.83 -12.00
N THR A 40 4.56 -10.93 -12.37
CA THR A 40 5.12 -11.09 -13.70
C THR A 40 4.61 -12.36 -14.37
N ASN A 41 4.62 -12.36 -15.69
CA ASN A 41 4.15 -13.51 -16.46
C ASN A 41 4.98 -13.70 -17.73
N ILE A 42 5.13 -14.95 -18.15
CA ILE A 42 5.90 -15.26 -19.35
C ILE A 42 5.11 -14.91 -20.62
N GLU A 43 4.60 -13.69 -20.66
CA GLU A 43 3.83 -13.23 -21.81
C GLU A 43 4.26 -11.83 -22.24
N ASN A 44 4.94 -11.74 -23.38
CA ASN A 44 5.41 -10.46 -23.89
C ASN A 44 5.99 -9.60 -22.76
N ASN A 45 6.73 -10.24 -21.87
CA ASN A 45 7.34 -9.54 -20.74
C ASN A 45 6.33 -8.64 -20.05
N ASN A 46 5.21 -9.22 -19.63
CA ASN A 46 4.16 -8.48 -18.95
C ASN A 46 4.49 -8.29 -17.47
N ASN A 47 4.75 -7.05 -17.08
CA ASN A 47 5.08 -6.74 -15.68
C ASN A 47 4.28 -5.55 -15.19
N LYS A 48 3.60 -5.72 -14.06
CA LYS A 48 2.79 -4.66 -13.48
C LYS A 48 3.11 -4.47 -12.00
N PHE A 49 2.46 -3.51 -11.37
CA PHE A 49 2.68 -3.23 -9.95
C PHE A 49 1.39 -2.80 -9.27
N TYR A 50 1.13 -3.35 -8.09
CA TYR A 50 -0.07 -3.02 -7.33
C TYR A 50 0.28 -2.41 -5.98
N ILE A 51 -0.24 -1.21 -5.73
CA ILE A 51 0.02 -0.52 -4.48
C ILE A 51 -1.27 -0.30 -3.69
N ILE A 52 -1.20 -0.50 -2.39
CA ILE A 52 -2.36 -0.33 -1.52
C ILE A 52 -1.99 0.40 -0.23
N GLN A 53 -2.46 1.63 -0.09
CA GLN A 53 -2.17 2.42 1.09
C GLN A 53 -3.45 2.95 1.71
N LEU A 54 -3.46 3.06 3.04
CA LEU A 54 -4.63 3.57 3.75
C LEU A 54 -4.40 5.00 4.24
N LEU A 55 -5.07 5.94 3.60
CA LEU A 55 -4.94 7.35 3.96
C LEU A 55 -6.05 7.76 4.94
N GLN A 56 -5.75 8.75 5.77
CA GLN A 56 -6.71 9.24 6.76
C GLN A 56 -7.04 10.71 6.51
N ASP A 57 -8.30 11.07 6.74
CA ASP A 57 -8.74 12.44 6.54
C ASP A 57 -9.11 13.09 7.88
N SER A 58 -9.22 14.41 7.88
CA SER A 58 -9.57 15.16 9.08
C SER A 58 -10.99 14.83 9.54
N ASN A 59 -11.81 14.35 8.61
CA ASN A 59 -13.19 13.99 8.91
C ASN A 59 -13.28 12.58 9.47
N ARG A 60 -12.38 12.26 10.40
CA ARG A 60 -12.37 10.94 11.02
C ARG A 60 -12.72 9.86 10.01
N PHE A 61 -12.29 10.06 8.77
CA PHE A 61 -12.57 9.10 7.70
C PHE A 61 -11.27 8.58 7.08
N PHE A 62 -11.40 7.77 6.04
CA PHE A 62 -10.24 7.21 5.36
C PHE A 62 -10.53 6.99 3.88
N THR A 63 -9.46 6.78 3.10
CA THR A 63 -9.60 6.57 1.67
C THR A 63 -8.59 5.54 1.18
N CYS A 64 -9.09 4.48 0.54
CA CYS A 64 -8.24 3.43 0.02
C CYS A 64 -7.70 3.79 -1.35
N TRP A 65 -6.45 4.19 -1.41
CA TRP A 65 -5.82 4.57 -2.67
C TRP A 65 -5.18 3.37 -3.35
N ASN A 66 -5.75 2.93 -4.47
CA ASN A 66 -5.23 1.79 -5.20
C ASN A 66 -4.70 2.22 -6.57
N ARG A 67 -3.40 2.01 -6.78
CA ARG A 67 -2.77 2.38 -8.04
C ARG A 67 -2.09 1.17 -8.68
N TRP A 68 -2.64 0.72 -9.81
CA TRP A 68 -2.08 -0.42 -10.52
C TRP A 68 -1.69 -0.05 -11.95
N GLY A 69 -0.88 -0.90 -12.58
CA GLY A 69 -0.46 -0.63 -13.94
C GLY A 69 0.86 -1.32 -14.26
N ARG A 70 1.42 -1.00 -15.43
CA ARG A 70 2.67 -1.59 -15.87
C ARG A 70 3.85 -1.03 -15.06
N VAL A 71 4.78 -1.90 -14.70
CA VAL A 71 5.94 -1.51 -13.93
C VAL A 71 6.71 -0.37 -14.62
N GLY A 72 6.73 0.79 -13.98
CA GLY A 72 7.42 1.94 -14.54
C GLY A 72 6.48 3.08 -14.87
N GLU A 73 5.30 2.76 -15.36
CA GLU A 73 4.31 3.77 -15.71
C GLU A 73 3.38 4.05 -14.54
N VAL A 74 2.57 5.09 -14.66
CA VAL A 74 1.63 5.46 -13.61
C VAL A 74 0.52 4.44 -13.47
N GLY A 75 -0.05 4.03 -14.60
CA GLY A 75 -1.13 3.05 -14.58
C GLY A 75 -2.48 3.69 -14.32
N GLN A 76 -3.48 2.84 -14.04
CA GLN A 76 -4.82 3.32 -13.77
C GLN A 76 -4.89 4.04 -12.42
N SER A 77 -6.06 4.59 -12.11
CA SER A 77 -6.26 5.31 -10.85
C SER A 77 -7.58 4.91 -10.19
N LYS A 78 -7.49 4.35 -9.00
CA LYS A 78 -8.67 3.92 -8.27
C LYS A 78 -8.65 4.45 -6.84
N ILE A 79 -9.78 5.00 -6.39
CA ILE A 79 -9.88 5.53 -5.04
C ILE A 79 -11.25 5.22 -4.43
N ASN A 80 -11.24 4.77 -3.18
CA ASN A 80 -12.47 4.44 -2.48
C ASN A 80 -12.54 5.13 -1.12
N HIS A 81 -13.69 5.71 -0.80
CA HIS A 81 -13.88 6.41 0.47
C HIS A 81 -14.74 5.57 1.41
N PHE A 82 -14.19 5.24 2.57
CA PHE A 82 -14.92 4.45 3.57
C PHE A 82 -15.15 5.26 4.84
N THR A 83 -16.38 5.20 5.35
CA THR A 83 -16.74 5.93 6.57
C THR A 83 -16.28 5.19 7.81
N ARG A 84 -16.39 3.86 7.77
CA ARG A 84 -16.00 3.02 8.90
C ARG A 84 -14.54 2.58 8.76
N LEU A 85 -13.69 3.06 9.66
CA LEU A 85 -12.28 2.71 9.63
C LEU A 85 -12.08 1.22 9.38
N GLU A 86 -12.75 0.39 10.19
CA GLU A 86 -12.66 -1.06 10.04
C GLU A 86 -12.88 -1.47 8.59
N ASP A 87 -14.02 -1.06 8.03
CA ASP A 87 -14.35 -1.40 6.66
C ASP A 87 -13.13 -1.24 5.75
N ALA A 88 -12.45 -0.10 5.87
CA ALA A 88 -11.27 0.17 5.06
C ALA A 88 -10.18 -0.86 5.32
N LYS A 89 -9.90 -1.12 6.59
CA LYS A 89 -8.87 -2.10 6.97
C LYS A 89 -9.16 -3.45 6.35
N LYS A 90 -10.40 -3.90 6.46
CA LYS A 90 -10.81 -5.19 5.90
C LYS A 90 -10.50 -5.26 4.41
N ASP A 91 -10.80 -4.19 3.69
CA ASP A 91 -10.55 -4.12 2.26
C ASP A 91 -9.06 -4.12 1.97
N PHE A 92 -8.29 -3.46 2.83
CA PHE A 92 -6.85 -3.37 2.66
C PHE A 92 -6.20 -4.74 2.87
N GLU A 93 -6.60 -5.43 3.93
CA GLU A 93 -6.06 -6.75 4.24
C GLU A 93 -6.62 -7.80 3.29
N LYS A 94 -7.90 -7.68 2.96
CA LYS A 94 -8.56 -8.61 2.07
C LYS A 94 -7.86 -8.64 0.70
N LYS A 95 -7.77 -7.47 0.07
CA LYS A 95 -7.12 -7.37 -1.24
C LYS A 95 -5.70 -7.89 -1.18
N PHE A 96 -4.93 -7.43 -0.21
CA PHE A 96 -3.55 -7.85 -0.04
C PHE A 96 -3.45 -9.37 0.09
N ARG A 97 -4.17 -9.92 1.07
CA ARG A 97 -4.17 -11.35 1.30
C ARG A 97 -4.71 -12.10 0.08
N GLU A 98 -5.62 -11.46 -0.65
CA GLU A 98 -6.20 -12.07 -1.84
C GLU A 98 -5.20 -12.12 -2.98
N LYS A 99 -4.22 -11.22 -2.94
CA LYS A 99 -3.19 -11.15 -3.97
C LYS A 99 -1.93 -11.89 -3.53
N THR A 100 -1.72 -11.97 -2.21
CA THR A 100 -0.56 -12.64 -1.66
C THR A 100 -0.96 -13.91 -0.91
N LYS A 101 -2.21 -14.30 -1.06
CA LYS A 101 -2.73 -15.50 -0.39
C LYS A 101 -2.09 -15.67 0.98
N ASN A 102 -1.90 -14.56 1.69
CA ASN A 102 -1.31 -14.59 3.01
C ASN A 102 -1.94 -13.55 3.93
N ASN A 103 -1.68 -13.67 5.23
CA ASN A 103 -2.23 -12.74 6.20
C ASN A 103 -1.26 -11.60 6.48
N TRP A 104 -1.79 -10.38 6.59
CA TRP A 104 -0.96 -9.21 6.86
C TRP A 104 -0.25 -9.34 8.20
N ALA A 105 -0.92 -9.95 9.16
CA ALA A 105 -0.35 -10.14 10.49
C ALA A 105 0.81 -11.13 10.46
N GLU A 106 0.73 -12.10 9.55
CA GLU A 106 1.77 -13.11 9.41
C GLU A 106 2.89 -12.62 8.49
N ARG A 107 3.02 -11.31 8.38
CA ARG A 107 4.06 -10.71 7.53
C ARG A 107 5.42 -11.31 7.84
N ASP A 108 5.59 -11.80 9.06
CA ASP A 108 6.85 -12.40 9.48
C ASP A 108 7.25 -13.54 8.55
N HIS A 109 6.31 -14.45 8.30
CA HIS A 109 6.56 -15.59 7.44
C HIS A 109 5.76 -15.48 6.15
N PHE A 110 5.78 -14.30 5.54
CA PHE A 110 5.04 -14.05 4.30
C PHE A 110 5.46 -15.05 3.22
N VAL A 111 4.52 -15.89 2.81
CA VAL A 111 4.78 -16.89 1.78
C VAL A 111 4.45 -16.36 0.40
N SER A 112 5.25 -16.73 -0.60
CA SER A 112 5.04 -16.28 -1.97
C SER A 112 4.73 -17.47 -2.88
N HIS A 113 3.97 -17.21 -3.93
CA HIS A 113 3.60 -18.25 -4.89
C HIS A 113 3.82 -17.79 -6.32
N PRO A 114 4.09 -18.73 -7.22
CA PRO A 114 4.33 -18.44 -8.64
C PRO A 114 3.06 -18.00 -9.35
N GLY A 115 3.13 -16.82 -9.98
CA GLY A 115 1.97 -16.30 -10.69
C GLY A 115 1.24 -15.23 -9.91
N LYS A 116 1.11 -15.43 -8.60
CA LYS A 116 0.43 -14.48 -7.74
C LYS A 116 1.32 -13.28 -7.45
N TYR A 117 0.83 -12.38 -6.60
CA TYR A 117 1.59 -11.18 -6.24
C TYR A 117 2.64 -11.51 -5.18
N THR A 118 3.67 -10.67 -5.11
CA THR A 118 4.75 -10.85 -4.14
C THR A 118 4.83 -9.68 -3.18
N LEU A 119 5.57 -9.87 -2.09
CA LEU A 119 5.74 -8.82 -1.09
C LEU A 119 7.13 -8.20 -1.17
N ILE A 120 7.18 -6.94 -1.59
CA ILE A 120 8.45 -6.22 -1.69
C ILE A 120 8.50 -5.03 -0.76
N GLU A 121 9.64 -4.36 -0.71
CA GLU A 121 9.82 -3.20 0.15
C GLU A 121 10.28 -1.99 -0.66
N VAL A 122 10.10 -2.06 -1.97
CA VAL A 122 10.50 -0.98 -2.87
C VAL A 122 11.93 -0.55 -2.60
N GLN A 123 12.45 0.33 -3.46
CA GLN A 123 13.82 0.82 -3.31
C GLN A 123 13.87 2.34 -3.41
N ALA A 124 14.47 2.98 -2.41
CA ALA A 124 14.58 4.43 -2.38
C ALA A 124 15.39 4.94 -3.57
N GLY A 1 26.08 18.42 3.24
CA GLY A 1 25.18 17.35 3.61
C GLY A 1 25.91 16.10 4.04
N SER A 2 25.31 15.34 4.94
CA SER A 2 25.91 14.11 5.45
C SER A 2 24.84 13.09 5.83
N SER A 3 23.93 13.50 6.71
CA SER A 3 22.86 12.62 7.16
C SER A 3 23.42 11.33 7.77
N GLY A 4 22.56 10.57 8.42
CA GLY A 4 22.98 9.33 9.04
C GLY A 4 22.70 9.29 10.53
N SER A 5 22.01 8.24 10.97
CA SER A 5 21.66 8.09 12.37
C SER A 5 21.41 6.63 12.72
N SER A 6 21.27 6.35 14.01
CA SER A 6 21.02 4.98 14.48
C SER A 6 20.22 4.99 15.77
N GLY A 7 19.63 3.84 16.09
CA GLY A 7 18.83 3.73 17.30
C GLY A 7 17.60 2.87 17.10
N ALA A 8 16.50 3.27 17.73
CA ALA A 8 15.25 2.52 17.63
C ALA A 8 14.18 3.35 16.92
N GLU A 9 14.59 4.05 15.85
CA GLU A 9 13.66 4.87 15.09
C GLU A 9 12.67 4.01 14.32
N LYS A 10 11.40 4.40 14.36
CA LYS A 10 10.35 3.66 13.66
C LYS A 10 10.26 4.10 12.21
N ARG A 11 9.83 3.18 11.35
CA ARG A 11 9.69 3.48 9.93
C ARG A 11 8.79 4.69 9.71
N ILE A 12 8.80 5.21 8.47
CA ILE A 12 7.99 6.37 8.13
C ILE A 12 7.36 6.21 6.75
N ILE A 13 6.12 6.67 6.62
CA ILE A 13 5.41 6.57 5.35
C ILE A 13 5.11 7.96 4.79
N ARG A 14 4.86 8.02 3.48
CA ARG A 14 4.56 9.29 2.82
C ARG A 14 3.49 9.10 1.76
N VAL A 15 2.35 9.76 1.95
CA VAL A 15 1.24 9.67 1.01
C VAL A 15 1.73 9.77 -0.42
N ASP A 16 1.69 8.65 -1.13
CA ASP A 16 2.13 8.61 -2.52
C ASP A 16 1.80 9.91 -3.23
N PRO A 17 2.72 10.34 -4.12
CA PRO A 17 2.54 11.58 -4.90
C PRO A 17 1.44 11.46 -5.94
N THR A 18 1.32 10.28 -6.54
CA THR A 18 0.31 10.03 -7.55
C THR A 18 -1.09 10.35 -7.03
N CYS A 19 -1.31 10.08 -5.75
CA CYS A 19 -2.61 10.33 -5.11
C CYS A 19 -2.88 11.82 -5.03
N PRO A 20 -4.13 12.21 -5.32
CA PRO A 20 -4.56 13.61 -5.29
C PRO A 20 -4.61 14.17 -3.87
N LEU A 21 -5.26 13.42 -2.98
CA LEU A 21 -5.39 13.83 -1.58
C LEU A 21 -4.05 14.31 -1.03
N SER A 22 -2.97 13.68 -1.48
CA SER A 22 -1.63 14.04 -1.03
C SER A 22 -1.48 15.55 -0.91
N SER A 23 -1.98 16.27 -1.92
CA SER A 23 -1.90 17.72 -1.92
C SER A 23 -2.62 18.31 -0.72
N ASN A 24 -3.81 17.79 -0.44
CA ASN A 24 -4.61 18.27 0.69
C ASN A 24 -3.84 18.12 1.99
N PRO A 25 -3.80 19.21 2.78
CA PRO A 25 -3.10 19.22 4.07
C PRO A 25 -3.82 18.37 5.12
N GLY A 26 -3.04 17.66 5.92
CA GLY A 26 -3.60 16.82 6.96
C GLY A 26 -3.71 15.37 6.53
N THR A 27 -4.09 15.15 5.27
CA THR A 27 -4.23 13.80 4.74
C THR A 27 -2.92 13.02 4.85
N GLN A 28 -2.88 12.11 5.82
CA GLN A 28 -1.69 11.29 6.03
C GLN A 28 -1.98 9.81 5.81
N VAL A 29 -0.93 9.00 5.73
CA VAL A 29 -1.08 7.57 5.52
C VAL A 29 -1.33 6.85 6.84
N TYR A 30 -2.58 6.49 7.10
CA TYR A 30 -2.94 5.79 8.33
C TYR A 30 -1.90 4.74 8.69
N GLU A 31 -1.36 4.83 9.90
CA GLU A 31 -0.36 3.89 10.37
C GLU A 31 0.65 3.58 9.26
N ASP A 32 1.14 2.35 9.24
CA ASP A 32 2.11 1.92 8.24
C ASP A 32 1.47 0.98 7.23
N TYR A 33 0.23 1.28 6.84
CA TYR A 33 -0.49 0.46 5.89
C TYR A 33 -0.14 0.85 4.45
N ASN A 34 1.02 0.39 3.99
CA ASN A 34 1.48 0.69 2.63
C ASN A 34 2.48 -0.36 2.16
N CYS A 35 2.03 -1.22 1.25
CA CYS A 35 2.89 -2.27 0.71
C CYS A 35 2.78 -2.32 -0.81
N THR A 36 3.90 -2.61 -1.47
CA THR A 36 3.94 -2.69 -2.92
C THR A 36 3.92 -4.15 -3.39
N LEU A 37 3.11 -4.42 -4.41
CA LEU A 37 3.00 -5.77 -4.95
C LEU A 37 3.39 -5.80 -6.43
N ASN A 38 4.05 -6.88 -6.84
CA ASN A 38 4.48 -7.04 -8.22
C ASN A 38 3.89 -8.30 -8.84
N GLN A 39 3.68 -8.27 -10.15
CA GLN A 39 3.13 -9.42 -10.86
C GLN A 39 3.71 -9.52 -12.27
N THR A 40 4.58 -10.50 -12.47
CA THR A 40 5.20 -10.72 -13.77
C THR A 40 4.69 -11.98 -14.44
N ASN A 41 4.80 -12.03 -15.76
CA ASN A 41 4.33 -13.18 -16.52
C ASN A 41 5.19 -13.40 -17.76
N ILE A 42 5.38 -14.66 -18.14
CA ILE A 42 6.18 -14.99 -19.32
C ILE A 42 5.40 -14.72 -20.60
N GLU A 43 4.89 -13.50 -20.72
CA GLU A 43 4.12 -13.10 -21.90
C GLU A 43 4.56 -11.73 -22.40
N ASN A 44 5.25 -11.71 -23.53
CA ASN A 44 5.73 -10.45 -24.11
C ASN A 44 6.29 -9.53 -23.03
N ASN A 45 7.01 -10.11 -22.08
CA ASN A 45 7.61 -9.34 -20.99
C ASN A 45 6.57 -8.40 -20.37
N ASN A 46 5.45 -8.95 -19.95
CA ASN A 46 4.38 -8.15 -19.34
C ASN A 46 4.50 -8.16 -17.82
N ASN A 47 4.77 -6.99 -17.26
CA ASN A 47 4.91 -6.87 -15.81
C ASN A 47 3.92 -5.83 -15.26
N LYS A 48 3.37 -6.12 -14.09
CA LYS A 48 2.42 -5.22 -13.45
C LYS A 48 2.70 -5.08 -11.96
N PHE A 49 2.08 -4.10 -11.33
CA PHE A 49 2.26 -3.87 -9.90
C PHE A 49 0.97 -3.35 -9.26
N TYR A 50 0.80 -3.66 -7.99
CA TYR A 50 -0.39 -3.23 -7.25
C TYR A 50 -0.01 -2.47 -5.99
N ILE A 51 -0.71 -1.37 -5.74
CA ILE A 51 -0.44 -0.54 -4.57
C ILE A 51 -1.67 -0.45 -3.67
N ILE A 52 -1.45 -0.50 -2.36
CA ILE A 52 -2.55 -0.42 -1.40
C ILE A 52 -2.13 0.38 -0.16
N GLN A 53 -2.66 1.60 -0.05
CA GLN A 53 -2.34 2.46 1.07
C GLN A 53 -3.61 2.98 1.73
N LEU A 54 -3.59 3.06 3.07
CA LEU A 54 -4.75 3.54 3.82
C LEU A 54 -4.53 4.98 4.29
N LEU A 55 -5.26 5.91 3.70
CA LEU A 55 -5.15 7.32 4.07
C LEU A 55 -6.19 7.70 5.11
N GLN A 56 -5.91 8.73 5.89
CA GLN A 56 -6.83 9.20 6.92
C GLN A 56 -7.10 10.69 6.79
N ASP A 57 -8.37 11.07 6.82
CA ASP A 57 -8.75 12.47 6.70
C ASP A 57 -9.05 13.07 8.07
N SER A 58 -9.24 14.38 8.11
CA SER A 58 -9.53 15.08 9.35
C SER A 58 -10.95 14.78 9.82
N ASN A 59 -11.84 14.54 8.86
CA ASN A 59 -13.23 14.24 9.18
C ASN A 59 -13.42 12.75 9.45
N ARG A 60 -12.57 12.20 10.30
CA ARG A 60 -12.64 10.78 10.65
C ARG A 60 -13.09 9.96 9.45
N PHE A 61 -12.65 10.36 8.26
CA PHE A 61 -13.01 9.65 7.03
C PHE A 61 -11.77 9.11 6.34
N PHE A 62 -11.71 7.79 6.22
CA PHE A 62 -10.57 7.14 5.57
C PHE A 62 -10.86 6.88 4.09
N THR A 63 -9.79 6.70 3.32
CA THR A 63 -9.93 6.45 1.89
C THR A 63 -8.93 5.40 1.42
N CYS A 64 -9.44 4.35 0.77
CA CYS A 64 -8.58 3.28 0.26
C CYS A 64 -7.96 3.66 -1.08
N TRP A 65 -6.69 4.04 -1.05
CA TRP A 65 -5.98 4.43 -2.26
C TRP A 65 -5.36 3.23 -2.94
N ASN A 66 -5.83 2.92 -4.15
CA ASN A 66 -5.33 1.78 -4.91
C ASN A 66 -4.75 2.23 -6.24
N ARG A 67 -3.64 1.60 -6.64
CA ARG A 67 -2.99 1.94 -7.90
C ARG A 67 -2.35 0.70 -8.53
N TRP A 68 -2.54 0.55 -9.84
CA TRP A 68 -2.00 -0.59 -10.56
C TRP A 68 -1.65 -0.21 -12.00
N GLY A 69 -1.12 -1.17 -12.75
CA GLY A 69 -0.76 -0.91 -14.13
C GLY A 69 0.46 -1.69 -14.57
N ARG A 70 1.32 -1.07 -15.37
CA ARG A 70 2.53 -1.72 -15.85
C ARG A 70 3.75 -1.28 -15.04
N VAL A 71 4.60 -2.24 -14.72
CA VAL A 71 5.81 -1.95 -13.94
C VAL A 71 6.70 -0.96 -14.66
N GLY A 72 6.82 0.24 -14.08
CA GLY A 72 7.65 1.27 -14.68
C GLY A 72 6.86 2.51 -15.02
N GLU A 73 5.58 2.34 -15.35
CA GLU A 73 4.72 3.45 -15.70
C GLU A 73 3.65 3.67 -14.65
N VAL A 74 3.22 4.93 -14.49
CA VAL A 74 2.20 5.26 -13.51
C VAL A 74 1.08 4.22 -13.50
N GLY A 75 0.60 3.86 -14.68
CA GLY A 75 -0.47 2.88 -14.79
C GLY A 75 -1.83 3.49 -14.58
N GLN A 76 -2.76 2.69 -14.08
CA GLN A 76 -4.12 3.16 -13.83
C GLN A 76 -4.23 3.80 -12.45
N SER A 77 -5.45 4.17 -12.07
CA SER A 77 -5.69 4.81 -10.78
C SER A 77 -7.09 4.47 -10.27
N LYS A 78 -7.19 4.22 -8.97
CA LYS A 78 -8.47 3.89 -8.34
C LYS A 78 -8.48 4.29 -6.88
N ILE A 79 -9.46 5.10 -6.48
CA ILE A 79 -9.58 5.54 -5.10
C ILE A 79 -10.94 5.19 -4.52
N ASN A 80 -10.95 4.69 -3.29
CA ASN A 80 -12.19 4.31 -2.63
C ASN A 80 -12.36 5.07 -1.32
N HIS A 81 -13.57 5.55 -1.07
CA HIS A 81 -13.87 6.30 0.15
C HIS A 81 -14.71 5.47 1.11
N PHE A 82 -14.32 5.46 2.38
CA PHE A 82 -15.04 4.70 3.40
C PHE A 82 -15.26 5.55 4.65
N THR A 83 -16.48 5.52 5.16
CA THR A 83 -16.84 6.28 6.35
C THR A 83 -16.35 5.58 7.62
N ARG A 84 -16.42 4.26 7.61
CA ARG A 84 -15.99 3.47 8.77
C ARG A 84 -14.53 3.05 8.61
N LEU A 85 -13.79 3.12 9.72
CA LEU A 85 -12.38 2.75 9.71
C LEU A 85 -12.21 1.25 9.41
N GLU A 86 -12.73 0.41 10.29
CA GLU A 86 -12.64 -1.03 10.11
C GLU A 86 -12.93 -1.42 8.66
N ASP A 87 -14.07 -0.96 8.15
CA ASP A 87 -14.46 -1.25 6.78
C ASP A 87 -13.27 -1.13 5.83
N ALA A 88 -12.56 0.00 5.93
CA ALA A 88 -11.41 0.24 5.08
C ALA A 88 -10.30 -0.76 5.35
N LYS A 89 -10.06 -1.05 6.62
CA LYS A 89 -9.03 -2.00 7.02
C LYS A 89 -9.28 -3.37 6.39
N LYS A 90 -10.53 -3.81 6.44
CA LYS A 90 -10.90 -5.11 5.88
C LYS A 90 -10.54 -5.17 4.39
N ASP A 91 -10.86 -4.11 3.67
CA ASP A 91 -10.58 -4.04 2.24
C ASP A 91 -9.08 -4.02 1.99
N PHE A 92 -8.37 -3.17 2.73
CA PHE A 92 -6.93 -3.06 2.59
C PHE A 92 -6.24 -4.41 2.82
N GLU A 93 -6.54 -5.02 3.96
CA GLU A 93 -5.95 -6.31 4.30
C GLU A 93 -6.45 -7.40 3.37
N LYS A 94 -7.77 -7.51 3.25
CA LYS A 94 -8.38 -8.51 2.39
C LYS A 94 -7.74 -8.52 1.00
N LYS A 95 -7.74 -7.36 0.35
CA LYS A 95 -7.15 -7.22 -0.97
C LYS A 95 -5.72 -7.76 -0.99
N PHE A 96 -4.94 -7.39 0.02
CA PHE A 96 -3.56 -7.84 0.12
C PHE A 96 -3.49 -9.35 0.31
N ARG A 97 -3.98 -9.83 1.44
CA ARG A 97 -3.97 -11.26 1.74
C ARG A 97 -4.54 -12.06 0.58
N GLU A 98 -5.46 -11.44 -0.17
CA GLU A 98 -6.07 -12.10 -1.31
C GLU A 98 -5.10 -12.20 -2.48
N LYS A 99 -4.20 -11.21 -2.59
CA LYS A 99 -3.21 -11.19 -3.66
C LYS A 99 -1.94 -11.89 -3.23
N THR A 100 -1.72 -11.98 -1.92
CA THR A 100 -0.53 -12.62 -1.38
C THR A 100 -0.89 -13.89 -0.62
N LYS A 101 -2.16 -14.27 -0.67
CA LYS A 101 -2.63 -15.47 0.02
C LYS A 101 -1.97 -15.61 1.38
N ASN A 102 -1.80 -14.49 2.07
CA ASN A 102 -1.17 -14.50 3.39
C ASN A 102 -1.80 -13.45 4.29
N ASN A 103 -1.57 -13.58 5.60
CA ASN A 103 -2.11 -12.65 6.57
C ASN A 103 -1.13 -11.49 6.83
N TRP A 104 -1.65 -10.27 6.83
CA TRP A 104 -0.83 -9.10 7.07
C TRP A 104 -0.09 -9.20 8.39
N ALA A 105 -0.77 -9.73 9.40
CA ALA A 105 -0.18 -9.89 10.73
C ALA A 105 0.97 -10.91 10.70
N GLU A 106 0.75 -12.00 9.97
CA GLU A 106 1.77 -13.05 9.87
C GLU A 106 2.65 -12.82 8.65
N ARG A 107 2.98 -11.56 8.39
CA ARG A 107 3.83 -11.21 7.26
C ARG A 107 5.23 -11.80 7.42
N ASP A 108 5.55 -12.20 8.64
CA ASP A 108 6.86 -12.79 8.93
C ASP A 108 7.10 -14.02 8.05
N HIS A 109 6.11 -14.89 7.97
CA HIS A 109 6.22 -16.10 7.15
C HIS A 109 5.63 -15.88 5.76
N PHE A 110 5.79 -14.66 5.25
CA PHE A 110 5.27 -14.32 3.93
C PHE A 110 5.74 -15.34 2.89
N VAL A 111 4.79 -16.05 2.29
CA VAL A 111 5.10 -17.06 1.28
C VAL A 111 4.87 -16.50 -0.12
N SER A 112 5.89 -16.63 -0.97
CA SER A 112 5.80 -16.13 -2.35
C SER A 112 5.43 -17.26 -3.30
N HIS A 113 4.20 -17.20 -3.82
CA HIS A 113 3.71 -18.21 -4.75
C HIS A 113 3.96 -17.79 -6.19
N PRO A 114 4.10 -18.78 -7.08
CA PRO A 114 4.35 -18.54 -8.51
C PRO A 114 3.13 -17.95 -9.21
N GLY A 115 3.32 -16.76 -9.78
CA GLY A 115 2.23 -16.09 -10.48
C GLY A 115 1.52 -15.07 -9.62
N LYS A 116 1.31 -15.41 -8.35
CA LYS A 116 0.64 -14.52 -7.42
C LYS A 116 1.45 -13.23 -7.23
N TYR A 117 0.91 -12.32 -6.42
CA TYR A 117 1.58 -11.05 -6.16
C TYR A 117 2.69 -11.22 -5.12
N THR A 118 3.79 -10.51 -5.32
CA THR A 118 4.92 -10.59 -4.40
C THR A 118 4.95 -9.39 -3.45
N LEU A 119 5.76 -9.49 -2.40
CA LEU A 119 5.88 -8.40 -1.44
C LEU A 119 7.23 -7.71 -1.55
N ILE A 120 7.23 -6.48 -2.04
CA ILE A 120 8.46 -5.71 -2.20
C ILE A 120 8.45 -4.48 -1.30
N GLU A 121 9.61 -3.83 -1.19
CA GLU A 121 9.72 -2.64 -0.36
C GLU A 121 10.13 -1.43 -1.21
N VAL A 122 9.94 -1.55 -2.52
CA VAL A 122 10.29 -0.47 -3.44
C VAL A 122 11.70 0.03 -3.19
N GLN A 123 12.17 0.92 -4.06
CA GLN A 123 13.51 1.49 -3.95
C GLN A 123 13.46 3.01 -3.97
N ALA A 124 13.96 3.63 -2.90
CA ALA A 124 13.97 5.08 -2.80
C ALA A 124 14.52 5.72 -4.08
N GLY A 1 23.92 10.55 1.39
CA GLY A 1 23.16 9.49 2.04
C GLY A 1 23.84 8.96 3.29
N SER A 2 23.06 8.75 4.34
CA SER A 2 23.60 8.26 5.60
C SER A 2 22.48 7.88 6.56
N SER A 3 22.59 6.71 7.18
CA SER A 3 21.58 6.24 8.12
C SER A 3 21.93 4.85 8.64
N GLY A 4 22.04 3.89 7.73
CA GLY A 4 22.38 2.53 8.11
C GLY A 4 21.18 1.77 8.64
N SER A 5 21.44 0.68 9.37
CA SER A 5 20.37 -0.14 9.93
C SER A 5 20.53 -0.29 11.44
N SER A 6 19.68 0.40 12.19
CA SER A 6 19.73 0.35 13.64
C SER A 6 18.33 0.17 14.23
N GLY A 7 18.26 0.05 15.56
CA GLY A 7 16.99 -0.11 16.22
C GLY A 7 16.62 1.07 17.09
N ALA A 8 15.39 1.07 17.59
CA ALA A 8 14.91 2.16 18.44
C ALA A 8 14.74 3.44 17.64
N GLU A 9 14.28 3.31 16.40
CA GLU A 9 14.07 4.47 15.54
C GLU A 9 12.60 4.62 15.19
N LYS A 10 12.27 5.68 14.46
CA LYS A 10 10.90 5.95 14.04
C LYS A 10 10.77 5.93 12.53
N ARG A 11 9.72 5.28 12.03
CA ARG A 11 9.48 5.20 10.60
C ARG A 11 8.53 6.31 10.14
N ILE A 12 8.59 6.63 8.85
CA ILE A 12 7.74 7.66 8.28
C ILE A 12 7.17 7.24 6.94
N ILE A 13 5.91 7.58 6.69
CA ILE A 13 5.25 7.24 5.45
C ILE A 13 4.90 8.49 4.65
N ARG A 14 5.19 8.46 3.35
CA ARG A 14 4.91 9.59 2.47
C ARG A 14 3.75 9.27 1.53
N VAL A 15 2.65 9.98 1.70
CA VAL A 15 1.48 9.77 0.85
C VAL A 15 1.85 9.78 -0.62
N ASP A 16 1.64 8.65 -1.29
CA ASP A 16 1.96 8.53 -2.70
C ASP A 16 1.66 9.83 -3.44
N PRO A 17 2.52 10.19 -4.40
CA PRO A 17 2.36 11.41 -5.20
C PRO A 17 1.18 11.33 -6.16
N THR A 18 0.98 10.16 -6.75
CA THR A 18 -0.12 9.96 -7.69
C THR A 18 -1.46 10.29 -7.04
N CYS A 19 -1.56 10.06 -5.74
CA CYS A 19 -2.79 10.35 -5.01
C CYS A 19 -3.05 11.85 -4.94
N PRO A 20 -4.31 12.25 -5.20
CA PRO A 20 -4.71 13.65 -5.17
C PRO A 20 -4.71 14.23 -3.75
N LEU A 21 -5.38 13.54 -2.84
CA LEU A 21 -5.46 13.99 -1.45
C LEU A 21 -4.08 14.41 -0.93
N SER A 22 -3.04 13.75 -1.42
CA SER A 22 -1.68 14.07 -1.02
C SER A 22 -1.50 15.58 -0.82
N SER A 23 -2.06 16.35 -1.74
CA SER A 23 -1.98 17.80 -1.68
C SER A 23 -2.72 18.34 -0.46
N ASN A 24 -3.92 17.82 -0.24
CA ASN A 24 -4.75 18.25 0.89
C ASN A 24 -3.97 18.13 2.21
N PRO A 25 -3.92 19.23 2.97
CA PRO A 25 -3.22 19.27 4.26
C PRO A 25 -3.92 18.45 5.32
N GLY A 26 -3.16 17.60 6.01
CA GLY A 26 -3.73 16.76 7.06
C GLY A 26 -3.85 15.32 6.64
N THR A 27 -4.11 15.07 5.36
CA THR A 27 -4.23 13.72 4.84
C THR A 27 -2.95 12.92 5.06
N GLN A 28 -2.98 12.03 6.05
CA GLN A 28 -1.82 11.21 6.37
C GLN A 28 -2.13 9.73 6.16
N VAL A 29 -1.10 8.93 5.97
CA VAL A 29 -1.26 7.49 5.77
C VAL A 29 -1.44 6.77 7.10
N TYR A 30 -2.65 6.28 7.34
CA TYR A 30 -2.96 5.57 8.58
C TYR A 30 -1.87 4.57 8.90
N GLU A 31 -1.23 4.74 10.07
CA GLU A 31 -0.17 3.85 10.50
C GLU A 31 0.85 3.63 9.38
N ASP A 32 1.38 2.41 9.31
CA ASP A 32 2.36 2.07 8.29
C ASP A 32 1.75 1.19 7.21
N TYR A 33 0.54 1.55 6.78
CA TYR A 33 -0.16 0.79 5.75
C TYR A 33 0.23 1.26 4.35
N ASN A 34 1.39 0.82 3.89
CA ASN A 34 1.89 1.20 2.57
C ASN A 34 2.90 0.18 2.05
N CYS A 35 2.47 -0.63 1.10
CA CYS A 35 3.34 -1.65 0.52
C CYS A 35 3.13 -1.75 -0.99
N THR A 36 4.08 -2.38 -1.68
CA THR A 36 4.00 -2.54 -3.12
C THR A 36 3.93 -4.01 -3.51
N LEU A 37 3.21 -4.31 -4.59
CA LEU A 37 3.08 -5.69 -5.07
C LEU A 37 3.65 -5.83 -6.47
N ASN A 38 4.22 -6.99 -6.75
CA ASN A 38 4.81 -7.26 -8.06
C ASN A 38 4.39 -8.65 -8.57
N GLN A 39 4.21 -8.75 -9.87
CA GLN A 39 3.80 -10.02 -10.49
C GLN A 39 4.31 -10.11 -11.93
N THR A 40 5.03 -11.17 -12.23
CA THR A 40 5.57 -11.37 -13.57
C THR A 40 5.15 -12.73 -14.13
N ASN A 41 5.18 -12.86 -15.46
CA ASN A 41 4.81 -14.09 -16.11
C ASN A 41 5.58 -14.28 -17.42
N ILE A 42 5.85 -15.54 -17.77
CA ILE A 42 6.58 -15.84 -18.99
C ILE A 42 5.70 -15.67 -20.22
N GLU A 43 5.06 -14.51 -20.32
CA GLU A 43 4.18 -14.23 -21.45
C GLU A 43 4.44 -12.82 -21.99
N ASN A 44 5.03 -12.74 -23.18
CA ASN A 44 5.34 -11.47 -23.80
C ASN A 44 5.89 -10.48 -22.78
N ASN A 45 6.76 -10.97 -21.90
CA ASN A 45 7.35 -10.13 -20.87
C ASN A 45 6.29 -9.29 -20.16
N ASN A 46 5.27 -9.96 -19.64
CA ASN A 46 4.19 -9.28 -18.93
C ASN A 46 4.59 -8.97 -17.50
N ASN A 47 4.73 -7.68 -17.19
CA ASN A 47 5.11 -7.25 -15.86
C ASN A 47 4.22 -6.10 -15.39
N LYS A 48 3.57 -6.29 -14.24
CA LYS A 48 2.69 -5.28 -13.68
C LYS A 48 2.97 -5.08 -12.20
N PHE A 49 2.29 -4.10 -11.60
CA PHE A 49 2.46 -3.81 -10.18
C PHE A 49 1.15 -3.38 -9.55
N TYR A 50 1.07 -3.50 -8.22
CA TYR A 50 -0.14 -3.13 -7.49
C TYR A 50 0.21 -2.47 -6.17
N ILE A 51 -0.30 -1.27 -5.95
CA ILE A 51 -0.05 -0.53 -4.71
C ILE A 51 -1.33 -0.36 -3.90
N ILE A 52 -1.23 -0.60 -2.60
CA ILE A 52 -2.37 -0.47 -1.71
C ILE A 52 -1.98 0.23 -0.41
N GLN A 53 -2.44 1.47 -0.25
CA GLN A 53 -2.14 2.25 0.95
C GLN A 53 -3.43 2.67 1.65
N LEU A 54 -3.32 2.97 2.94
CA LEU A 54 -4.46 3.40 3.73
C LEU A 54 -4.30 4.84 4.22
N LEU A 55 -5.06 5.75 3.63
CA LEU A 55 -4.98 7.15 4.01
C LEU A 55 -6.07 7.50 5.03
N GLN A 56 -5.85 8.57 5.78
CA GLN A 56 -6.79 9.01 6.80
C GLN A 56 -6.96 10.53 6.77
N ASP A 57 -8.20 10.98 6.74
CA ASP A 57 -8.49 12.42 6.72
C ASP A 57 -8.83 12.91 8.12
N SER A 58 -8.89 14.24 8.27
CA SER A 58 -9.20 14.84 9.56
C SER A 58 -10.61 14.48 10.01
N ASN A 59 -11.51 14.31 9.05
CA ASN A 59 -12.90 13.96 9.34
C ASN A 59 -13.02 12.46 9.58
N ARG A 60 -12.17 11.92 10.44
CA ARG A 60 -12.19 10.50 10.76
C ARG A 60 -12.65 9.67 9.55
N PHE A 61 -12.25 10.11 8.37
CA PHE A 61 -12.61 9.43 7.14
C PHE A 61 -11.37 8.84 6.45
N PHE A 62 -11.36 7.53 6.28
CA PHE A 62 -10.24 6.85 5.63
C PHE A 62 -10.48 6.71 4.13
N THR A 63 -9.40 6.47 3.39
CA THR A 63 -9.49 6.32 1.94
C THR A 63 -8.44 5.34 1.42
N CYS A 64 -8.90 4.27 0.79
CA CYS A 64 -8.00 3.26 0.24
C CYS A 64 -7.53 3.64 -1.15
N TRP A 65 -6.26 4.00 -1.27
CA TRP A 65 -5.68 4.39 -2.55
C TRP A 65 -5.17 3.17 -3.31
N ASN A 66 -5.83 2.85 -4.42
CA ASN A 66 -5.44 1.71 -5.24
C ASN A 66 -4.84 2.17 -6.56
N ARG A 67 -3.65 1.66 -6.87
CA ARG A 67 -2.96 2.01 -8.11
C ARG A 67 -2.36 0.78 -8.77
N TRP A 68 -2.85 0.45 -9.97
CA TRP A 68 -2.36 -0.70 -10.71
C TRP A 68 -2.05 -0.33 -12.15
N GLY A 69 -1.54 -1.30 -12.91
CA GLY A 69 -1.20 -1.06 -14.30
C GLY A 69 0.01 -1.84 -14.76
N ARG A 70 1.01 -1.13 -15.28
CA ARG A 70 2.23 -1.76 -15.75
C ARG A 70 3.44 -1.26 -14.98
N VAL A 71 4.50 -2.06 -14.96
CA VAL A 71 5.72 -1.69 -14.26
C VAL A 71 6.45 -0.56 -14.97
N GLY A 72 6.66 0.55 -14.25
CA GLY A 72 7.33 1.68 -14.84
C GLY A 72 6.37 2.70 -15.43
N GLU A 73 5.18 2.78 -14.83
CA GLU A 73 4.16 3.71 -15.32
C GLU A 73 3.11 3.96 -14.24
N VAL A 74 2.46 5.13 -14.31
CA VAL A 74 1.43 5.50 -13.34
C VAL A 74 0.33 4.45 -13.30
N GLY A 75 -0.04 3.94 -14.48
CA GLY A 75 -1.10 2.95 -14.55
C GLY A 75 -2.46 3.52 -14.20
N GLN A 76 -3.45 2.64 -14.08
CA GLN A 76 -4.80 3.06 -13.75
C GLN A 76 -4.83 3.78 -12.40
N SER A 77 -6.00 4.34 -12.06
CA SER A 77 -6.15 5.06 -10.82
C SER A 77 -7.53 4.80 -10.20
N LYS A 78 -7.52 4.23 -9.00
CA LYS A 78 -8.76 3.93 -8.30
C LYS A 78 -8.68 4.31 -6.83
N ILE A 79 -9.62 5.15 -6.38
CA ILE A 79 -9.64 5.59 -5.00
C ILE A 79 -10.98 5.27 -4.33
N ASN A 80 -10.92 4.74 -3.12
CA ASN A 80 -12.12 4.39 -2.38
C ASN A 80 -12.14 5.05 -1.01
N HIS A 81 -13.28 5.64 -0.64
CA HIS A 81 -13.43 6.30 0.64
C HIS A 81 -14.33 5.51 1.56
N PHE A 82 -13.86 5.29 2.80
CA PHE A 82 -14.64 4.54 3.78
C PHE A 82 -14.86 5.36 5.04
N THR A 83 -16.10 5.41 5.49
CA THR A 83 -16.46 6.17 6.68
C THR A 83 -15.94 5.50 7.94
N ARG A 84 -16.07 4.17 7.98
CA ARG A 84 -15.60 3.41 9.14
C ARG A 84 -14.17 2.92 8.93
N LEU A 85 -13.40 2.86 10.01
CA LEU A 85 -12.02 2.40 9.95
C LEU A 85 -11.94 0.92 9.63
N GLU A 86 -12.53 0.11 10.50
CA GLU A 86 -12.54 -1.35 10.32
C GLU A 86 -12.86 -1.70 8.87
N ASP A 87 -13.99 -1.20 8.39
CA ASP A 87 -14.41 -1.47 7.02
C ASP A 87 -13.26 -1.30 6.04
N ALA A 88 -12.53 -0.20 6.18
CA ALA A 88 -11.39 0.08 5.31
C ALA A 88 -10.32 -0.98 5.46
N LYS A 89 -9.95 -1.26 6.70
CA LYS A 89 -8.91 -2.26 6.99
C LYS A 89 -9.23 -3.57 6.27
N LYS A 90 -10.47 -4.02 6.37
CA LYS A 90 -10.90 -5.26 5.73
C LYS A 90 -10.56 -5.25 4.24
N ASP A 91 -10.83 -4.12 3.60
CA ASP A 91 -10.56 -3.97 2.16
C ASP A 91 -9.07 -4.12 1.88
N PHE A 92 -8.25 -3.59 2.78
CA PHE A 92 -6.80 -3.66 2.61
C PHE A 92 -6.30 -5.09 2.79
N GLU A 93 -6.61 -5.69 3.93
CA GLU A 93 -6.20 -7.05 4.22
C GLU A 93 -6.80 -8.04 3.21
N LYS A 94 -8.05 -7.78 2.84
CA LYS A 94 -8.75 -8.65 1.88
C LYS A 94 -8.07 -8.60 0.52
N LYS A 95 -7.97 -7.40 -0.05
CA LYS A 95 -7.33 -7.22 -1.35
C LYS A 95 -5.89 -7.68 -1.31
N PHE A 96 -5.16 -7.28 -0.27
CA PHE A 96 -3.76 -7.64 -0.12
C PHE A 96 -3.61 -9.16 -0.01
N ARG A 97 -4.41 -9.77 0.86
CA ARG A 97 -4.37 -11.21 1.05
C ARG A 97 -4.84 -11.95 -0.19
N GLU A 98 -5.75 -11.33 -0.93
CA GLU A 98 -6.30 -11.92 -2.14
C GLU A 98 -5.26 -11.91 -3.27
N LYS A 99 -4.29 -11.01 -3.16
CA LYS A 99 -3.24 -10.90 -4.16
C LYS A 99 -1.98 -11.61 -3.72
N THR A 100 -1.79 -11.71 -2.40
CA THR A 100 -0.62 -12.37 -1.85
C THR A 100 -0.99 -13.70 -1.20
N LYS A 101 -2.29 -14.02 -1.22
CA LYS A 101 -2.77 -15.26 -0.64
C LYS A 101 -2.24 -15.45 0.77
N ASN A 102 -2.13 -14.35 1.52
CA ASN A 102 -1.64 -14.40 2.88
C ASN A 102 -2.29 -13.31 3.74
N ASN A 103 -2.20 -13.47 5.06
CA ASN A 103 -2.78 -12.50 5.97
C ASN A 103 -1.80 -11.37 6.26
N TRP A 104 -2.31 -10.14 6.24
CA TRP A 104 -1.47 -8.97 6.50
C TRP A 104 -0.83 -9.05 7.88
N ALA A 105 -1.55 -9.64 8.83
CA ALA A 105 -1.05 -9.78 10.19
C ALA A 105 0.08 -10.80 10.25
N GLU A 106 -0.01 -11.82 9.40
CA GLU A 106 1.01 -12.87 9.36
C GLU A 106 2.19 -12.46 8.49
N ARG A 107 2.42 -11.16 8.39
CA ARG A 107 3.51 -10.63 7.59
C ARG A 107 4.84 -11.27 7.98
N ASP A 108 4.91 -11.76 9.21
CA ASP A 108 6.12 -12.40 9.72
C ASP A 108 6.52 -13.57 8.82
N HIS A 109 5.56 -14.45 8.52
CA HIS A 109 5.82 -15.61 7.68
C HIS A 109 5.16 -15.44 6.31
N PHE A 110 5.39 -14.30 5.68
CA PHE A 110 4.81 -14.01 4.38
C PHE A 110 5.49 -14.84 3.29
N VAL A 111 4.72 -15.77 2.72
CA VAL A 111 5.25 -16.65 1.67
C VAL A 111 5.01 -16.04 0.29
N SER A 112 6.05 -16.05 -0.54
CA SER A 112 5.97 -15.50 -1.88
C SER A 112 5.77 -16.61 -2.91
N HIS A 113 4.52 -16.79 -3.32
CA HIS A 113 4.18 -17.81 -4.31
C HIS A 113 4.50 -17.33 -5.73
N PRO A 114 4.85 -18.28 -6.61
CA PRO A 114 5.18 -17.99 -8.00
C PRO A 114 3.97 -17.55 -8.81
N GLY A 115 4.10 -16.44 -9.53
CA GLY A 115 3.01 -15.93 -10.34
C GLY A 115 2.16 -14.92 -9.60
N LYS A 116 1.91 -15.19 -8.31
CA LYS A 116 1.11 -14.28 -7.50
C LYS A 116 1.88 -13.01 -7.18
N TYR A 117 1.21 -12.08 -6.51
CA TYR A 117 1.84 -10.81 -6.14
C TYR A 117 2.82 -10.99 -4.99
N THR A 118 3.97 -10.34 -5.09
CA THR A 118 5.01 -10.44 -4.07
C THR A 118 5.00 -9.20 -3.17
N LEU A 119 5.69 -9.29 -2.05
CA LEU A 119 5.77 -8.18 -1.11
C LEU A 119 7.14 -7.51 -1.17
N ILE A 120 7.19 -6.30 -1.72
CA ILE A 120 8.43 -5.56 -1.84
C ILE A 120 8.43 -4.34 -0.93
N GLU A 121 9.53 -3.59 -0.94
CA GLU A 121 9.66 -2.39 -0.12
C GLU A 121 10.15 -1.21 -0.95
N VAL A 122 10.07 -1.35 -2.27
CA VAL A 122 10.51 -0.29 -3.17
C VAL A 122 11.92 0.18 -2.82
N GLN A 123 12.48 1.03 -3.68
CA GLN A 123 13.82 1.55 -3.46
C GLN A 123 13.78 3.03 -3.06
N ALA A 124 13.55 3.28 -1.78
CA ALA A 124 13.49 4.66 -1.28
C ALA A 124 12.55 5.50 -2.12
N GLY A 1 15.35 27.04 13.26
CA GLY A 1 16.30 26.55 14.25
C GLY A 1 17.08 25.35 13.75
N SER A 2 18.24 25.12 14.36
CA SER A 2 19.09 24.00 13.98
C SER A 2 19.60 23.25 15.20
N SER A 3 18.96 22.14 15.52
CA SER A 3 19.35 21.32 16.67
C SER A 3 19.92 19.98 16.24
N GLY A 4 19.15 19.24 15.44
CA GLY A 4 19.61 17.96 14.96
C GLY A 4 18.46 17.10 14.43
N SER A 5 18.69 15.80 14.37
CA SER A 5 17.67 14.87 13.87
C SER A 5 18.03 13.43 14.22
N SER A 6 18.50 13.22 15.45
CA SER A 6 18.88 11.90 15.92
C SER A 6 18.22 11.58 17.25
N GLY A 7 17.81 10.32 17.42
CA GLY A 7 17.17 9.90 18.65
C GLY A 7 16.44 8.59 18.50
N ALA A 8 15.20 8.55 18.98
CA ALA A 8 14.39 7.34 18.90
C ALA A 8 13.00 7.65 18.32
N GLU A 9 12.89 7.57 17.00
CA GLU A 9 11.62 7.84 16.33
C GLU A 9 11.13 6.60 15.58
N LYS A 10 9.93 6.70 15.00
CA LYS A 10 9.35 5.59 14.26
C LYS A 10 9.43 5.85 12.75
N ARG A 11 8.98 4.88 11.97
CA ARG A 11 8.99 5.00 10.52
C ARG A 11 7.85 5.88 10.03
N ILE A 12 8.11 6.68 8.99
CA ILE A 12 7.10 7.56 8.43
C ILE A 12 6.76 7.17 7.00
N ILE A 13 5.54 7.48 6.58
CA ILE A 13 5.11 7.17 5.22
C ILE A 13 4.66 8.43 4.49
N ARG A 14 4.94 8.48 3.19
CA ARG A 14 4.57 9.63 2.37
C ARG A 14 3.52 9.24 1.34
N VAL A 15 2.31 9.76 1.49
CA VAL A 15 1.22 9.47 0.58
C VAL A 15 1.69 9.54 -0.87
N ASP A 16 1.63 8.41 -1.58
CA ASP A 16 2.05 8.35 -2.97
C ASP A 16 1.72 9.64 -3.69
N PRO A 17 2.63 10.08 -4.58
CA PRO A 17 2.46 11.31 -5.36
C PRO A 17 1.35 11.19 -6.39
N THR A 18 1.16 9.98 -6.92
CA THR A 18 0.13 9.74 -7.93
C THR A 18 -1.25 10.09 -7.38
N CYS A 19 -1.48 9.79 -6.11
CA CYS A 19 -2.76 10.07 -5.48
C CYS A 19 -2.99 11.58 -5.35
N PRO A 20 -4.21 12.02 -5.66
CA PRO A 20 -4.58 13.45 -5.58
C PRO A 20 -4.65 13.95 -4.15
N LEU A 21 -5.37 13.22 -3.30
CA LEU A 21 -5.51 13.59 -1.90
C LEU A 21 -4.18 14.05 -1.32
N SER A 22 -3.10 13.42 -1.77
CA SER A 22 -1.76 13.76 -1.29
C SER A 22 -1.61 15.27 -1.15
N SER A 23 -1.99 16.01 -2.18
CA SER A 23 -1.90 17.46 -2.17
C SER A 23 -2.70 18.06 -1.02
N ASN A 24 -3.92 17.56 -0.84
CA ASN A 24 -4.80 18.04 0.23
C ASN A 24 -4.11 17.91 1.58
N PRO A 25 -4.10 19.01 2.34
CA PRO A 25 -3.48 19.05 3.68
C PRO A 25 -4.27 18.25 4.70
N GLY A 26 -3.55 17.45 5.49
CA GLY A 26 -4.20 16.63 6.50
C GLY A 26 -4.26 15.17 6.11
N THR A 27 -4.41 14.91 4.82
CA THR A 27 -4.49 13.54 4.31
C THR A 27 -3.16 12.81 4.50
N GLN A 28 -3.05 12.09 5.61
CA GLN A 28 -1.83 11.35 5.92
C GLN A 28 -2.07 9.85 5.79
N VAL A 29 -1.02 9.07 6.01
CA VAL A 29 -1.11 7.61 5.92
C VAL A 29 -1.35 6.99 7.30
N TYR A 30 -2.55 6.48 7.51
CA TYR A 30 -2.90 5.87 8.79
C TYR A 30 -1.90 4.78 9.15
N GLU A 31 -0.96 5.12 10.02
CA GLU A 31 0.06 4.17 10.46
C GLU A 31 1.07 3.90 9.34
N ASP A 32 1.55 2.66 9.28
CA ASP A 32 2.52 2.27 8.26
C ASP A 32 1.92 1.27 7.28
N TYR A 33 0.65 1.48 6.92
CA TYR A 33 -0.05 0.59 6.00
C TYR A 33 0.33 0.90 4.56
N ASN A 34 1.52 0.48 4.17
CA ASN A 34 2.00 0.71 2.81
C ASN A 34 2.87 -0.46 2.33
N CYS A 35 2.33 -1.25 1.41
CA CYS A 35 3.05 -2.40 0.87
C CYS A 35 2.99 -2.41 -0.65
N THR A 36 4.12 -2.74 -1.27
CA THR A 36 4.20 -2.78 -2.73
C THR A 36 4.06 -4.22 -3.24
N LEU A 37 3.21 -4.40 -4.26
CA LEU A 37 2.99 -5.72 -4.84
C LEU A 37 3.42 -5.74 -6.31
N ASN A 38 4.14 -6.79 -6.68
CA ASN A 38 4.61 -6.94 -8.05
C ASN A 38 3.94 -8.12 -8.73
N GLN A 39 3.87 -8.08 -10.06
CA GLN A 39 3.25 -9.15 -10.83
C GLN A 39 3.90 -9.28 -12.21
N THR A 40 4.68 -10.33 -12.39
CA THR A 40 5.36 -10.56 -13.67
C THR A 40 4.76 -11.75 -14.40
N ASN A 41 4.92 -11.78 -15.72
CA ASN A 41 4.39 -12.85 -16.54
C ASN A 41 5.31 -13.15 -17.72
N ILE A 42 5.38 -14.42 -18.12
CA ILE A 42 6.22 -14.83 -19.22
C ILE A 42 5.60 -14.44 -20.56
N GLU A 43 5.25 -13.16 -20.69
CA GLU A 43 4.64 -12.66 -21.92
C GLU A 43 5.27 -11.33 -22.33
N ASN A 44 6.04 -11.35 -23.41
CA ASN A 44 6.70 -10.15 -23.90
C ASN A 44 7.26 -9.33 -22.75
N ASN A 45 7.85 -10.01 -21.77
CA ASN A 45 8.44 -9.35 -20.62
C ASN A 45 7.49 -8.29 -20.06
N ASN A 46 6.27 -8.70 -19.75
CA ASN A 46 5.27 -7.78 -19.22
C ASN A 46 5.26 -7.83 -17.69
N ASN A 47 5.54 -6.69 -17.07
CA ASN A 47 5.57 -6.61 -15.61
C ASN A 47 4.61 -5.52 -15.11
N LYS A 48 3.88 -5.82 -14.05
CA LYS A 48 2.92 -4.87 -13.48
C LYS A 48 3.17 -4.69 -11.99
N PHE A 49 2.47 -3.73 -11.40
CA PHE A 49 2.62 -3.45 -9.97
C PHE A 49 1.27 -3.13 -9.34
N TYR A 50 1.24 -3.03 -8.02
CA TYR A 50 0.02 -2.73 -7.29
C TYR A 50 0.32 -2.20 -5.89
N ILE A 51 -0.08 -0.97 -5.63
CA ILE A 51 0.15 -0.35 -4.32
C ILE A 51 -1.16 -0.10 -3.60
N ILE A 52 -1.17 -0.35 -2.30
CA ILE A 52 -2.36 -0.14 -1.48
C ILE A 52 -2.02 0.51 -0.15
N GLN A 53 -2.40 1.77 0.01
CA GLN A 53 -2.13 2.50 1.25
C GLN A 53 -3.43 2.92 1.92
N LEU A 54 -3.40 3.01 3.25
CA LEU A 54 -4.57 3.40 4.02
C LEU A 54 -4.45 4.85 4.48
N LEU A 55 -5.25 5.73 3.88
CA LEU A 55 -5.24 7.14 4.23
C LEU A 55 -6.33 7.46 5.25
N GLN A 56 -6.07 8.44 6.10
CA GLN A 56 -7.03 8.84 7.12
C GLN A 56 -7.20 10.35 7.14
N ASP A 57 -8.41 10.80 6.82
CA ASP A 57 -8.71 12.24 6.80
C ASP A 57 -9.00 12.75 8.21
N SER A 58 -9.06 14.07 8.35
CA SER A 58 -9.33 14.69 9.64
C SER A 58 -10.81 14.57 10.00
N ASN A 59 -11.63 14.34 8.99
CA ASN A 59 -13.07 14.21 9.20
C ASN A 59 -13.46 12.76 9.45
N ARG A 60 -12.68 12.08 10.28
CA ARG A 60 -12.94 10.68 10.60
C ARG A 60 -13.33 9.90 9.36
N PHE A 61 -12.65 10.18 8.25
CA PHE A 61 -12.94 9.50 6.99
C PHE A 61 -11.65 9.01 6.34
N PHE A 62 -11.53 7.69 6.21
CA PHE A 62 -10.34 7.09 5.60
C PHE A 62 -10.54 6.89 4.10
N THR A 63 -9.45 6.59 3.39
CA THR A 63 -9.50 6.38 1.96
C THR A 63 -8.47 5.34 1.52
N CYS A 64 -8.94 4.27 0.88
CA CYS A 64 -8.06 3.21 0.41
C CYS A 64 -7.56 3.50 -0.99
N TRP A 65 -6.30 3.88 -1.11
CA TRP A 65 -5.69 4.20 -2.40
C TRP A 65 -5.15 2.93 -3.06
N ASN A 66 -5.67 2.64 -4.25
CA ASN A 66 -5.23 1.46 -5.00
C ASN A 66 -4.72 1.85 -6.38
N ARG A 67 -3.40 1.75 -6.56
CA ARG A 67 -2.78 2.08 -7.83
C ARG A 67 -2.13 0.86 -8.47
N TRP A 68 -2.46 0.61 -9.73
CA TRP A 68 -1.90 -0.54 -10.45
C TRP A 68 -1.66 -0.19 -11.91
N GLY A 69 -1.06 -1.13 -12.64
CA GLY A 69 -0.78 -0.90 -14.05
C GLY A 69 0.56 -1.48 -14.48
N ARG A 70 1.14 -0.90 -15.51
CA ARG A 70 2.43 -1.36 -16.03
C ARG A 70 3.58 -0.78 -15.22
N VAL A 71 4.48 -1.64 -14.75
CA VAL A 71 5.63 -1.20 -13.97
C VAL A 71 6.34 -0.04 -14.65
N GLY A 72 6.49 1.07 -13.92
CA GLY A 72 7.17 2.22 -14.47
C GLY A 72 6.21 3.36 -14.77
N GLU A 73 5.05 3.02 -15.33
CA GLU A 73 4.03 4.02 -15.66
C GLU A 73 2.92 4.05 -14.62
N VAL A 74 2.40 5.24 -14.34
CA VAL A 74 1.34 5.40 -13.37
C VAL A 74 0.26 4.33 -13.54
N GLY A 75 -0.14 4.11 -14.79
CA GLY A 75 -1.15 3.10 -15.07
C GLY A 75 -2.54 3.56 -14.66
N GLN A 76 -3.35 2.62 -14.18
CA GLN A 76 -4.72 2.93 -13.76
C GLN A 76 -4.73 3.45 -12.32
N SER A 77 -5.77 4.21 -11.99
CA SER A 77 -5.89 4.78 -10.66
C SER A 77 -7.25 4.43 -10.05
N LYS A 78 -7.23 3.94 -8.82
CA LYS A 78 -8.47 3.57 -8.12
C LYS A 78 -8.43 4.04 -6.67
N ILE A 79 -9.42 4.85 -6.30
CA ILE A 79 -9.51 5.38 -4.94
C ILE A 79 -10.87 5.07 -4.32
N ASN A 80 -10.86 4.63 -3.07
CA ASN A 80 -12.09 4.30 -2.37
C ASN A 80 -12.21 5.11 -1.07
N HIS A 81 -13.41 5.55 -0.77
CA HIS A 81 -13.66 6.34 0.44
C HIS A 81 -14.47 5.53 1.45
N PHE A 82 -14.03 5.54 2.70
CA PHE A 82 -14.72 4.81 3.76
C PHE A 82 -14.95 5.71 4.98
N THR A 83 -16.19 5.80 5.42
CA THR A 83 -16.55 6.62 6.57
C THR A 83 -15.96 6.04 7.85
N ARG A 84 -16.01 4.71 7.97
CA ARG A 84 -15.49 4.04 9.15
C ARG A 84 -14.02 3.67 8.95
N LEU A 85 -13.38 3.23 10.03
CA LEU A 85 -11.97 2.85 9.99
C LEU A 85 -11.83 1.34 9.75
N GLU A 86 -12.55 0.55 10.54
CA GLU A 86 -12.50 -0.90 10.41
C GLU A 86 -12.78 -1.33 8.99
N ASP A 87 -13.97 -0.99 8.49
CA ASP A 87 -14.37 -1.34 7.13
C ASP A 87 -13.21 -1.15 6.16
N ALA A 88 -12.53 -0.01 6.27
CA ALA A 88 -11.40 0.29 5.40
C ALA A 88 -10.30 -0.74 5.55
N LYS A 89 -9.95 -1.06 6.80
CA LYS A 89 -8.91 -2.04 7.08
C LYS A 89 -9.27 -3.39 6.48
N LYS A 90 -10.51 -3.80 6.65
CA LYS A 90 -10.98 -5.08 6.13
C LYS A 90 -10.75 -5.16 4.62
N ASP A 91 -11.03 -4.08 3.92
CA ASP A 91 -10.85 -4.03 2.48
C ASP A 91 -9.37 -3.95 2.11
N PHE A 92 -8.66 -3.05 2.77
CA PHE A 92 -7.22 -2.88 2.52
C PHE A 92 -6.48 -4.21 2.67
N GLU A 93 -6.74 -4.90 3.78
CA GLU A 93 -6.10 -6.18 4.05
C GLU A 93 -6.61 -7.26 3.10
N LYS A 94 -7.92 -7.48 3.12
CA LYS A 94 -8.54 -8.48 2.25
C LYS A 94 -7.90 -8.48 0.87
N LYS A 95 -7.88 -7.32 0.23
CA LYS A 95 -7.29 -7.18 -1.10
C LYS A 95 -5.87 -7.73 -1.12
N PHE A 96 -5.09 -7.39 -0.10
CA PHE A 96 -3.71 -7.85 -0.01
C PHE A 96 -3.66 -9.36 0.25
N ARG A 97 -4.19 -9.77 1.39
CA ARG A 97 -4.21 -11.19 1.76
C ARG A 97 -4.73 -12.04 0.61
N GLU A 98 -5.52 -11.43 -0.27
CA GLU A 98 -6.09 -12.13 -1.41
C GLU A 98 -5.11 -12.14 -2.58
N LYS A 99 -4.35 -11.06 -2.72
CA LYS A 99 -3.37 -10.94 -3.79
C LYS A 99 -2.06 -11.62 -3.41
N THR A 100 -1.87 -11.85 -2.12
CA THR A 100 -0.65 -12.48 -1.63
C THR A 100 -0.96 -13.83 -0.99
N LYS A 101 -2.24 -14.06 -0.71
CA LYS A 101 -2.68 -15.31 -0.09
C LYS A 101 -2.02 -15.50 1.28
N ASN A 102 -1.92 -14.41 2.03
CA ASN A 102 -1.32 -14.46 3.36
C ASN A 102 -1.86 -13.33 4.24
N ASN A 103 -1.99 -13.61 5.53
CA ASN A 103 -2.50 -12.62 6.48
C ASN A 103 -1.46 -11.53 6.73
N TRP A 104 -1.91 -10.28 6.72
CA TRP A 104 -1.01 -9.15 6.95
C TRP A 104 -0.27 -9.31 8.27
N ALA A 105 -0.95 -9.82 9.28
CA ALA A 105 -0.35 -10.02 10.59
C ALA A 105 0.69 -11.13 10.55
N GLU A 106 0.39 -12.21 9.82
CA GLU A 106 1.31 -13.33 9.70
C GLU A 106 2.26 -13.13 8.53
N ARG A 107 2.67 -11.89 8.31
CA ARG A 107 3.57 -11.58 7.21
C ARG A 107 4.89 -12.32 7.36
N ASP A 108 5.21 -12.72 8.60
CA ASP A 108 6.44 -13.44 8.87
C ASP A 108 6.61 -14.61 7.93
N HIS A 109 5.57 -15.45 7.84
CA HIS A 109 5.61 -16.61 6.97
C HIS A 109 5.06 -16.28 5.59
N PHE A 110 5.35 -15.07 5.12
CA PHE A 110 4.88 -14.63 3.82
C PHE A 110 5.47 -15.49 2.71
N VAL A 111 4.62 -16.33 2.10
CA VAL A 111 5.05 -17.21 1.03
C VAL A 111 4.74 -16.61 -0.34
N SER A 112 5.75 -16.54 -1.19
CA SER A 112 5.60 -15.99 -2.53
C SER A 112 5.28 -17.09 -3.55
N HIS A 113 4.00 -17.22 -3.87
CA HIS A 113 3.56 -18.23 -4.83
C HIS A 113 3.79 -17.76 -6.26
N PRO A 114 4.12 -18.70 -7.15
CA PRO A 114 4.38 -18.40 -8.57
C PRO A 114 3.10 -18.02 -9.31
N GLY A 115 3.04 -16.76 -9.77
CA GLY A 115 1.88 -16.29 -10.50
C GLY A 115 1.15 -15.19 -9.75
N LYS A 116 1.07 -15.31 -8.44
CA LYS A 116 0.39 -14.32 -7.61
C LYS A 116 1.30 -13.12 -7.35
N TYR A 117 0.77 -12.13 -6.63
CA TYR A 117 1.53 -10.92 -6.32
C TYR A 117 2.57 -11.21 -5.24
N THR A 118 3.69 -10.47 -5.28
CA THR A 118 4.75 -10.64 -4.30
C THR A 118 4.81 -9.46 -3.34
N LEU A 119 5.52 -9.64 -2.24
CA LEU A 119 5.65 -8.59 -1.24
C LEU A 119 7.05 -7.98 -1.27
N ILE A 120 7.13 -6.74 -1.74
CA ILE A 120 8.41 -6.05 -1.82
C ILE A 120 8.44 -4.83 -0.91
N GLU A 121 9.60 -4.21 -0.78
CA GLU A 121 9.76 -3.03 0.06
C GLU A 121 10.25 -1.84 -0.74
N VAL A 122 10.19 -1.96 -2.07
CA VAL A 122 10.63 -0.89 -2.95
C VAL A 122 12.04 -0.42 -2.58
N GLN A 123 12.60 0.44 -3.41
CA GLN A 123 13.94 0.98 -3.18
C GLN A 123 13.98 2.48 -3.40
N ALA A 124 14.02 3.24 -2.30
CA ALA A 124 14.06 4.69 -2.38
C ALA A 124 15.50 5.20 -2.39
N GLY A 1 18.99 14.74 32.45
CA GLY A 1 18.29 13.56 32.94
C GLY A 1 17.95 12.59 31.83
N SER A 2 17.76 11.33 32.19
CA SER A 2 17.42 10.30 31.22
C SER A 2 18.55 10.11 30.21
N SER A 3 18.96 8.86 30.00
CA SER A 3 20.03 8.55 29.07
C SER A 3 20.04 7.06 28.73
N GLY A 4 19.47 6.71 27.59
CA GLY A 4 19.44 5.32 27.18
C GLY A 4 18.25 5.01 26.28
N SER A 5 17.62 3.86 26.50
CA SER A 5 16.47 3.46 25.70
C SER A 5 16.86 3.29 24.23
N SER A 6 16.71 2.08 23.71
CA SER A 6 17.05 1.79 22.33
C SER A 6 16.46 2.84 21.40
N GLY A 7 17.28 3.36 20.49
CA GLY A 7 16.82 4.36 19.55
C GLY A 7 16.11 3.75 18.36
N ALA A 8 16.86 3.42 17.31
CA ALA A 8 16.29 2.83 16.11
C ALA A 8 15.39 3.83 15.39
N GLU A 9 15.78 4.20 14.18
CA GLU A 9 15.01 5.14 13.37
C GLU A 9 13.54 4.72 13.30
N LYS A 10 12.65 5.71 13.25
CA LYS A 10 11.22 5.44 13.18
C LYS A 10 10.75 5.43 11.72
N ARG A 11 10.07 4.35 11.34
CA ARG A 11 9.57 4.22 9.98
C ARG A 11 8.56 5.32 9.66
N ILE A 12 8.66 5.85 8.44
CA ILE A 12 7.75 6.92 8.01
C ILE A 12 7.18 6.63 6.63
N ILE A 13 5.96 7.10 6.39
CA ILE A 13 5.30 6.89 5.12
C ILE A 13 4.96 8.21 4.45
N ARG A 14 5.16 8.29 3.14
CA ARG A 14 4.87 9.51 2.39
C ARG A 14 3.71 9.29 1.42
N VAL A 15 2.67 10.10 1.56
CA VAL A 15 1.51 10.00 0.69
C VAL A 15 1.89 10.01 -0.77
N ASP A 16 1.57 8.92 -1.47
CA ASP A 16 1.89 8.80 -2.89
C ASP A 16 1.49 10.06 -3.65
N PRO A 17 2.31 10.45 -4.64
CA PRO A 17 2.06 11.63 -5.45
C PRO A 17 0.87 11.46 -6.38
N THR A 18 0.69 10.24 -6.87
CA THR A 18 -0.42 9.94 -7.77
C THR A 18 -1.76 10.31 -7.15
N CYS A 19 -1.90 10.04 -5.86
CA CYS A 19 -3.13 10.33 -5.14
C CYS A 19 -3.35 11.84 -5.06
N PRO A 20 -4.61 12.27 -5.28
CA PRO A 20 -4.98 13.68 -5.24
C PRO A 20 -4.94 14.26 -3.82
N LEU A 21 -5.59 13.56 -2.90
CA LEU A 21 -5.62 14.00 -1.51
C LEU A 21 -4.23 14.43 -1.03
N SER A 22 -3.21 13.73 -1.52
CA SER A 22 -1.83 14.03 -1.16
C SER A 22 -1.61 15.54 -1.05
N SER A 23 -2.09 16.27 -2.06
CA SER A 23 -1.94 17.72 -2.08
C SER A 23 -2.53 18.35 -0.81
N ASN A 24 -3.74 17.93 -0.46
CA ASN A 24 -4.41 18.45 0.73
C ASN A 24 -3.55 18.24 1.97
N PRO A 25 -3.38 19.32 2.76
CA PRO A 25 -2.58 19.29 3.99
C PRO A 25 -3.24 18.46 5.08
N GLY A 26 -2.43 17.71 5.83
CA GLY A 26 -2.96 16.90 6.91
C GLY A 26 -3.16 15.45 6.49
N THR A 27 -3.66 15.26 5.26
CA THR A 27 -3.90 13.92 4.74
C THR A 27 -2.64 13.07 4.78
N GLN A 28 -2.58 12.13 5.70
CA GLN A 28 -1.41 11.25 5.84
C GLN A 28 -1.83 9.79 5.73
N VAL A 29 -0.87 8.93 5.40
CA VAL A 29 -1.13 7.50 5.26
C VAL A 29 -1.30 6.85 6.63
N TYR A 30 -2.54 6.58 6.99
CA TYR A 30 -2.85 5.95 8.28
C TYR A 30 -1.78 4.91 8.64
N GLU A 31 -1.18 5.08 9.81
CA GLU A 31 -0.14 4.16 10.28
C GLU A 31 0.83 3.82 9.15
N ASP A 32 1.33 2.59 9.16
CA ASP A 32 2.26 2.14 8.13
C ASP A 32 1.59 1.16 7.17
N TYR A 33 0.36 1.48 6.79
CA TYR A 33 -0.40 0.63 5.87
C TYR A 33 -0.03 0.92 4.43
N ASN A 34 1.19 0.54 4.05
CA ASN A 34 1.67 0.76 2.68
C ASN A 34 2.59 -0.37 2.24
N CYS A 35 2.06 -1.30 1.46
CA CYS A 35 2.84 -2.43 0.97
C CYS A 35 2.86 -2.45 -0.56
N THR A 36 4.01 -2.79 -1.12
CA THR A 36 4.16 -2.87 -2.58
C THR A 36 4.09 -4.30 -3.07
N LEU A 37 3.35 -4.52 -4.15
CA LEU A 37 3.20 -5.85 -4.73
C LEU A 37 3.69 -5.88 -6.17
N ASN A 38 4.35 -6.96 -6.55
CA ASN A 38 4.87 -7.11 -7.90
C ASN A 38 4.26 -8.32 -8.59
N GLN A 39 4.16 -8.25 -9.91
CA GLN A 39 3.60 -9.36 -10.68
C GLN A 39 4.22 -9.42 -12.08
N THR A 40 5.08 -10.42 -12.29
CA THR A 40 5.75 -10.59 -13.57
C THR A 40 5.33 -11.89 -14.24
N ASN A 41 5.44 -11.94 -15.57
CA ASN A 41 5.07 -13.13 -16.33
C ASN A 41 5.93 -13.26 -17.57
N ILE A 42 6.19 -14.50 -17.98
CA ILE A 42 7.00 -14.76 -19.16
C ILE A 42 6.21 -14.49 -20.44
N GLU A 43 5.61 -13.31 -20.52
CA GLU A 43 4.82 -12.93 -21.69
C GLU A 43 5.16 -11.51 -22.13
N ASN A 44 5.85 -11.40 -23.27
CA ASN A 44 6.24 -10.09 -23.80
C ASN A 44 6.73 -9.18 -22.68
N ASN A 45 7.52 -9.74 -21.77
CA ASN A 45 8.06 -8.98 -20.65
C ASN A 45 6.97 -8.15 -19.98
N ASN A 46 5.90 -8.81 -19.56
CA ASN A 46 4.78 -8.14 -18.90
C ASN A 46 5.08 -7.93 -17.42
N ASN A 47 5.20 -6.67 -17.02
CA ASN A 47 5.48 -6.33 -15.63
C ASN A 47 4.51 -5.26 -15.12
N LYS A 48 3.90 -5.53 -13.97
CA LYS A 48 2.96 -4.58 -13.38
C LYS A 48 3.32 -4.30 -11.92
N PHE A 49 2.54 -3.42 -11.29
CA PHE A 49 2.77 -3.07 -9.89
C PHE A 49 1.47 -2.67 -9.20
N TYR A 50 1.21 -3.29 -8.06
CA TYR A 50 -0.01 -3.00 -7.31
C TYR A 50 0.33 -2.31 -5.98
N ILE A 51 -0.26 -1.14 -5.77
CA ILE A 51 -0.03 -0.37 -4.55
C ILE A 51 -1.33 -0.19 -3.76
N ILE A 52 -1.28 -0.48 -2.47
CA ILE A 52 -2.45 -0.34 -1.61
C ILE A 52 -2.10 0.40 -0.33
N GLN A 53 -2.49 1.66 -0.24
CA GLN A 53 -2.21 2.48 0.94
C GLN A 53 -3.51 2.85 1.65
N LEU A 54 -3.41 3.18 2.93
CA LEU A 54 -4.57 3.57 3.72
C LEU A 54 -4.41 4.98 4.29
N LEU A 55 -5.10 5.93 3.67
CA LEU A 55 -5.03 7.32 4.11
C LEU A 55 -6.11 7.63 5.14
N GLN A 56 -5.96 8.72 5.86
CA GLN A 56 -6.92 9.12 6.88
C GLN A 56 -7.05 10.64 6.94
N ASP A 57 -8.24 11.15 6.64
CA ASP A 57 -8.49 12.57 6.66
C ASP A 57 -8.85 13.04 8.06
N SER A 58 -8.92 14.36 8.25
CA SER A 58 -9.24 14.94 9.55
C SER A 58 -10.65 14.55 9.98
N ASN A 59 -11.51 14.28 9.00
CA ASN A 59 -12.88 13.91 9.27
C ASN A 59 -13.01 12.41 9.53
N ARG A 60 -12.12 11.89 10.37
CA ARG A 60 -12.12 10.47 10.71
C ARG A 60 -12.59 9.64 9.52
N PHE A 61 -12.22 10.05 8.32
CA PHE A 61 -12.60 9.35 7.10
C PHE A 61 -11.38 8.82 6.37
N PHE A 62 -11.30 7.50 6.23
CA PHE A 62 -10.18 6.87 5.55
C PHE A 62 -10.49 6.68 4.06
N THR A 63 -9.45 6.41 3.28
CA THR A 63 -9.60 6.20 1.85
C THR A 63 -8.55 5.24 1.31
N CYS A 64 -9.00 4.14 0.72
CA CYS A 64 -8.11 3.14 0.17
C CYS A 64 -7.67 3.51 -1.25
N TRP A 65 -6.44 3.98 -1.39
CA TRP A 65 -5.92 4.39 -2.68
C TRP A 65 -5.30 3.19 -3.41
N ASN A 66 -5.89 2.84 -4.55
CA ASN A 66 -5.40 1.72 -5.34
C ASN A 66 -4.90 2.19 -6.70
N ARG A 67 -3.70 1.73 -7.09
CA ARG A 67 -3.11 2.10 -8.36
C ARG A 67 -2.35 0.92 -8.97
N TRP A 68 -2.85 0.44 -10.11
CA TRP A 68 -2.22 -0.68 -10.80
C TRP A 68 -1.82 -0.29 -12.22
N GLY A 69 -0.91 -1.07 -12.81
CA GLY A 69 -0.47 -0.80 -14.16
C GLY A 69 0.91 -1.37 -14.44
N ARG A 70 1.45 -1.06 -15.61
CA ARG A 70 2.76 -1.55 -16.01
C ARG A 70 3.86 -0.90 -15.17
N VAL A 71 4.81 -1.72 -14.73
CA VAL A 71 5.93 -1.22 -13.93
C VAL A 71 6.62 -0.05 -14.60
N GLY A 72 6.56 1.11 -13.97
CA GLY A 72 7.19 2.30 -14.52
C GLY A 72 6.18 3.38 -14.85
N GLU A 73 5.02 2.99 -15.38
CA GLU A 73 3.98 3.94 -15.74
C GLU A 73 3.02 4.16 -14.57
N VAL A 74 2.14 5.15 -14.71
CA VAL A 74 1.16 5.45 -13.67
C VAL A 74 0.08 4.38 -13.61
N GLY A 75 -0.41 3.97 -14.76
CA GLY A 75 -1.44 2.95 -14.81
C GLY A 75 -2.82 3.50 -14.53
N GLN A 76 -3.73 2.64 -14.10
CA GLN A 76 -5.10 3.05 -13.79
C GLN A 76 -5.18 3.67 -12.40
N SER A 77 -6.32 4.27 -12.09
CA SER A 77 -6.53 4.91 -10.79
C SER A 77 -7.84 4.46 -10.17
N LYS A 78 -7.77 3.94 -8.95
CA LYS A 78 -8.96 3.48 -8.25
C LYS A 78 -8.92 3.90 -6.78
N ILE A 79 -9.84 4.77 -6.39
CA ILE A 79 -9.92 5.25 -5.02
C ILE A 79 -11.22 4.84 -4.36
N ASN A 80 -11.13 4.38 -3.11
CA ASN A 80 -12.31 3.94 -2.37
C ASN A 80 -12.40 4.67 -1.03
N HIS A 81 -13.53 5.32 -0.78
CA HIS A 81 -13.74 6.05 0.46
C HIS A 81 -14.55 5.21 1.44
N PHE A 82 -14.16 5.26 2.72
CA PHE A 82 -14.85 4.51 3.76
C PHE A 82 -15.08 5.37 5.00
N THR A 83 -16.29 5.31 5.53
CA THR A 83 -16.65 6.08 6.72
C THR A 83 -16.14 5.42 7.99
N ARG A 84 -16.21 4.08 8.02
CA ARG A 84 -15.76 3.33 9.18
C ARG A 84 -14.32 2.85 8.98
N LEU A 85 -13.53 2.95 10.04
CA LEU A 85 -12.13 2.54 9.99
C LEU A 85 -12.02 1.04 9.67
N GLU A 86 -12.56 0.22 10.56
CA GLU A 86 -12.51 -1.23 10.36
C GLU A 86 -12.99 -1.61 8.96
N ASP A 87 -14.05 -0.95 8.51
CA ASP A 87 -14.60 -1.22 7.18
C ASP A 87 -13.53 -1.12 6.11
N ALA A 88 -12.70 -0.08 6.21
CA ALA A 88 -11.62 0.13 5.25
C ALA A 88 -10.53 -0.92 5.40
N LYS A 89 -10.20 -1.23 6.66
CA LYS A 89 -9.17 -2.22 6.95
C LYS A 89 -9.50 -3.55 6.29
N LYS A 90 -10.75 -3.99 6.44
CA LYS A 90 -11.20 -5.25 5.86
C LYS A 90 -10.88 -5.31 4.37
N ASP A 91 -11.06 -4.18 3.69
CA ASP A 91 -10.80 -4.10 2.25
C ASP A 91 -9.30 -4.03 1.99
N PHE A 92 -8.63 -3.12 2.67
CA PHE A 92 -7.19 -2.95 2.50
C PHE A 92 -6.46 -4.28 2.68
N GLU A 93 -6.80 -5.00 3.74
CA GLU A 93 -6.18 -6.30 4.03
C GLU A 93 -6.64 -7.35 3.02
N LYS A 94 -7.94 -7.50 2.88
CA LYS A 94 -8.51 -8.47 1.95
C LYS A 94 -7.76 -8.45 0.62
N LYS A 95 -7.71 -7.29 -0.01
CA LYS A 95 -7.01 -7.14 -1.29
C LYS A 95 -5.61 -7.71 -1.21
N PHE A 96 -4.89 -7.36 -0.14
CA PHE A 96 -3.52 -7.84 0.06
C PHE A 96 -3.49 -9.36 0.18
N ARG A 97 -4.15 -9.88 1.21
CA ARG A 97 -4.20 -11.32 1.45
C ARG A 97 -4.71 -12.05 0.21
N GLU A 98 -5.57 -11.39 -0.56
CA GLU A 98 -6.13 -11.98 -1.76
C GLU A 98 -5.10 -12.00 -2.89
N LYS A 99 -4.13 -11.10 -2.81
CA LYS A 99 -3.09 -11.03 -3.83
C LYS A 99 -1.81 -11.72 -3.35
N THR A 100 -1.70 -11.90 -2.04
CA THR A 100 -0.53 -12.56 -1.45
C THR A 100 -0.92 -13.84 -0.73
N LYS A 101 -2.19 -14.22 -0.86
CA LYS A 101 -2.69 -15.44 -0.23
C LYS A 101 -2.08 -15.61 1.16
N ASN A 102 -1.90 -14.50 1.87
CA ASN A 102 -1.33 -14.54 3.21
C ASN A 102 -1.99 -13.49 4.10
N ASN A 103 -1.80 -13.63 5.41
CA ASN A 103 -2.37 -12.68 6.37
C ASN A 103 -1.43 -11.50 6.58
N TRP A 104 -2.02 -10.31 6.72
CA TRP A 104 -1.25 -9.10 6.94
C TRP A 104 -0.53 -9.14 8.28
N ALA A 105 -1.19 -9.71 9.28
CA ALA A 105 -0.62 -9.82 10.61
C ALA A 105 0.50 -10.84 10.66
N GLU A 106 0.32 -11.95 9.94
CA GLU A 106 1.31 -13.02 9.90
C GLU A 106 2.25 -12.82 8.72
N ARG A 107 2.57 -11.57 8.43
CA ARG A 107 3.47 -11.24 7.32
C ARG A 107 4.85 -11.84 7.55
N ASP A 108 5.13 -12.21 8.80
CA ASP A 108 6.42 -12.81 9.15
C ASP A 108 6.69 -14.05 8.30
N HIS A 109 5.70 -14.93 8.21
CA HIS A 109 5.83 -16.16 7.44
C HIS A 109 5.27 -15.98 6.04
N PHE A 110 5.47 -14.79 5.46
CA PHE A 110 4.98 -14.49 4.13
C PHE A 110 5.46 -15.54 3.12
N VAL A 111 4.52 -16.28 2.55
CA VAL A 111 4.85 -17.31 1.57
C VAL A 111 4.48 -16.87 0.16
N SER A 112 5.50 -16.70 -0.69
CA SER A 112 5.28 -16.28 -2.06
C SER A 112 4.89 -17.47 -2.93
N HIS A 113 4.00 -17.22 -3.90
CA HIS A 113 3.56 -18.27 -4.81
C HIS A 113 3.76 -17.85 -6.26
N PRO A 114 4.00 -18.86 -7.13
CA PRO A 114 4.22 -18.61 -8.56
C PRO A 114 2.95 -18.16 -9.27
N GLY A 115 2.95 -16.92 -9.75
CA GLY A 115 1.79 -16.39 -10.44
C GLY A 115 1.11 -15.28 -9.66
N LYS A 116 1.03 -15.45 -8.34
CA LYS A 116 0.40 -14.46 -7.48
C LYS A 116 1.31 -13.27 -7.25
N TYR A 117 0.82 -12.27 -6.51
CA TYR A 117 1.60 -11.08 -6.22
C TYR A 117 2.62 -11.36 -5.11
N THR A 118 3.72 -10.61 -5.14
CA THR A 118 4.78 -10.77 -4.14
C THR A 118 4.80 -9.60 -3.17
N LEU A 119 5.52 -9.77 -2.07
CA LEU A 119 5.62 -8.72 -1.06
C LEU A 119 7.02 -8.11 -1.04
N ILE A 120 7.13 -6.87 -1.52
CA ILE A 120 8.42 -6.19 -1.55
C ILE A 120 8.42 -4.98 -0.62
N GLU A 121 9.60 -4.41 -0.42
CA GLU A 121 9.73 -3.24 0.46
C GLU A 121 10.25 -2.04 -0.32
N VAL A 122 10.26 -2.14 -1.64
CA VAL A 122 10.73 -1.07 -2.50
C VAL A 122 12.10 -0.58 -2.05
N GLN A 123 12.70 0.30 -2.85
CA GLN A 123 14.02 0.85 -2.53
C GLN A 123 14.05 2.35 -2.74
N ALA A 124 14.30 3.10 -1.67
CA ALA A 124 14.35 4.55 -1.74
C ALA A 124 15.73 5.03 -2.20
N GLY A 1 19.90 26.35 20.78
CA GLY A 1 19.48 25.44 19.73
C GLY A 1 18.83 24.19 20.28
N SER A 2 18.56 23.23 19.39
CA SER A 2 17.93 21.98 19.79
C SER A 2 17.95 20.97 18.64
N SER A 3 18.44 19.76 18.94
CA SER A 3 18.52 18.71 17.93
C SER A 3 19.18 17.46 18.51
N GLY A 4 18.54 16.31 18.28
CA GLY A 4 19.09 15.06 18.78
C GLY A 4 18.03 13.97 18.87
N SER A 5 18.47 12.72 18.92
CA SER A 5 17.56 11.59 19.01
C SER A 5 18.33 10.28 19.19
N SER A 6 17.76 9.38 19.99
CA SER A 6 18.39 8.10 20.25
C SER A 6 17.36 7.07 20.72
N GLY A 7 17.22 5.99 19.96
CA GLY A 7 16.27 4.95 20.32
C GLY A 7 16.16 3.88 19.25
N ALA A 8 14.99 3.26 19.16
CA ALA A 8 14.75 2.21 18.18
C ALA A 8 14.42 2.81 16.82
N GLU A 9 14.99 2.23 15.76
CA GLU A 9 14.75 2.70 14.40
C GLU A 9 13.29 3.08 14.21
N LYS A 10 13.06 4.20 13.53
CA LYS A 10 11.70 4.68 13.27
C LYS A 10 11.40 4.65 11.77
N ARG A 11 10.18 4.26 11.43
CA ARG A 11 9.77 4.19 10.04
C ARG A 11 8.85 5.37 9.69
N ILE A 12 8.99 5.87 8.47
CA ILE A 12 8.18 6.99 8.01
C ILE A 12 7.53 6.69 6.66
N ILE A 13 6.30 7.18 6.49
CA ILE A 13 5.57 6.96 5.24
C ILE A 13 5.18 8.29 4.59
N ARG A 14 4.93 8.24 3.30
CA ARG A 14 4.54 9.44 2.56
C ARG A 14 3.39 9.14 1.60
N VAL A 15 2.34 9.96 1.67
CA VAL A 15 1.18 9.78 0.80
C VAL A 15 1.58 9.77 -0.67
N ASP A 16 1.37 8.64 -1.33
CA ASP A 16 1.71 8.51 -2.74
C ASP A 16 1.43 9.81 -3.50
N PRO A 17 2.31 10.14 -4.45
CA PRO A 17 2.18 11.35 -5.26
C PRO A 17 1.01 11.27 -6.23
N THR A 18 0.85 10.13 -6.88
CA THR A 18 -0.23 9.92 -7.83
C THR A 18 -1.58 10.25 -7.21
N CYS A 19 -1.69 10.09 -5.90
CA CYS A 19 -2.92 10.37 -5.18
C CYS A 19 -3.16 11.86 -5.06
N PRO A 20 -4.39 12.30 -5.31
CA PRO A 20 -4.77 13.71 -5.24
C PRO A 20 -4.78 14.24 -3.81
N LEU A 21 -5.47 13.53 -2.93
CA LEU A 21 -5.56 13.92 -1.53
C LEU A 21 -4.20 14.40 -1.01
N SER A 22 -3.15 13.76 -1.49
CA SER A 22 -1.79 14.12 -1.07
C SER A 22 -1.64 15.64 -0.97
N SER A 23 -2.14 16.34 -1.98
CA SER A 23 -2.06 17.80 -2.00
C SER A 23 -2.76 18.40 -0.79
N ASN A 24 -3.98 17.95 -0.53
CA ASN A 24 -4.76 18.46 0.60
C ASN A 24 -3.97 18.33 1.90
N PRO A 25 -3.89 19.43 2.66
CA PRO A 25 -3.18 19.46 3.94
C PRO A 25 -3.88 18.64 5.02
N GLY A 26 -3.10 17.83 5.73
CA GLY A 26 -3.67 17.01 6.77
C GLY A 26 -3.75 15.54 6.38
N THR A 27 -4.07 15.29 5.12
CA THR A 27 -4.19 13.93 4.61
C THR A 27 -2.85 13.21 4.64
N GLN A 28 -2.74 12.22 5.52
CA GLN A 28 -1.50 11.45 5.65
C GLN A 28 -1.78 9.95 5.62
N VAL A 29 -0.75 9.16 5.34
CA VAL A 29 -0.90 7.70 5.28
C VAL A 29 -1.08 7.12 6.68
N TYR A 30 -2.28 6.61 6.95
CA TYR A 30 -2.59 6.02 8.24
C TYR A 30 -1.54 4.98 8.63
N GLU A 31 -1.03 5.10 9.85
CA GLU A 31 -0.02 4.17 10.35
C GLU A 31 0.95 3.78 9.24
N ASP A 32 1.39 2.53 9.25
CA ASP A 32 2.33 2.03 8.25
C ASP A 32 1.63 1.10 7.27
N TYR A 33 0.42 1.47 6.86
CA TYR A 33 -0.35 0.67 5.93
C TYR A 33 0.05 0.98 4.48
N ASN A 34 1.24 0.54 4.10
CA ASN A 34 1.74 0.76 2.75
C ASN A 34 2.63 -0.39 2.30
N CYS A 35 2.08 -1.25 1.45
CA CYS A 35 2.82 -2.41 0.95
C CYS A 35 2.82 -2.43 -0.58
N THR A 36 3.98 -2.74 -1.16
CA THR A 36 4.12 -2.78 -2.60
C THR A 36 4.03 -4.22 -3.12
N LEU A 37 3.20 -4.43 -4.13
CA LEU A 37 3.02 -5.75 -4.71
C LEU A 37 3.47 -5.78 -6.17
N ASN A 38 4.10 -6.87 -6.58
CA ASN A 38 4.57 -7.02 -7.95
C ASN A 38 3.90 -8.21 -8.63
N GLN A 39 3.91 -8.20 -9.97
CA GLN A 39 3.31 -9.29 -10.73
C GLN A 39 3.94 -9.39 -12.12
N THR A 40 4.79 -10.39 -12.30
CA THR A 40 5.47 -10.59 -13.58
C THR A 40 4.97 -11.85 -14.27
N ASN A 41 5.14 -11.91 -15.59
CA ASN A 41 4.70 -13.06 -16.38
C ASN A 41 5.60 -13.27 -17.58
N ILE A 42 5.79 -14.53 -17.97
CA ILE A 42 6.63 -14.86 -19.11
C ILE A 42 5.91 -14.55 -20.42
N GLU A 43 5.40 -13.34 -20.54
CA GLU A 43 4.70 -12.91 -21.75
C GLU A 43 5.14 -11.52 -22.18
N ASN A 44 5.87 -11.45 -23.28
CA ASN A 44 6.35 -10.17 -23.80
C ASN A 44 6.88 -9.28 -22.67
N ASN A 45 7.58 -9.91 -21.73
CA ASN A 45 8.14 -9.17 -20.59
C ASN A 45 7.08 -8.26 -19.96
N ASN A 46 5.95 -8.84 -19.59
CA ASN A 46 4.87 -8.09 -18.97
C ASN A 46 5.11 -7.91 -17.47
N ASN A 47 5.31 -6.66 -17.06
CA ASN A 47 5.56 -6.35 -15.66
C ASN A 47 4.57 -5.30 -15.16
N LYS A 48 3.89 -5.61 -14.06
CA LYS A 48 2.92 -4.69 -13.47
C LYS A 48 3.27 -4.39 -12.02
N PHE A 49 2.49 -3.51 -11.40
CA PHE A 49 2.73 -3.12 -10.01
C PHE A 49 1.42 -2.72 -9.34
N TYR A 50 1.17 -3.26 -8.16
CA TYR A 50 -0.04 -2.95 -7.40
C TYR A 50 0.29 -2.28 -6.07
N ILE A 51 -0.21 -1.07 -5.88
CA ILE A 51 0.04 -0.32 -4.66
C ILE A 51 -1.25 -0.17 -3.85
N ILE A 52 -1.15 -0.39 -2.54
CA ILE A 52 -2.30 -0.28 -1.65
C ILE A 52 -1.92 0.42 -0.35
N GLN A 53 -2.34 1.66 -0.20
CA GLN A 53 -2.05 2.43 1.01
C GLN A 53 -3.33 2.90 1.69
N LEU A 54 -3.29 2.97 3.01
CA LEU A 54 -4.46 3.40 3.78
C LEU A 54 -4.29 4.83 4.27
N LEU A 55 -5.10 5.73 3.72
CA LEU A 55 -5.06 7.14 4.11
C LEU A 55 -6.12 7.46 5.14
N GLN A 56 -5.87 8.48 5.96
CA GLN A 56 -6.80 8.89 7.00
C GLN A 56 -7.03 10.39 6.96
N ASP A 57 -8.26 10.80 6.66
CA ASP A 57 -8.60 12.21 6.59
C ASP A 57 -8.85 12.78 7.99
N SER A 58 -8.96 14.10 8.08
CA SER A 58 -9.19 14.76 9.35
C SER A 58 -10.65 14.61 9.79
N ASN A 59 -11.51 14.30 8.82
CA ASN A 59 -12.94 14.12 9.11
C ASN A 59 -13.25 12.67 9.43
N ARG A 60 -12.42 12.06 10.27
CA ARG A 60 -12.61 10.67 10.66
C ARG A 60 -13.06 9.82 9.47
N PHE A 61 -12.42 10.05 8.33
CA PHE A 61 -12.77 9.31 7.11
C PHE A 61 -11.50 8.84 6.39
N PHE A 62 -11.36 7.53 6.26
CA PHE A 62 -10.19 6.95 5.59
C PHE A 62 -10.46 6.76 4.09
N THR A 63 -9.39 6.52 3.33
CA THR A 63 -9.51 6.31 1.90
C THR A 63 -8.50 5.30 1.40
N CYS A 64 -8.99 4.23 0.78
CA CYS A 64 -8.11 3.18 0.25
C CYS A 64 -7.62 3.54 -1.15
N TRP A 65 -6.37 3.98 -1.23
CA TRP A 65 -5.78 4.35 -2.51
C TRP A 65 -5.17 3.14 -3.20
N ASN A 66 -5.73 2.78 -4.36
CA ASN A 66 -5.25 1.64 -5.12
C ASN A 66 -4.86 2.05 -6.53
N ARG A 67 -3.61 1.82 -6.89
CA ARG A 67 -3.10 2.18 -8.22
C ARG A 67 -2.35 1.01 -8.84
N TRP A 68 -2.85 0.51 -9.96
CA TRP A 68 -2.22 -0.61 -10.66
C TRP A 68 -1.98 -0.27 -12.13
N GLY A 69 -1.15 -1.06 -12.78
CA GLY A 69 -0.84 -0.83 -14.18
C GLY A 69 0.52 -1.37 -14.57
N ARG A 70 1.08 -0.82 -15.65
CA ARG A 70 2.40 -1.24 -16.13
C ARG A 70 3.51 -0.53 -15.37
N VAL A 71 4.53 -1.29 -14.99
CA VAL A 71 5.66 -0.72 -14.26
C VAL A 71 6.26 0.47 -14.99
N GLY A 72 6.36 1.60 -14.29
CA GLY A 72 6.92 2.80 -14.90
C GLY A 72 5.85 3.82 -15.24
N GLU A 73 4.72 3.33 -15.75
CA GLU A 73 3.61 4.22 -16.13
C GLU A 73 2.57 4.29 -15.01
N VAL A 74 2.07 5.49 -14.76
CA VAL A 74 1.06 5.68 -13.73
C VAL A 74 0.04 4.55 -13.72
N GLY A 75 -0.34 4.10 -14.91
CA GLY A 75 -1.30 3.02 -15.03
C GLY A 75 -2.71 3.46 -14.68
N GLN A 76 -3.52 2.53 -14.18
CA GLN A 76 -4.90 2.83 -13.83
C GLN A 76 -4.98 3.44 -12.43
N SER A 77 -6.03 4.21 -12.18
CA SER A 77 -6.21 4.86 -10.89
C SER A 77 -7.55 4.47 -10.28
N LYS A 78 -7.50 3.98 -9.04
CA LYS A 78 -8.71 3.56 -8.33
C LYS A 78 -8.64 3.96 -6.87
N ILE A 79 -9.59 4.81 -6.45
CA ILE A 79 -9.64 5.29 -5.08
C ILE A 79 -10.97 4.93 -4.43
N ASN A 80 -10.92 4.54 -3.15
CA ASN A 80 -12.13 4.18 -2.42
C ASN A 80 -12.21 4.93 -1.09
N HIS A 81 -13.41 5.38 -0.74
CA HIS A 81 -13.62 6.11 0.50
C HIS A 81 -14.50 5.32 1.46
N PHE A 82 -14.03 5.17 2.70
CA PHE A 82 -14.78 4.43 3.71
C PHE A 82 -15.03 5.30 4.94
N THR A 83 -16.25 5.25 5.46
CA THR A 83 -16.61 6.03 6.64
C THR A 83 -16.05 5.40 7.90
N ARG A 84 -16.15 4.08 8.01
CA ARG A 84 -15.64 3.37 9.16
C ARG A 84 -14.20 2.92 8.94
N LEU A 85 -13.44 2.85 10.03
CA LEU A 85 -12.03 2.44 9.96
C LEU A 85 -11.93 0.94 9.71
N GLU A 86 -12.59 0.15 10.55
CA GLU A 86 -12.56 -1.30 10.41
C GLU A 86 -12.91 -1.72 8.99
N ASP A 87 -13.94 -1.10 8.43
CA ASP A 87 -14.37 -1.39 7.07
C ASP A 87 -13.22 -1.23 6.08
N ALA A 88 -12.48 -0.14 6.23
CA ALA A 88 -11.36 0.14 5.34
C ALA A 88 -10.26 -0.89 5.51
N LYS A 89 -9.99 -1.27 6.76
CA LYS A 89 -8.96 -2.26 7.06
C LYS A 89 -9.27 -3.59 6.40
N LYS A 90 -10.52 -4.02 6.52
CA LYS A 90 -10.96 -5.28 5.93
C LYS A 90 -10.71 -5.30 4.43
N ASP A 91 -11.01 -4.19 3.77
CA ASP A 91 -10.81 -4.08 2.33
C ASP A 91 -9.32 -4.01 1.99
N PHE A 92 -8.63 -3.04 2.59
CA PHE A 92 -7.21 -2.87 2.34
C PHE A 92 -6.45 -4.18 2.55
N GLU A 93 -6.74 -4.85 3.67
CA GLU A 93 -6.09 -6.11 3.99
C GLU A 93 -6.56 -7.22 3.06
N LYS A 94 -7.88 -7.45 3.04
CA LYS A 94 -8.46 -8.48 2.20
C LYS A 94 -7.78 -8.51 0.82
N LYS A 95 -7.76 -7.35 0.16
CA LYS A 95 -7.15 -7.23 -1.15
C LYS A 95 -5.73 -7.79 -1.14
N PHE A 96 -4.91 -7.30 -0.21
CA PHE A 96 -3.53 -7.74 -0.08
C PHE A 96 -3.46 -9.25 0.16
N ARG A 97 -4.08 -9.70 1.25
CA ARG A 97 -4.08 -11.11 1.59
C ARG A 97 -4.54 -11.96 0.41
N GLU A 98 -5.43 -11.40 -0.41
CA GLU A 98 -5.95 -12.11 -1.58
C GLU A 98 -4.93 -12.09 -2.71
N LYS A 99 -4.11 -11.05 -2.76
CA LYS A 99 -3.09 -10.91 -3.80
C LYS A 99 -1.81 -11.61 -3.39
N THR A 100 -1.63 -11.81 -2.08
CA THR A 100 -0.45 -12.47 -1.56
C THR A 100 -0.80 -13.77 -0.87
N LYS A 101 -2.09 -14.08 -0.81
CA LYS A 101 -2.57 -15.31 -0.18
C LYS A 101 -1.94 -15.48 1.20
N ASN A 102 -1.84 -14.38 1.94
CA ASN A 102 -1.25 -14.42 3.27
C ASN A 102 -1.82 -13.30 4.15
N ASN A 103 -1.99 -13.59 5.44
CA ASN A 103 -2.52 -12.61 6.37
C ASN A 103 -1.52 -11.48 6.61
N TRP A 104 -2.03 -10.25 6.69
CA TRP A 104 -1.17 -9.09 6.92
C TRP A 104 -0.49 -9.17 8.27
N ALA A 105 -1.20 -9.70 9.27
CA ALA A 105 -0.66 -9.83 10.61
C ALA A 105 0.42 -10.92 10.66
N GLU A 106 0.19 -12.00 9.94
CA GLU A 106 1.14 -13.11 9.91
C GLU A 106 2.11 -12.95 8.75
N ARG A 107 2.52 -11.71 8.50
CA ARG A 107 3.45 -11.42 7.42
C ARG A 107 4.79 -12.11 7.65
N ASP A 108 5.04 -12.49 8.90
CA ASP A 108 6.28 -13.16 9.26
C ASP A 108 6.51 -14.40 8.39
N HIS A 109 5.45 -15.19 8.20
CA HIS A 109 5.52 -16.39 7.39
C HIS A 109 4.97 -16.14 5.99
N PHE A 110 5.28 -14.97 5.44
CA PHE A 110 4.80 -14.61 4.10
C PHE A 110 5.22 -15.66 3.08
N VAL A 111 4.25 -16.41 2.58
CA VAL A 111 4.51 -17.45 1.59
C VAL A 111 4.22 -16.95 0.18
N SER A 112 5.28 -16.65 -0.56
CA SER A 112 5.14 -16.16 -1.92
C SER A 112 4.77 -17.30 -2.88
N HIS A 113 3.49 -17.39 -3.21
CA HIS A 113 3.00 -18.43 -4.11
C HIS A 113 3.36 -18.11 -5.56
N PRO A 114 3.63 -19.16 -6.35
CA PRO A 114 4.00 -19.01 -7.75
C PRO A 114 2.84 -18.54 -8.62
N GLY A 115 3.01 -17.39 -9.26
CA GLY A 115 1.96 -16.86 -10.11
C GLY A 115 1.30 -15.63 -9.51
N LYS A 116 1.06 -15.67 -8.20
CA LYS A 116 0.44 -14.55 -7.50
C LYS A 116 1.42 -13.40 -7.33
N TYR A 117 0.98 -12.34 -6.66
CA TYR A 117 1.81 -11.17 -6.44
C TYR A 117 2.90 -11.47 -5.40
N THR A 118 3.78 -10.51 -5.18
CA THR A 118 4.86 -10.66 -4.21
C THR A 118 4.92 -9.47 -3.26
N LEU A 119 5.63 -9.65 -2.15
CA LEU A 119 5.77 -8.60 -1.15
C LEU A 119 7.16 -7.95 -1.23
N ILE A 120 7.20 -6.70 -1.66
CA ILE A 120 8.46 -5.97 -1.78
C ILE A 120 8.46 -4.74 -0.89
N GLU A 121 9.62 -4.09 -0.80
CA GLU A 121 9.76 -2.90 0.02
C GLU A 121 10.20 -1.70 -0.82
N VAL A 122 10.04 -1.82 -2.13
CA VAL A 122 10.42 -0.76 -3.05
C VAL A 122 11.84 -0.27 -2.78
N GLN A 123 12.34 0.59 -3.65
CA GLN A 123 13.69 1.13 -3.51
C GLN A 123 13.79 2.53 -4.09
N ALA A 124 14.04 3.52 -3.23
CA ALA A 124 14.15 4.90 -3.66
C ALA A 124 13.02 5.28 -4.61
N GLY A 1 18.06 17.39 15.51
CA GLY A 1 17.97 16.75 16.82
C GLY A 1 18.87 15.54 16.94
N SER A 2 19.25 15.21 18.18
CA SER A 2 20.13 14.07 18.43
C SER A 2 19.34 12.88 18.95
N SER A 3 18.51 13.12 19.96
CA SER A 3 17.69 12.07 20.55
C SER A 3 18.54 10.85 20.89
N GLY A 4 19.02 10.81 22.13
CA GLY A 4 19.85 9.69 22.56
C GLY A 4 19.04 8.44 22.83
N SER A 5 19.73 7.32 23.04
CA SER A 5 19.07 6.05 23.30
C SER A 5 17.95 5.80 22.29
N SER A 6 18.32 5.29 21.13
CA SER A 6 17.35 5.01 20.07
C SER A 6 17.48 3.58 19.58
N GLY A 7 16.44 2.77 19.81
CA GLY A 7 16.46 1.39 19.38
C GLY A 7 16.68 1.25 17.89
N ALA A 8 15.75 1.78 17.10
CA ALA A 8 15.86 1.71 15.65
C ALA A 8 15.09 2.85 14.98
N GLU A 9 15.72 3.50 14.02
CA GLU A 9 15.10 4.61 13.30
C GLU A 9 13.68 4.26 12.88
N LYS A 10 12.70 4.91 13.52
CA LYS A 10 11.30 4.66 13.21
C LYS A 10 11.06 4.64 11.70
N ARG A 11 9.94 4.07 11.29
CA ARG A 11 9.59 3.99 9.88
C ARG A 11 8.62 5.10 9.48
N ILE A 12 8.99 5.85 8.45
CA ILE A 12 8.16 6.94 7.97
C ILE A 12 7.46 6.57 6.67
N ILE A 13 6.25 7.09 6.48
CA ILE A 13 5.48 6.80 5.28
C ILE A 13 5.12 8.09 4.54
N ARG A 14 5.27 8.07 3.22
CA ARG A 14 4.96 9.24 2.40
C ARG A 14 3.74 8.98 1.52
N VAL A 15 2.79 9.91 1.54
CA VAL A 15 1.58 9.78 0.73
C VAL A 15 1.91 9.75 -0.75
N ASP A 16 1.69 8.59 -1.38
CA ASP A 16 1.96 8.43 -2.81
C ASP A 16 1.63 9.72 -3.56
N PRO A 17 2.47 10.04 -4.56
CA PRO A 17 2.29 11.23 -5.39
C PRO A 17 1.08 11.13 -6.31
N THR A 18 0.91 9.97 -6.93
CA THR A 18 -0.21 9.75 -7.83
C THR A 18 -1.54 10.05 -7.16
N CYS A 19 -1.57 9.88 -5.83
CA CYS A 19 -2.79 10.14 -5.06
C CYS A 19 -3.02 11.64 -4.91
N PRO A 20 -4.27 12.07 -5.17
CA PRO A 20 -4.66 13.48 -5.07
C PRO A 20 -4.68 13.96 -3.62
N LEU A 21 -5.39 13.24 -2.76
CA LEU A 21 -5.50 13.60 -1.35
C LEU A 21 -4.17 14.13 -0.84
N SER A 22 -3.08 13.60 -1.36
CA SER A 22 -1.74 14.01 -0.94
C SER A 22 -1.66 15.54 -0.82
N SER A 23 -2.17 16.23 -1.85
CA SER A 23 -2.16 17.69 -1.85
C SER A 23 -2.82 18.25 -0.60
N ASN A 24 -3.99 17.73 -0.27
CA ASN A 24 -4.72 18.17 0.91
C ASN A 24 -3.89 18.01 2.17
N PRO A 25 -3.75 19.11 2.93
CA PRO A 25 -2.97 19.11 4.17
C PRO A 25 -3.65 18.31 5.28
N GLY A 26 -2.85 17.51 5.99
CA GLY A 26 -3.39 16.70 7.07
C GLY A 26 -3.56 15.24 6.67
N THR A 27 -3.90 15.01 5.41
CA THR A 27 -4.09 13.66 4.90
C THR A 27 -2.81 12.84 5.02
N GLN A 28 -2.79 11.93 6.00
CA GLN A 28 -1.62 11.09 6.21
C GLN A 28 -1.96 9.62 5.98
N VAL A 29 -0.94 8.78 5.94
CA VAL A 29 -1.14 7.35 5.72
C VAL A 29 -1.36 6.61 7.03
N TYR A 30 -2.61 6.26 7.30
CA TYR A 30 -2.97 5.56 8.52
C TYR A 30 -1.93 4.50 8.86
N GLU A 31 -1.29 4.66 10.02
CA GLU A 31 -0.27 3.72 10.46
C GLU A 31 0.76 3.48 9.36
N ASP A 32 1.26 2.25 9.29
CA ASP A 32 2.25 1.88 8.29
C ASP A 32 1.64 0.95 7.24
N TYR A 33 0.41 1.25 6.85
CA TYR A 33 -0.29 0.44 5.85
C TYR A 33 0.14 0.83 4.43
N ASN A 34 1.32 0.36 4.02
CA ASN A 34 1.84 0.65 2.70
C ASN A 34 2.79 -0.44 2.23
N CYS A 35 2.27 -1.38 1.43
CA CYS A 35 3.07 -2.48 0.92
C CYS A 35 3.00 -2.53 -0.60
N THR A 36 4.15 -2.76 -1.23
CA THR A 36 4.23 -2.84 -2.69
C THR A 36 4.14 -4.28 -3.16
N LEU A 37 3.36 -4.51 -4.21
CA LEU A 37 3.19 -5.85 -4.77
C LEU A 37 3.64 -5.89 -6.22
N ASN A 38 4.33 -6.95 -6.60
CA ASN A 38 4.80 -7.12 -7.97
C ASN A 38 4.15 -8.33 -8.64
N GLN A 39 4.06 -8.29 -9.96
CA GLN A 39 3.46 -9.37 -10.72
C GLN A 39 4.07 -9.47 -12.12
N THR A 40 4.89 -10.49 -12.32
CA THR A 40 5.55 -10.70 -13.61
C THR A 40 4.98 -11.93 -14.32
N ASN A 41 5.13 -11.96 -15.64
CA ASN A 41 4.64 -13.08 -16.44
C ASN A 41 5.52 -13.31 -17.66
N ILE A 42 5.64 -14.57 -18.06
CA ILE A 42 6.46 -14.92 -19.21
C ILE A 42 5.76 -14.56 -20.52
N GLU A 43 5.31 -13.31 -20.62
CA GLU A 43 4.63 -12.83 -21.81
C GLU A 43 5.17 -11.47 -22.24
N ASN A 44 5.91 -11.46 -23.34
CA ASN A 44 6.49 -10.21 -23.85
C ASN A 44 7.04 -9.36 -22.72
N ASN A 45 7.69 -10.02 -21.77
CA ASN A 45 8.28 -9.32 -20.63
C ASN A 45 7.29 -8.31 -20.04
N ASN A 46 6.10 -8.78 -19.71
CA ASN A 46 5.07 -7.93 -19.15
C ASN A 46 5.14 -7.92 -17.63
N ASN A 47 5.40 -6.75 -17.06
CA ASN A 47 5.50 -6.61 -15.61
C ASN A 47 4.53 -5.55 -15.10
N LYS A 48 3.85 -5.86 -14.00
CA LYS A 48 2.89 -4.94 -13.41
C LYS A 48 3.24 -4.64 -11.95
N PHE A 49 2.51 -3.72 -11.34
CA PHE A 49 2.74 -3.34 -9.95
C PHE A 49 1.44 -2.93 -9.27
N TYR A 50 1.19 -3.51 -8.10
CA TYR A 50 -0.02 -3.19 -7.35
C TYR A 50 0.32 -2.54 -6.02
N ILE A 51 -0.25 -1.37 -5.79
CA ILE A 51 -0.01 -0.63 -4.55
C ILE A 51 -1.30 -0.46 -3.75
N ILE A 52 -1.20 -0.65 -2.43
CA ILE A 52 -2.36 -0.52 -1.56
C ILE A 52 -1.99 0.21 -0.26
N GLN A 53 -2.46 1.43 -0.12
CA GLN A 53 -2.18 2.22 1.07
C GLN A 53 -3.47 2.70 1.72
N LEU A 54 -3.42 2.95 3.03
CA LEU A 54 -4.58 3.41 3.77
C LEU A 54 -4.38 4.83 4.27
N LEU A 55 -5.21 5.75 3.77
CA LEU A 55 -5.13 7.15 4.16
C LEU A 55 -6.24 7.51 5.14
N GLN A 56 -5.99 8.50 5.99
CA GLN A 56 -6.97 8.94 6.97
C GLN A 56 -7.15 10.46 6.92
N ASP A 57 -8.36 10.89 6.59
CA ASP A 57 -8.67 12.31 6.50
C ASP A 57 -9.03 12.88 7.87
N SER A 58 -9.08 14.20 7.96
CA SER A 58 -9.41 14.87 9.21
C SER A 58 -10.91 14.85 9.46
N ASN A 59 -11.66 14.30 8.50
CA ASN A 59 -13.11 14.22 8.62
C ASN A 59 -13.55 12.84 9.08
N ARG A 60 -12.78 12.25 9.99
CA ARG A 60 -13.09 10.93 10.52
C ARG A 60 -13.44 9.97 9.39
N PHE A 61 -12.81 10.16 8.23
CA PHE A 61 -13.05 9.33 7.07
C PHE A 61 -11.73 8.91 6.41
N PHE A 62 -11.63 7.64 6.05
CA PHE A 62 -10.42 7.11 5.42
C PHE A 62 -10.65 6.88 3.92
N THR A 63 -9.57 6.66 3.19
CA THR A 63 -9.65 6.43 1.75
C THR A 63 -8.60 5.42 1.31
N CYS A 64 -9.06 4.32 0.71
CA CYS A 64 -8.17 3.27 0.24
C CYS A 64 -7.65 3.60 -1.16
N TRP A 65 -6.38 3.98 -1.24
CA TRP A 65 -5.75 4.32 -2.51
C TRP A 65 -5.20 3.09 -3.20
N ASN A 66 -5.63 2.86 -4.44
CA ASN A 66 -5.17 1.71 -5.20
C ASN A 66 -4.57 2.14 -6.54
N ARG A 67 -3.35 1.70 -6.81
CA ARG A 67 -2.67 2.05 -8.05
C ARG A 67 -2.09 0.80 -8.71
N TRP A 68 -2.53 0.53 -9.94
CA TRP A 68 -2.05 -0.63 -10.69
C TRP A 68 -1.86 -0.29 -12.16
N GLY A 69 -1.22 -1.20 -12.88
CA GLY A 69 -0.98 -0.97 -14.30
C GLY A 69 0.36 -1.53 -14.76
N ARG A 70 1.11 -0.71 -15.50
CA ARG A 70 2.42 -1.13 -16.00
C ARG A 70 3.54 -0.55 -15.14
N VAL A 71 4.44 -1.42 -14.69
CA VAL A 71 5.56 -0.99 -13.86
C VAL A 71 6.26 0.22 -14.47
N GLY A 72 6.53 1.22 -13.63
CA GLY A 72 7.20 2.43 -14.10
C GLY A 72 6.22 3.57 -14.33
N GLU A 73 5.08 3.25 -14.93
CA GLU A 73 4.07 4.26 -15.22
C GLU A 73 3.00 4.29 -14.12
N VAL A 74 2.08 5.24 -14.23
CA VAL A 74 1.00 5.37 -13.26
C VAL A 74 -0.05 4.29 -13.44
N GLY A 75 -0.45 4.05 -14.69
CA GLY A 75 -1.44 3.03 -14.97
C GLY A 75 -2.85 3.52 -14.70
N GLN A 76 -3.68 2.63 -14.15
CA GLN A 76 -5.06 2.97 -13.84
C GLN A 76 -5.16 3.68 -12.49
N SER A 77 -6.33 4.21 -12.19
CA SER A 77 -6.56 4.91 -10.94
C SER A 77 -7.88 4.49 -10.30
N LYS A 78 -7.80 4.00 -9.07
CA LYS A 78 -8.99 3.55 -8.34
C LYS A 78 -8.93 3.98 -6.88
N ILE A 79 -9.89 4.80 -6.47
CA ILE A 79 -9.95 5.28 -5.10
C ILE A 79 -11.28 4.94 -4.45
N ASN A 80 -11.24 4.51 -3.19
CA ASN A 80 -12.45 4.15 -2.46
C ASN A 80 -12.47 4.82 -1.08
N HIS A 81 -13.51 5.60 -0.83
CA HIS A 81 -13.65 6.29 0.45
C HIS A 81 -14.53 5.49 1.41
N PHE A 82 -14.16 5.50 2.69
CA PHE A 82 -14.91 4.78 3.70
C PHE A 82 -15.16 5.66 4.93
N THR A 83 -16.40 5.72 5.38
CA THR A 83 -16.76 6.51 6.55
C THR A 83 -16.13 5.95 7.82
N ARG A 84 -16.21 4.62 7.97
CA ARG A 84 -15.65 3.95 9.14
C ARG A 84 -14.21 3.52 8.88
N LEU A 85 -13.45 3.38 9.96
CA LEU A 85 -12.05 2.97 9.84
C LEU A 85 -11.94 1.46 9.62
N GLU A 86 -12.55 0.70 10.52
CA GLU A 86 -12.53 -0.75 10.41
C GLU A 86 -12.90 -1.22 9.01
N ASP A 87 -13.99 -0.68 8.49
CA ASP A 87 -14.47 -1.02 7.16
C ASP A 87 -13.33 -0.94 6.14
N ALA A 88 -12.53 0.12 6.25
CA ALA A 88 -11.41 0.33 5.34
C ALA A 88 -10.32 -0.73 5.56
N LYS A 89 -9.99 -0.97 6.82
CA LYS A 89 -8.98 -1.95 7.17
C LYS A 89 -9.28 -3.30 6.53
N LYS A 90 -10.55 -3.71 6.58
CA LYS A 90 -10.97 -4.97 6.01
C LYS A 90 -10.68 -5.02 4.51
N ASP A 91 -10.96 -3.92 3.82
CA ASP A 91 -10.72 -3.83 2.38
C ASP A 91 -9.23 -3.90 2.08
N PHE A 92 -8.43 -3.14 2.83
CA PHE A 92 -7.00 -3.11 2.64
C PHE A 92 -6.40 -4.51 2.79
N GLU A 93 -6.64 -5.12 3.95
CA GLU A 93 -6.14 -6.46 4.22
C GLU A 93 -6.71 -7.48 3.24
N LYS A 94 -8.04 -7.48 3.12
CA LYS A 94 -8.72 -8.41 2.22
C LYS A 94 -8.02 -8.46 0.87
N LYS A 95 -7.89 -7.30 0.23
CA LYS A 95 -7.24 -7.22 -1.07
C LYS A 95 -5.83 -7.81 -1.01
N PHE A 96 -5.01 -7.25 -0.14
CA PHE A 96 -3.63 -7.72 0.02
C PHE A 96 -3.58 -9.25 0.09
N ARG A 97 -4.26 -9.81 1.08
CA ARG A 97 -4.29 -11.26 1.27
C ARG A 97 -4.87 -11.95 0.04
N GLU A 98 -5.79 -11.27 -0.63
CA GLU A 98 -6.44 -11.82 -1.82
C GLU A 98 -5.46 -11.84 -3.01
N LYS A 99 -4.45 -10.96 -2.94
CA LYS A 99 -3.46 -10.87 -4.00
C LYS A 99 -2.21 -11.67 -3.64
N THR A 100 -1.95 -11.80 -2.34
CA THR A 100 -0.78 -12.54 -1.86
C THR A 100 -1.20 -13.83 -1.16
N LYS A 101 -2.49 -14.14 -1.23
CA LYS A 101 -3.02 -15.35 -0.61
C LYS A 101 -2.36 -15.59 0.75
N ASN A 102 -2.09 -14.50 1.46
CA ASN A 102 -1.47 -14.60 2.79
C ASN A 102 -2.06 -13.55 3.73
N ASN A 103 -1.77 -13.70 5.02
CA ASN A 103 -2.26 -12.77 6.02
C ASN A 103 -1.27 -11.65 6.26
N TRP A 104 -1.78 -10.45 6.51
CA TRP A 104 -0.94 -9.28 6.76
C TRP A 104 -0.24 -9.38 8.11
N ALA A 105 -0.96 -9.94 9.09
CA ALA A 105 -0.41 -10.10 10.43
C ALA A 105 0.76 -11.07 10.44
N GLU A 106 0.71 -12.06 9.56
CA GLU A 106 1.77 -13.06 9.46
C GLU A 106 2.87 -12.59 8.51
N ARG A 107 3.00 -11.28 8.38
CA ARG A 107 4.02 -10.70 7.50
C ARG A 107 5.39 -11.31 7.77
N ASP A 108 5.56 -11.83 8.98
CA ASP A 108 6.83 -12.45 9.38
C ASP A 108 7.19 -13.57 8.42
N HIS A 109 6.26 -14.47 8.17
CA HIS A 109 6.49 -15.60 7.27
C HIS A 109 5.65 -15.45 5.99
N PHE A 110 5.65 -14.25 5.43
CA PHE A 110 4.89 -13.98 4.21
C PHE A 110 5.29 -14.95 3.11
N VAL A 111 4.42 -15.91 2.84
CA VAL A 111 4.67 -16.91 1.80
C VAL A 111 4.48 -16.31 0.40
N SER A 112 5.44 -16.56 -0.48
CA SER A 112 5.38 -16.05 -1.83
C SER A 112 5.08 -17.17 -2.83
N HIS A 113 3.86 -17.21 -3.32
CA HIS A 113 3.44 -18.24 -4.28
C HIS A 113 3.87 -17.85 -5.69
N PRO A 114 4.18 -18.87 -6.51
CA PRO A 114 4.60 -18.67 -7.90
C PRO A 114 3.47 -18.18 -8.78
N GLY A 115 3.59 -16.94 -9.27
CA GLY A 115 2.57 -16.37 -10.13
C GLY A 115 1.78 -15.28 -9.43
N LYS A 116 1.49 -15.48 -8.15
CA LYS A 116 0.73 -14.51 -7.38
C LYS A 116 1.57 -13.28 -7.08
N TYR A 117 0.95 -12.26 -6.48
CA TYR A 117 1.64 -11.03 -6.14
C TYR A 117 2.67 -11.27 -5.04
N THR A 118 3.82 -10.62 -5.16
CA THR A 118 4.89 -10.76 -4.17
C THR A 118 4.92 -9.57 -3.22
N LEU A 119 5.65 -9.71 -2.12
CA LEU A 119 5.76 -8.65 -1.13
C LEU A 119 7.15 -8.02 -1.15
N ILE A 120 7.23 -6.80 -1.67
CA ILE A 120 8.51 -6.09 -1.75
C ILE A 120 8.51 -4.86 -0.84
N GLU A 121 9.67 -4.22 -0.73
CA GLU A 121 9.81 -3.03 0.10
C GLU A 121 10.39 -1.86 -0.69
N VAL A 122 10.32 -1.97 -2.03
CA VAL A 122 10.84 -0.93 -2.90
C VAL A 122 12.20 -0.44 -2.43
N GLN A 123 12.74 0.57 -3.11
CA GLN A 123 14.03 1.13 -2.76
C GLN A 123 13.93 2.63 -2.52
N ALA A 124 13.99 3.02 -1.25
CA ALA A 124 13.91 4.43 -0.88
C ALA A 124 14.71 5.29 -1.85
N GLY A 1 19.28 10.24 11.78
CA GLY A 1 20.18 10.61 12.85
C GLY A 1 20.24 9.56 13.95
N SER A 2 21.07 8.55 13.76
CA SER A 2 21.21 7.48 14.74
C SER A 2 22.61 7.47 15.34
N SER A 3 23.61 7.32 14.47
CA SER A 3 25.00 7.29 14.90
C SER A 3 25.13 6.55 16.23
N GLY A 4 25.22 5.22 16.16
CA GLY A 4 25.35 4.42 17.36
C GLY A 4 24.01 3.95 17.88
N SER A 5 23.16 3.45 16.99
CA SER A 5 21.84 2.97 17.38
C SER A 5 21.09 2.44 16.16
N SER A 6 21.79 1.69 15.30
CA SER A 6 21.18 1.14 14.11
C SER A 6 20.43 -0.14 14.43
N GLY A 7 19.30 -0.35 13.75
CA GLY A 7 18.50 -1.54 13.98
C GLY A 7 17.08 -1.22 14.37
N ALA A 8 16.91 -0.71 15.59
CA ALA A 8 15.59 -0.35 16.10
C ALA A 8 15.12 0.99 15.52
N GLU A 9 14.56 0.95 14.32
CA GLU A 9 14.08 2.17 13.67
C GLU A 9 12.57 2.09 13.43
N LYS A 10 11.94 3.25 13.32
CA LYS A 10 10.50 3.32 13.09
C LYS A 10 10.20 3.58 11.60
N ARG A 11 9.67 2.56 10.93
CA ARG A 11 9.34 2.67 9.52
C ARG A 11 8.51 3.93 9.25
N ILE A 12 8.87 4.65 8.19
CA ILE A 12 8.17 5.87 7.83
C ILE A 12 7.44 5.72 6.50
N ILE A 13 6.28 6.36 6.38
CA ILE A 13 5.49 6.29 5.16
C ILE A 13 5.25 7.68 4.59
N ARG A 14 5.01 7.74 3.28
CA ARG A 14 4.76 9.01 2.61
C ARG A 14 3.63 8.88 1.60
N VAL A 15 2.58 9.68 1.79
CA VAL A 15 1.43 9.66 0.89
C VAL A 15 1.87 9.70 -0.56
N ASP A 16 1.53 8.65 -1.31
CA ASP A 16 1.87 8.58 -2.73
C ASP A 16 1.56 9.88 -3.44
N PRO A 17 2.42 10.26 -4.39
CA PRO A 17 2.25 11.50 -5.17
C PRO A 17 1.07 11.42 -6.13
N THR A 18 0.86 10.23 -6.70
CA THR A 18 -0.24 10.03 -7.64
C THR A 18 -1.57 10.42 -7.03
N CYS A 19 -1.76 10.07 -5.76
CA CYS A 19 -3.00 10.41 -5.05
C CYS A 19 -3.18 11.91 -4.95
N PRO A 20 -4.42 12.37 -5.15
CA PRO A 20 -4.76 13.79 -5.08
C PRO A 20 -4.70 14.33 -3.66
N LEU A 21 -5.30 13.60 -2.72
CA LEU A 21 -5.31 14.02 -1.32
C LEU A 21 -3.92 14.48 -0.88
N SER A 22 -2.90 13.82 -1.40
CA SER A 22 -1.52 14.16 -1.05
C SER A 22 -1.34 15.67 -0.98
N SER A 23 -1.81 16.37 -2.00
CA SER A 23 -1.70 17.83 -2.05
C SER A 23 -2.35 18.46 -0.82
N ASN A 24 -3.52 17.95 -0.45
CA ASN A 24 -4.24 18.46 0.70
C ASN A 24 -3.42 18.32 1.98
N PRO A 25 -3.22 19.45 2.68
CA PRO A 25 -2.46 19.47 3.93
C PRO A 25 -3.17 18.76 5.08
N GLY A 26 -2.44 17.95 5.82
CA GLY A 26 -3.02 17.22 6.93
C GLY A 26 -3.22 15.75 6.62
N THR A 27 -3.60 15.46 5.39
CA THR A 27 -3.83 14.08 4.96
C THR A 27 -2.58 13.24 5.13
N GLN A 28 -2.66 12.24 6.00
CA GLN A 28 -1.52 11.36 6.26
C GLN A 28 -1.90 9.90 6.00
N VAL A 29 -0.89 9.04 5.93
CA VAL A 29 -1.12 7.62 5.70
C VAL A 29 -1.39 6.87 7.00
N TYR A 30 -2.66 6.57 7.24
CA TYR A 30 -3.06 5.86 8.46
C TYR A 30 -2.07 4.77 8.80
N GLU A 31 -1.54 4.81 10.03
CA GLU A 31 -0.58 3.81 10.48
C GLU A 31 0.44 3.50 9.38
N ASP A 32 0.84 2.23 9.30
CA ASP A 32 1.80 1.80 8.29
C ASP A 32 1.13 0.89 7.27
N TYR A 33 -0.02 1.30 6.78
CA TYR A 33 -0.77 0.52 5.79
C TYR A 33 -0.35 0.90 4.38
N ASN A 34 0.78 0.35 3.93
CA ASN A 34 1.29 0.63 2.59
C ASN A 34 2.32 -0.40 2.18
N CYS A 35 1.94 -1.27 1.24
CA CYS A 35 2.83 -2.31 0.76
C CYS A 35 2.82 -2.37 -0.77
N THR A 36 3.99 -2.63 -1.35
CA THR A 36 4.12 -2.72 -2.80
C THR A 36 4.10 -4.17 -3.28
N LEU A 37 3.33 -4.43 -4.32
CA LEU A 37 3.22 -5.78 -4.87
C LEU A 37 3.71 -5.82 -6.32
N ASN A 38 4.32 -6.92 -6.71
CA ASN A 38 4.83 -7.09 -8.06
C ASN A 38 4.32 -8.39 -8.68
N GLN A 39 4.15 -8.38 -10.01
CA GLN A 39 3.67 -9.55 -10.72
C GLN A 39 4.20 -9.58 -12.15
N THR A 40 4.79 -10.70 -12.54
CA THR A 40 5.34 -10.84 -13.88
C THR A 40 4.83 -12.12 -14.55
N ASN A 41 4.89 -12.15 -15.88
CA ASN A 41 4.43 -13.32 -16.62
C ASN A 41 5.27 -13.51 -17.89
N ILE A 42 5.41 -14.76 -18.32
CA ILE A 42 6.19 -15.08 -19.50
C ILE A 42 5.43 -14.72 -20.78
N GLU A 43 4.93 -13.48 -20.82
CA GLU A 43 4.19 -13.01 -21.98
C GLU A 43 4.65 -11.62 -22.40
N ASN A 44 5.36 -11.55 -23.51
CA ASN A 44 5.87 -10.28 -24.03
C ASN A 44 6.43 -9.42 -22.89
N ASN A 45 7.13 -10.07 -21.96
CA ASN A 45 7.72 -9.36 -20.83
C ASN A 45 6.71 -8.40 -20.20
N ASN A 46 5.55 -8.93 -19.84
CA ASN A 46 4.51 -8.12 -19.23
C ASN A 46 4.68 -8.05 -17.71
N ASN A 47 4.95 -6.84 -17.21
CA ASN A 47 5.14 -6.64 -15.77
C ASN A 47 4.24 -5.51 -15.27
N LYS A 48 3.55 -5.78 -14.16
CA LYS A 48 2.65 -4.79 -13.56
C LYS A 48 3.01 -4.55 -12.10
N PHE A 49 2.27 -3.65 -11.46
CA PHE A 49 2.51 -3.33 -10.05
C PHE A 49 1.21 -2.97 -9.35
N TYR A 50 1.03 -3.48 -8.13
CA TYR A 50 -0.16 -3.21 -7.36
C TYR A 50 0.17 -2.50 -6.05
N ILE A 51 -0.40 -1.32 -5.85
CA ILE A 51 -0.16 -0.55 -4.63
C ILE A 51 -1.45 -0.36 -3.83
N ILE A 52 -1.35 -0.54 -2.52
CA ILE A 52 -2.51 -0.38 -1.65
C ILE A 52 -2.13 0.36 -0.36
N GLN A 53 -2.61 1.59 -0.23
CA GLN A 53 -2.32 2.41 0.93
C GLN A 53 -3.61 2.89 1.59
N LEU A 54 -3.60 2.98 2.91
CA LEU A 54 -4.78 3.44 3.66
C LEU A 54 -4.56 4.83 4.22
N LEU A 55 -5.32 5.80 3.73
CA LEU A 55 -5.21 7.18 4.19
C LEU A 55 -6.34 7.52 5.17
N GLN A 56 -6.19 8.66 5.84
CA GLN A 56 -7.20 9.09 6.80
C GLN A 56 -7.24 10.62 6.89
N ASP A 57 -8.40 11.19 6.58
CA ASP A 57 -8.57 12.64 6.62
C ASP A 57 -9.05 13.08 8.00
N SER A 58 -9.02 14.39 8.24
CA SER A 58 -9.45 14.95 9.51
C SER A 58 -10.96 14.83 9.67
N ASN A 59 -11.63 14.35 8.62
CA ASN A 59 -13.08 14.19 8.64
C ASN A 59 -13.46 12.77 9.03
N ARG A 60 -12.70 12.20 9.96
CA ARG A 60 -12.96 10.84 10.43
C ARG A 60 -13.38 9.94 9.28
N PHE A 61 -12.76 10.14 8.12
CA PHE A 61 -13.06 9.35 6.94
C PHE A 61 -11.78 8.84 6.28
N PHE A 62 -11.68 7.52 6.12
CA PHE A 62 -10.51 6.90 5.52
C PHE A 62 -10.74 6.69 4.02
N THR A 63 -9.64 6.62 3.27
CA THR A 63 -9.71 6.42 1.83
C THR A 63 -8.75 5.32 1.38
N CYS A 64 -9.21 4.45 0.49
CA CYS A 64 -8.39 3.37 -0.02
C CYS A 64 -7.83 3.71 -1.40
N TRP A 65 -6.55 4.09 -1.43
CA TRP A 65 -5.89 4.45 -2.68
C TRP A 65 -5.32 3.21 -3.37
N ASN A 66 -5.87 2.89 -4.54
CA ASN A 66 -5.41 1.74 -5.30
C ASN A 66 -4.94 2.15 -6.68
N ARG A 67 -3.65 1.93 -6.96
CA ARG A 67 -3.07 2.28 -8.24
C ARG A 67 -2.32 1.10 -8.84
N TRP A 68 -2.77 0.64 -10.01
CA TRP A 68 -2.14 -0.48 -10.69
C TRP A 68 -1.83 -0.14 -12.14
N GLY A 69 -0.97 -0.95 -12.76
CA GLY A 69 -0.60 -0.72 -14.15
C GLY A 69 0.74 -1.31 -14.50
N ARG A 70 1.27 -0.95 -15.67
CA ARG A 70 2.56 -1.46 -16.12
C ARG A 70 3.69 -0.88 -15.28
N VAL A 71 4.64 -1.73 -14.91
CA VAL A 71 5.79 -1.31 -14.11
C VAL A 71 6.52 -0.14 -14.77
N GLY A 72 6.58 0.98 -14.06
CA GLY A 72 7.26 2.15 -14.59
C GLY A 72 6.29 3.29 -14.88
N GLU A 73 5.13 2.96 -15.42
CA GLU A 73 4.11 3.95 -15.74
C GLU A 73 3.17 4.18 -14.57
N VAL A 74 2.29 5.15 -14.71
CA VAL A 74 1.32 5.47 -13.66
C VAL A 74 0.23 4.41 -13.58
N GLY A 75 -0.31 4.05 -14.73
CA GLY A 75 -1.37 3.05 -14.77
C GLY A 75 -2.72 3.63 -14.44
N GLN A 76 -3.71 2.76 -14.24
CA GLN A 76 -5.06 3.20 -13.91
C GLN A 76 -5.11 3.83 -12.54
N SER A 77 -6.22 4.51 -12.23
CA SER A 77 -6.38 5.15 -10.94
C SER A 77 -7.74 4.81 -10.32
N LYS A 78 -7.70 4.20 -9.14
CA LYS A 78 -8.93 3.82 -8.44
C LYS A 78 -8.87 4.20 -6.97
N ILE A 79 -9.85 4.98 -6.52
CA ILE A 79 -9.90 5.40 -5.13
C ILE A 79 -11.23 5.04 -4.49
N ASN A 80 -11.19 4.71 -3.20
CA ASN A 80 -12.40 4.35 -2.48
C ASN A 80 -12.53 5.17 -1.19
N HIS A 81 -13.78 5.42 -0.79
CA HIS A 81 -14.04 6.20 0.42
C HIS A 81 -14.91 5.41 1.40
N PHE A 82 -14.41 5.23 2.61
CA PHE A 82 -15.15 4.49 3.64
C PHE A 82 -15.42 5.37 4.85
N THR A 83 -16.66 5.32 5.34
CA THR A 83 -17.05 6.12 6.50
C THR A 83 -16.56 5.48 7.79
N ARG A 84 -16.36 4.17 7.77
CA ARG A 84 -15.90 3.45 8.94
C ARG A 84 -14.44 3.03 8.78
N LEU A 85 -13.67 3.14 9.85
CA LEU A 85 -12.25 2.77 9.83
C LEU A 85 -12.09 1.27 9.54
N GLU A 86 -12.81 0.45 10.29
CA GLU A 86 -12.74 -1.00 10.13
C GLU A 86 -12.89 -1.38 8.66
N ASP A 87 -14.00 -0.96 8.05
CA ASP A 87 -14.27 -1.26 6.66
C ASP A 87 -13.01 -1.11 5.82
N ALA A 88 -12.28 -0.03 6.05
CA ALA A 88 -11.04 0.24 5.31
C ALA A 88 -9.97 -0.77 5.67
N LYS A 89 -9.79 -1.01 6.97
CA LYS A 89 -8.78 -1.96 7.44
C LYS A 89 -8.92 -3.29 6.72
N LYS A 90 -10.14 -3.81 6.63
CA LYS A 90 -10.40 -5.07 5.97
C LYS A 90 -10.03 -4.99 4.49
N ASP A 91 -10.81 -4.23 3.73
CA ASP A 91 -10.58 -4.06 2.30
C ASP A 91 -9.08 -4.06 2.01
N PHE A 92 -8.33 -3.27 2.77
CA PHE A 92 -6.88 -3.18 2.58
C PHE A 92 -6.22 -4.54 2.78
N GLU A 93 -6.43 -5.12 3.96
CA GLU A 93 -5.85 -6.43 4.27
C GLU A 93 -6.38 -7.50 3.33
N LYS A 94 -7.69 -7.73 3.38
CA LYS A 94 -8.33 -8.73 2.53
C LYS A 94 -7.72 -8.72 1.13
N LYS A 95 -7.70 -7.55 0.52
CA LYS A 95 -7.15 -7.40 -0.83
C LYS A 95 -5.71 -7.91 -0.88
N PHE A 96 -4.89 -7.45 0.05
CA PHE A 96 -3.49 -7.86 0.11
C PHE A 96 -3.37 -9.38 0.25
N ARG A 97 -3.96 -9.91 1.31
CA ARG A 97 -3.92 -11.35 1.56
C ARG A 97 -4.45 -12.13 0.35
N GLU A 98 -5.39 -11.53 -0.36
CA GLU A 98 -5.98 -12.17 -1.54
C GLU A 98 -4.98 -12.20 -2.69
N LYS A 99 -4.07 -11.24 -2.71
CA LYS A 99 -3.05 -11.16 -3.75
C LYS A 99 -1.76 -11.84 -3.31
N THR A 100 -1.57 -11.94 -1.99
CA THR A 100 -0.37 -12.57 -1.45
C THR A 100 -0.73 -13.83 -0.67
N LYS A 101 -1.97 -14.28 -0.81
CA LYS A 101 -2.44 -15.48 -0.12
C LYS A 101 -1.78 -15.61 1.25
N ASN A 102 -1.65 -14.48 1.94
CA ASN A 102 -1.04 -14.47 3.27
C ASN A 102 -1.68 -13.42 4.16
N ASN A 103 -1.65 -13.64 5.47
CA ASN A 103 -2.23 -12.71 6.42
C ASN A 103 -1.27 -11.56 6.71
N TRP A 104 -1.81 -10.34 6.73
CA TRP A 104 -1.01 -9.16 6.99
C TRP A 104 -0.33 -9.25 8.35
N ALA A 105 -1.06 -9.76 9.34
CA ALA A 105 -0.53 -9.90 10.68
C ALA A 105 0.60 -10.93 10.72
N GLU A 106 0.42 -12.03 10.00
CA GLU A 106 1.42 -13.08 9.96
C GLU A 106 2.39 -12.87 8.79
N ARG A 107 2.75 -11.61 8.56
CA ARG A 107 3.66 -11.27 7.47
C ARG A 107 5.03 -11.92 7.69
N ASP A 108 5.32 -12.28 8.93
CA ASP A 108 6.59 -12.91 9.26
C ASP A 108 6.86 -14.12 8.38
N HIS A 109 5.83 -14.95 8.20
CA HIS A 109 5.94 -16.14 7.37
C HIS A 109 5.36 -15.89 5.98
N PHE A 110 5.61 -14.71 5.43
CA PHE A 110 5.11 -14.35 4.11
C PHE A 110 5.55 -15.37 3.06
N VAL A 111 4.65 -16.24 2.66
CA VAL A 111 4.94 -17.27 1.66
C VAL A 111 4.57 -16.78 0.26
N SER A 112 5.58 -16.44 -0.52
CA SER A 112 5.37 -15.96 -1.88
C SER A 112 5.12 -17.13 -2.83
N HIS A 113 4.38 -16.86 -3.90
CA HIS A 113 4.07 -17.88 -4.89
C HIS A 113 4.47 -17.43 -6.30
N PRO A 114 4.78 -18.41 -7.16
CA PRO A 114 5.19 -18.14 -8.54
C PRO A 114 4.04 -17.61 -9.39
N GLY A 115 4.17 -16.37 -9.85
CA GLY A 115 3.13 -15.77 -10.67
C GLY A 115 2.25 -14.82 -9.88
N LYS A 116 2.04 -15.13 -8.62
CA LYS A 116 1.21 -14.31 -7.74
C LYS A 116 1.92 -12.99 -7.41
N TYR A 117 1.29 -12.20 -6.54
CA TYR A 117 1.85 -10.92 -6.14
C TYR A 117 2.89 -11.12 -5.03
N THR A 118 4.06 -10.50 -5.21
CA THR A 118 5.14 -10.61 -4.24
C THR A 118 5.14 -9.41 -3.29
N LEU A 119 5.89 -9.52 -2.20
CA LEU A 119 5.98 -8.44 -1.22
C LEU A 119 7.35 -7.77 -1.29
N ILE A 120 7.35 -6.51 -1.73
CA ILE A 120 8.59 -5.75 -1.84
C ILE A 120 8.57 -4.53 -0.93
N GLU A 121 9.71 -3.86 -0.82
CA GLU A 121 9.82 -2.67 0.02
C GLU A 121 10.24 -1.46 -0.79
N VAL A 122 10.11 -1.57 -2.11
CA VAL A 122 10.49 -0.48 -3.01
C VAL A 122 11.89 0.03 -2.70
N GLN A 123 12.39 0.91 -3.56
CA GLN A 123 13.72 1.47 -3.38
C GLN A 123 13.67 3.00 -3.34
N ALA A 124 13.63 3.55 -2.13
CA ALA A 124 13.58 5.00 -1.95
C ALA A 124 14.01 5.38 -0.54
N GLY A 1 2.43 21.81 14.38
CA GLY A 1 2.33 20.38 14.12
C GLY A 1 3.01 19.55 15.20
N SER A 2 2.28 19.26 16.27
CA SER A 2 2.81 18.48 17.37
C SER A 2 2.96 17.01 16.97
N SER A 3 4.14 16.45 17.24
CA SER A 3 4.41 15.05 16.90
C SER A 3 4.57 14.21 18.17
N GLY A 4 4.13 12.96 18.09
CA GLY A 4 4.24 12.07 19.24
C GLY A 4 5.67 11.85 19.69
N SER A 5 6.33 10.86 19.09
CA SER A 5 7.70 10.55 19.44
C SER A 5 7.83 10.16 20.91
N SER A 6 8.31 8.95 21.16
CA SER A 6 8.48 8.46 22.51
C SER A 6 9.48 7.31 22.56
N GLY A 7 10.58 7.46 21.82
CA GLY A 7 11.60 6.43 21.80
C GLY A 7 12.39 6.44 20.50
N ALA A 8 12.81 5.26 20.06
CA ALA A 8 13.58 5.13 18.82
C ALA A 8 12.75 5.55 17.61
N GLU A 9 13.42 5.81 16.50
CA GLU A 9 12.75 6.22 15.28
C GLU A 9 12.02 5.04 14.64
N LYS A 10 10.94 5.33 13.94
CA LYS A 10 10.14 4.30 13.28
C LYS A 10 9.98 4.61 11.79
N ARG A 11 9.86 3.56 10.98
CA ARG A 11 9.69 3.72 9.55
C ARG A 11 8.69 4.82 9.23
N ILE A 12 9.00 5.64 8.23
CA ILE A 12 8.13 6.74 7.83
C ILE A 12 7.47 6.45 6.49
N ILE A 13 6.21 6.87 6.35
CA ILE A 13 5.47 6.67 5.11
C ILE A 13 5.13 8.00 4.45
N ARG A 14 5.27 8.04 3.13
CA ARG A 14 4.98 9.25 2.37
C ARG A 14 3.75 9.05 1.48
N VAL A 15 2.82 10.00 1.56
CA VAL A 15 1.60 9.93 0.76
C VAL A 15 1.92 9.91 -0.72
N ASP A 16 1.60 8.80 -1.38
CA ASP A 16 1.86 8.66 -2.81
C ASP A 16 1.60 9.98 -3.54
N PRO A 17 2.44 10.27 -4.55
CA PRO A 17 2.33 11.49 -5.34
C PRO A 17 1.10 11.48 -6.24
N THR A 18 0.94 10.42 -7.02
CA THR A 18 -0.20 10.29 -7.93
C THR A 18 -1.51 10.52 -7.19
N CYS A 19 -1.54 10.15 -5.91
CA CYS A 19 -2.74 10.33 -5.11
C CYS A 19 -3.18 11.79 -5.07
N PRO A 20 -4.48 12.02 -5.27
CA PRO A 20 -5.05 13.38 -5.27
C PRO A 20 -5.05 14.01 -3.88
N LEU A 21 -5.21 13.17 -2.86
CA LEU A 21 -5.22 13.65 -1.48
C LEU A 21 -3.81 13.77 -0.93
N SER A 22 -2.84 13.92 -1.82
CA SER A 22 -1.44 14.06 -1.43
C SER A 22 -1.10 15.50 -1.07
N SER A 23 -1.40 16.41 -2.00
CA SER A 23 -1.12 17.83 -1.79
C SER A 23 -1.97 18.38 -0.65
N ASN A 24 -3.22 17.92 -0.56
CA ASN A 24 -4.13 18.38 0.49
C ASN A 24 -3.50 18.19 1.87
N PRO A 25 -3.40 19.29 2.62
CA PRO A 25 -2.82 19.27 3.97
C PRO A 25 -3.71 18.55 4.97
N GLY A 26 -3.12 17.63 5.73
CA GLY A 26 -3.88 16.88 6.71
C GLY A 26 -4.03 15.41 6.34
N THR A 27 -4.11 15.15 5.03
CA THR A 27 -4.27 13.79 4.54
C THR A 27 -2.98 12.99 4.72
N GLN A 28 -2.94 12.17 5.76
CA GLN A 28 -1.77 11.35 6.04
C GLN A 28 -2.07 9.86 5.84
N VAL A 29 -1.03 9.06 5.71
CA VAL A 29 -1.18 7.63 5.51
C VAL A 29 -1.42 6.91 6.83
N TYR A 30 -2.68 6.57 7.09
CA TYR A 30 -3.04 5.87 8.32
C TYR A 30 -1.97 4.85 8.71
N GLU A 31 -1.34 5.08 9.85
CA GLU A 31 -0.30 4.18 10.34
C GLU A 31 0.69 3.84 9.22
N ASP A 32 1.22 2.62 9.27
CA ASP A 32 2.19 2.18 8.26
C ASP A 32 1.55 1.17 7.31
N TYR A 33 0.28 1.39 6.99
CA TYR A 33 -0.44 0.51 6.08
C TYR A 33 -0.13 0.83 4.63
N ASN A 34 1.07 0.46 4.20
CA ASN A 34 1.50 0.71 2.83
C ASN A 34 2.55 -0.31 2.39
N CYS A 35 2.16 -1.20 1.49
CA CYS A 35 3.08 -2.23 0.98
C CYS A 35 3.01 -2.33 -0.53
N THR A 36 4.17 -2.49 -1.17
CA THR A 36 4.24 -2.59 -2.61
C THR A 36 4.24 -4.05 -3.07
N LEU A 37 3.44 -4.34 -4.08
CA LEU A 37 3.35 -5.70 -4.61
C LEU A 37 3.76 -5.73 -6.07
N ASN A 38 4.41 -6.83 -6.47
CA ASN A 38 4.87 -7.00 -7.84
C ASN A 38 4.41 -8.34 -8.41
N GLN A 39 4.24 -8.39 -9.73
CA GLN A 39 3.80 -9.62 -10.39
C GLN A 39 4.29 -9.65 -11.83
N THR A 40 4.94 -10.76 -12.20
CA THR A 40 5.46 -10.91 -13.55
C THR A 40 5.05 -12.26 -14.15
N ASN A 41 5.02 -12.33 -15.48
CA ASN A 41 4.65 -13.56 -16.16
C ASN A 41 5.45 -13.73 -17.45
N ILE A 42 5.67 -14.99 -17.84
CA ILE A 42 6.43 -15.29 -19.05
C ILE A 42 5.59 -15.02 -20.30
N GLU A 43 5.02 -13.83 -20.39
CA GLU A 43 4.20 -13.44 -21.53
C GLU A 43 4.54 -12.03 -22.00
N ASN A 44 5.18 -11.94 -23.17
CA ASN A 44 5.56 -10.66 -23.73
C ASN A 44 6.13 -9.74 -22.65
N ASN A 45 6.94 -10.31 -21.75
CA ASN A 45 7.54 -9.54 -20.68
C ASN A 45 6.50 -8.68 -19.97
N ASN A 46 5.43 -9.31 -19.50
CA ASN A 46 4.36 -8.59 -18.81
C ASN A 46 4.73 -8.35 -17.35
N ASN A 47 4.92 -7.08 -17.01
CA ASN A 47 5.29 -6.71 -15.64
C ASN A 47 4.43 -5.54 -15.16
N LYS A 48 3.78 -5.72 -14.01
CA LYS A 48 2.93 -4.69 -13.44
C LYS A 48 3.28 -4.46 -11.97
N PHE A 49 2.60 -3.49 -11.35
CA PHE A 49 2.84 -3.17 -9.95
C PHE A 49 1.54 -2.76 -9.26
N TYR A 50 1.37 -3.22 -8.03
CA TYR A 50 0.17 -2.91 -7.25
C TYR A 50 0.52 -2.16 -5.97
N ILE A 51 -0.23 -1.11 -5.68
CA ILE A 51 0.00 -0.31 -4.49
C ILE A 51 -1.28 -0.17 -3.67
N ILE A 52 -1.15 -0.38 -2.36
CA ILE A 52 -2.30 -0.27 -1.45
C ILE A 52 -1.93 0.49 -0.18
N GLN A 53 -2.47 1.68 -0.04
CA GLN A 53 -2.20 2.50 1.14
C GLN A 53 -3.50 2.97 1.79
N LEU A 54 -3.48 3.08 3.12
CA LEU A 54 -4.66 3.52 3.86
C LEU A 54 -4.48 4.94 4.37
N LEU A 55 -5.21 5.88 3.77
CA LEU A 55 -5.13 7.28 4.16
C LEU A 55 -6.21 7.61 5.19
N GLN A 56 -6.01 8.72 5.90
CA GLN A 56 -6.97 9.16 6.91
C GLN A 56 -7.22 10.66 6.84
N ASP A 57 -8.45 11.03 6.51
CA ASP A 57 -8.82 12.44 6.40
C ASP A 57 -9.09 13.04 7.78
N SER A 58 -9.22 14.36 7.82
CA SER A 58 -9.47 15.07 9.07
C SER A 58 -10.90 14.85 9.54
N ASN A 59 -11.75 14.37 8.64
CA ASN A 59 -13.14 14.11 8.97
C ASN A 59 -13.35 12.65 9.34
N ARG A 60 -12.46 12.12 10.17
CA ARG A 60 -12.55 10.74 10.61
C ARG A 60 -13.01 9.84 9.47
N PHE A 61 -12.47 10.06 8.28
CA PHE A 61 -12.82 9.27 7.11
C PHE A 61 -11.58 8.80 6.36
N PHE A 62 -11.45 7.49 6.21
CA PHE A 62 -10.30 6.91 5.52
C PHE A 62 -10.59 6.73 4.03
N THR A 63 -9.53 6.57 3.24
CA THR A 63 -9.67 6.40 1.80
C THR A 63 -8.62 5.43 1.26
N CYS A 64 -9.08 4.36 0.64
CA CYS A 64 -8.18 3.35 0.07
C CYS A 64 -7.72 3.76 -1.32
N TRP A 65 -6.49 4.25 -1.41
CA TRP A 65 -5.93 4.69 -2.68
C TRP A 65 -5.27 3.52 -3.41
N ASN A 66 -5.93 3.03 -4.45
CA ASN A 66 -5.40 1.90 -5.23
C ASN A 66 -4.87 2.38 -6.58
N ARG A 67 -3.68 1.92 -6.94
CA ARG A 67 -3.05 2.30 -8.19
C ARG A 67 -2.40 1.09 -8.86
N TRP A 68 -2.91 0.72 -10.03
CA TRP A 68 -2.38 -0.42 -10.76
C TRP A 68 -2.10 -0.04 -12.22
N GLY A 69 -1.41 -0.93 -12.93
CA GLY A 69 -1.08 -0.67 -14.32
C GLY A 69 0.17 -1.39 -14.77
N ARG A 70 1.12 -0.65 -15.33
CA ARG A 70 2.37 -1.22 -15.80
C ARG A 70 3.56 -0.67 -15.03
N VAL A 71 4.62 -1.45 -14.93
CA VAL A 71 5.82 -1.04 -14.21
C VAL A 71 6.51 0.12 -14.93
N GLY A 72 6.56 1.27 -14.27
CA GLY A 72 7.20 2.44 -14.85
C GLY A 72 6.19 3.42 -15.41
N GLU A 73 4.97 3.40 -14.88
CA GLU A 73 3.92 4.29 -15.33
C GLU A 73 2.89 4.55 -14.22
N VAL A 74 2.00 5.50 -14.45
CA VAL A 74 0.97 5.83 -13.48
C VAL A 74 -0.10 4.75 -13.42
N GLY A 75 -0.48 4.23 -14.58
CA GLY A 75 -1.50 3.19 -14.63
C GLY A 75 -2.88 3.71 -14.29
N GLN A 76 -3.83 2.79 -14.14
CA GLN A 76 -5.20 3.16 -13.81
C GLN A 76 -5.27 3.86 -12.46
N SER A 77 -6.46 4.32 -12.08
CA SER A 77 -6.66 5.00 -10.81
C SER A 77 -8.00 4.62 -10.19
N LYS A 78 -7.95 4.18 -8.93
CA LYS A 78 -9.16 3.79 -8.22
C LYS A 78 -9.06 4.18 -6.74
N ILE A 79 -10.01 5.00 -6.30
CA ILE A 79 -10.04 5.44 -4.90
C ILE A 79 -11.36 5.10 -4.25
N ASN A 80 -11.31 4.60 -3.01
CA ASN A 80 -12.51 4.24 -2.27
C ASN A 80 -12.56 4.96 -0.93
N HIS A 81 -13.70 5.58 -0.64
CA HIS A 81 -13.87 6.30 0.61
C HIS A 81 -14.74 5.50 1.58
N PHE A 82 -14.18 5.15 2.73
CA PHE A 82 -14.91 4.38 3.73
C PHE A 82 -15.16 5.24 4.98
N THR A 83 -16.42 5.33 5.37
CA THR A 83 -16.80 6.11 6.56
C THR A 83 -16.21 5.51 7.82
N ARG A 84 -16.29 4.19 7.94
CA ARG A 84 -15.77 3.50 9.11
C ARG A 84 -14.31 3.12 8.90
N LEU A 85 -13.59 2.90 10.01
CA LEU A 85 -12.19 2.53 9.95
C LEU A 85 -12.03 1.04 9.67
N GLU A 86 -12.69 0.21 10.48
CA GLU A 86 -12.61 -1.23 10.31
C GLU A 86 -12.93 -1.63 8.87
N ASP A 87 -14.04 -1.13 8.35
CA ASP A 87 -14.46 -1.44 6.99
C ASP A 87 -13.28 -1.28 6.02
N ALA A 88 -12.53 -0.21 6.18
CA ALA A 88 -11.38 0.06 5.32
C ALA A 88 -10.28 -0.98 5.54
N LYS A 89 -10.00 -1.28 6.80
CA LYS A 89 -8.97 -2.26 7.13
C LYS A 89 -9.27 -3.60 6.48
N LYS A 90 -10.52 -4.05 6.60
CA LYS A 90 -10.93 -5.32 6.01
C LYS A 90 -10.57 -5.38 4.54
N ASP A 91 -10.82 -4.29 3.82
CA ASP A 91 -10.52 -4.22 2.40
C ASP A 91 -9.01 -4.19 2.16
N PHE A 92 -8.33 -3.30 2.88
CA PHE A 92 -6.88 -3.16 2.74
C PHE A 92 -6.19 -4.50 2.93
N GLU A 93 -6.64 -5.26 3.92
CA GLU A 93 -6.06 -6.57 4.20
C GLU A 93 -6.61 -7.63 3.24
N LYS A 94 -7.86 -7.46 2.84
CA LYS A 94 -8.51 -8.40 1.93
C LYS A 94 -7.77 -8.45 0.59
N LYS A 95 -7.56 -7.28 -0.01
CA LYS A 95 -6.86 -7.20 -1.30
C LYS A 95 -5.44 -7.73 -1.18
N PHE A 96 -4.72 -7.27 -0.15
CA PHE A 96 -3.35 -7.71 0.07
C PHE A 96 -3.28 -9.21 0.26
N ARG A 97 -4.10 -9.73 1.17
CA ARG A 97 -4.13 -11.16 1.45
C ARG A 97 -4.63 -11.94 0.25
N GLU A 98 -5.54 -11.33 -0.51
CA GLU A 98 -6.10 -11.97 -1.69
C GLU A 98 -5.06 -12.05 -2.81
N LYS A 99 -4.11 -11.14 -2.78
CA LYS A 99 -3.05 -11.10 -3.80
C LYS A 99 -1.79 -11.80 -3.30
N THR A 100 -1.64 -11.86 -1.98
CA THR A 100 -0.47 -12.50 -1.37
C THR A 100 -0.87 -13.79 -0.65
N LYS A 101 -2.13 -14.17 -0.80
CA LYS A 101 -2.65 -15.38 -0.16
C LYS A 101 -2.06 -15.54 1.23
N ASN A 102 -1.90 -14.43 1.94
CA ASN A 102 -1.36 -14.44 3.29
C ASN A 102 -2.04 -13.39 4.16
N ASN A 103 -1.93 -13.55 5.48
CA ASN A 103 -2.53 -12.61 6.42
C ASN A 103 -1.55 -11.51 6.78
N TRP A 104 -2.00 -10.26 6.69
CA TRP A 104 -1.16 -9.11 7.01
C TRP A 104 -0.47 -9.30 8.35
N ALA A 105 -1.20 -9.88 9.31
CA ALA A 105 -0.65 -10.12 10.65
C ALA A 105 0.44 -11.19 10.61
N GLU A 106 0.20 -12.25 9.83
CA GLU A 106 1.18 -13.32 9.71
C GLU A 106 2.11 -13.09 8.53
N ARG A 107 2.51 -11.84 8.34
CA ARG A 107 3.41 -11.47 7.26
C ARG A 107 4.78 -12.13 7.45
N ASP A 108 5.07 -12.55 8.67
CA ASP A 108 6.34 -13.19 8.98
C ASP A 108 6.57 -14.40 8.08
N HIS A 109 5.55 -15.24 7.94
CA HIS A 109 5.65 -16.42 7.10
C HIS A 109 5.09 -16.16 5.71
N PHE A 110 5.34 -14.96 5.20
CA PHE A 110 4.85 -14.58 3.87
C PHE A 110 5.36 -15.54 2.81
N VAL A 111 4.45 -16.33 2.24
CA VAL A 111 4.80 -17.30 1.21
C VAL A 111 4.64 -16.70 -0.18
N SER A 112 5.74 -16.61 -0.91
CA SER A 112 5.72 -16.05 -2.26
C SER A 112 5.38 -17.12 -3.29
N HIS A 113 4.12 -17.15 -3.71
CA HIS A 113 3.66 -18.13 -4.69
C HIS A 113 4.08 -17.71 -6.10
N PRO A 114 4.31 -18.71 -6.96
CA PRO A 114 4.71 -18.48 -8.35
C PRO A 114 3.58 -17.88 -9.20
N GLY A 115 3.72 -16.61 -9.54
CA GLY A 115 2.71 -15.94 -10.34
C GLY A 115 1.92 -14.92 -9.55
N LYS A 116 1.68 -15.22 -8.27
CA LYS A 116 0.94 -14.31 -7.41
C LYS A 116 1.72 -13.03 -7.16
N TYR A 117 1.17 -12.16 -6.32
CA TYR A 117 1.82 -10.90 -6.00
C TYR A 117 2.89 -11.08 -4.92
N THR A 118 4.07 -10.51 -5.16
CA THR A 118 5.17 -10.61 -4.22
C THR A 118 5.22 -9.40 -3.29
N LEU A 119 6.00 -9.51 -2.22
CA LEU A 119 6.13 -8.42 -1.25
C LEU A 119 7.51 -7.80 -1.31
N ILE A 120 7.58 -6.55 -1.73
CA ILE A 120 8.86 -5.84 -1.83
C ILE A 120 8.97 -4.76 -0.77
N GLU A 121 10.10 -4.05 -0.76
CA GLU A 121 10.33 -2.99 0.21
C GLU A 121 10.75 -1.69 -0.49
N VAL A 122 10.62 -1.68 -1.81
CA VAL A 122 10.97 -0.50 -2.60
C VAL A 122 12.38 -0.02 -2.25
N GLN A 123 12.87 0.95 -3.01
CA GLN A 123 14.20 1.50 -2.78
C GLN A 123 14.12 2.93 -2.27
N ALA A 124 14.49 3.12 -1.01
CA ALA A 124 14.45 4.44 -0.39
C ALA A 124 15.83 4.86 0.09
N GLY A 1 35.34 17.96 12.71
CA GLY A 1 35.03 16.54 12.59
C GLY A 1 34.29 16.22 11.31
N SER A 2 33.84 14.98 11.20
CA SER A 2 33.10 14.55 10.01
C SER A 2 31.65 14.24 10.35
N SER A 3 31.45 13.41 11.37
CA SER A 3 30.10 13.03 11.80
C SER A 3 29.98 13.10 13.32
N GLY A 4 28.76 13.25 13.80
CA GLY A 4 28.52 13.33 15.24
C GLY A 4 28.15 11.98 15.84
N SER A 5 26.93 11.87 16.32
CA SER A 5 26.46 10.64 16.94
C SER A 5 25.03 10.32 16.50
N SER A 6 24.88 9.23 15.76
CA SER A 6 23.57 8.82 15.27
C SER A 6 23.66 7.48 14.53
N GLY A 7 22.99 6.47 15.08
CA GLY A 7 23.01 5.15 14.47
C GLY A 7 21.68 4.43 14.61
N ALA A 8 20.71 4.83 13.80
CA ALA A 8 19.39 4.22 13.83
C ALA A 8 18.50 4.77 12.71
N GLU A 9 17.79 3.88 12.03
CA GLU A 9 16.91 4.27 10.94
C GLU A 9 15.47 4.44 11.44
N LYS A 10 14.78 5.45 10.91
CA LYS A 10 13.40 5.71 11.30
C LYS A 10 12.45 5.43 10.14
N ARG A 11 11.48 4.56 10.38
CA ARG A 11 10.50 4.21 9.35
C ARG A 11 9.47 5.32 9.18
N ILE A 12 9.50 5.97 8.01
CA ILE A 12 8.58 7.05 7.71
C ILE A 12 7.74 6.73 6.46
N ILE A 13 6.49 7.16 6.48
CA ILE A 13 5.59 6.93 5.35
C ILE A 13 5.14 8.24 4.74
N ARG A 14 5.17 8.31 3.41
CA ARG A 14 4.76 9.51 2.69
C ARG A 14 3.61 9.21 1.74
N VAL A 15 2.55 10.02 1.81
CA VAL A 15 1.39 9.83 0.96
C VAL A 15 1.78 9.85 -0.52
N ASP A 16 1.58 8.71 -1.19
CA ASP A 16 1.92 8.60 -2.60
C ASP A 16 1.59 9.89 -3.35
N PRO A 17 2.45 10.25 -4.31
CA PRO A 17 2.27 11.46 -5.11
C PRO A 17 1.09 11.34 -6.08
N THR A 18 0.98 10.20 -6.74
CA THR A 18 -0.10 9.96 -7.69
C THR A 18 -1.46 10.27 -7.07
N CYS A 19 -1.59 10.00 -5.77
CA CYS A 19 -2.84 10.25 -5.06
C CYS A 19 -3.11 11.75 -4.96
N PRO A 20 -4.38 12.14 -5.15
CA PRO A 20 -4.80 13.54 -5.08
C PRO A 20 -4.74 14.09 -3.67
N LEU A 21 -5.37 13.38 -2.73
CA LEU A 21 -5.38 13.80 -1.33
C LEU A 21 -4.01 14.28 -0.89
N SER A 22 -2.96 13.64 -1.41
CA SER A 22 -1.59 14.01 -1.06
C SER A 22 -1.44 15.53 -0.99
N SER A 23 -1.89 16.21 -2.02
CA SER A 23 -1.80 17.67 -2.08
C SER A 23 -2.59 18.31 -0.94
N ASN A 24 -3.81 17.84 -0.73
CA ASN A 24 -4.67 18.35 0.33
C ASN A 24 -3.95 18.32 1.67
N PRO A 25 -3.94 19.46 2.37
CA PRO A 25 -3.29 19.58 3.68
C PRO A 25 -4.03 18.81 4.77
N GLY A 26 -3.28 18.04 5.56
CA GLY A 26 -3.88 17.26 6.62
C GLY A 26 -3.96 15.79 6.29
N THR A 27 -4.06 15.48 5.00
CA THR A 27 -4.14 14.09 4.55
C THR A 27 -2.83 13.36 4.79
N GLN A 28 -2.83 12.43 5.75
CA GLN A 28 -1.64 11.66 6.07
C GLN A 28 -1.90 10.17 5.92
N VAL A 29 -0.83 9.38 5.99
CA VAL A 29 -0.94 7.93 5.87
C VAL A 29 -1.23 7.28 7.22
N TYR A 30 -2.33 6.53 7.28
CA TYR A 30 -2.71 5.86 8.52
C TYR A 30 -1.67 4.81 8.92
N GLU A 31 -1.16 4.94 10.14
CA GLU A 31 -0.16 4.01 10.65
C GLU A 31 0.89 3.71 9.58
N ASP A 32 1.36 2.47 9.54
CA ASP A 32 2.38 2.06 8.58
C ASP A 32 1.77 1.17 7.50
N TYR A 33 0.52 1.44 7.14
CA TYR A 33 -0.17 0.66 6.13
C TYR A 33 0.19 1.14 4.73
N ASN A 34 1.33 0.68 4.23
CA ASN A 34 1.79 1.06 2.90
C ASN A 34 2.83 0.07 2.38
N CYS A 35 2.43 -0.74 1.41
CA CYS A 35 3.32 -1.74 0.82
C CYS A 35 3.12 -1.81 -0.69
N THR A 36 4.11 -2.37 -1.38
CA THR A 36 4.06 -2.51 -2.83
C THR A 36 4.02 -3.97 -3.25
N LEU A 37 3.31 -4.27 -4.33
CA LEU A 37 3.20 -5.63 -4.84
C LEU A 37 3.68 -5.72 -6.29
N ASN A 38 4.47 -6.75 -6.58
CA ASN A 38 4.99 -6.95 -7.92
C ASN A 38 4.51 -8.28 -8.50
N GLN A 39 4.40 -8.33 -9.83
CA GLN A 39 3.94 -9.54 -10.50
C GLN A 39 4.46 -9.59 -11.93
N THR A 40 5.02 -10.73 -12.32
CA THR A 40 5.55 -10.90 -13.67
C THR A 40 5.18 -12.26 -14.24
N ASN A 41 5.20 -12.37 -15.56
CA ASN A 41 4.86 -13.62 -16.24
C ASN A 41 5.65 -13.78 -17.53
N ILE A 42 5.90 -15.02 -17.91
CA ILE A 42 6.65 -15.31 -19.13
C ILE A 42 5.80 -15.09 -20.37
N GLU A 43 5.18 -13.91 -20.45
CA GLU A 43 4.33 -13.58 -21.59
C GLU A 43 4.60 -12.15 -22.07
N ASN A 44 5.20 -12.04 -23.24
CA ASN A 44 5.52 -10.74 -23.83
C ASN A 44 6.06 -9.79 -22.75
N ASN A 45 6.90 -10.32 -21.88
CA ASN A 45 7.49 -9.52 -20.80
C ASN A 45 6.44 -8.64 -20.14
N ASN A 46 5.36 -9.26 -19.67
CA ASN A 46 4.28 -8.54 -19.02
C ASN A 46 4.56 -8.37 -17.53
N ASN A 47 4.74 -7.12 -17.10
CA ASN A 47 5.02 -6.83 -15.70
C ASN A 47 4.08 -5.73 -15.17
N LYS A 48 3.52 -5.97 -14.00
CA LYS A 48 2.61 -5.01 -13.38
C LYS A 48 2.99 -4.76 -11.93
N PHE A 49 2.25 -3.86 -11.28
CA PHE A 49 2.50 -3.53 -9.88
C PHE A 49 1.22 -3.04 -9.19
N TYR A 50 1.00 -3.51 -7.97
CA TYR A 50 -0.18 -3.12 -7.21
C TYR A 50 0.21 -2.37 -5.94
N ILE A 51 -0.48 -1.26 -5.68
CA ILE A 51 -0.21 -0.45 -4.49
C ILE A 51 -1.47 -0.27 -3.66
N ILE A 52 -1.35 -0.49 -2.35
CA ILE A 52 -2.47 -0.34 -1.43
C ILE A 52 -2.06 0.40 -0.17
N GLN A 53 -2.48 1.65 -0.05
CA GLN A 53 -2.16 2.46 1.12
C GLN A 53 -3.42 2.96 1.80
N LEU A 54 -3.39 3.02 3.13
CA LEU A 54 -4.54 3.47 3.90
C LEU A 54 -4.33 4.91 4.38
N LEU A 55 -5.11 5.84 3.83
CA LEU A 55 -5.00 7.25 4.20
C LEU A 55 -6.13 7.63 5.15
N GLN A 56 -5.93 8.73 5.88
CA GLN A 56 -6.93 9.21 6.82
C GLN A 56 -7.12 10.73 6.70
N ASP A 57 -8.32 11.14 6.31
CA ASP A 57 -8.63 12.56 6.16
C ASP A 57 -9.06 13.17 7.49
N SER A 58 -9.11 14.50 7.54
CA SER A 58 -9.51 15.21 8.75
C SER A 58 -11.01 15.05 9.00
N ASN A 59 -11.68 14.32 8.12
CA ASN A 59 -13.12 14.10 8.25
C ASN A 59 -13.40 12.74 8.89
N ARG A 60 -12.53 12.33 9.81
CA ARG A 60 -12.69 11.06 10.51
C ARG A 60 -13.05 9.95 9.52
N PHE A 61 -12.64 10.13 8.27
CA PHE A 61 -12.93 9.14 7.23
C PHE A 61 -11.65 8.74 6.49
N PHE A 62 -11.42 7.44 6.38
CA PHE A 62 -10.23 6.93 5.70
C PHE A 62 -10.51 6.70 4.22
N THR A 63 -9.45 6.62 3.43
CA THR A 63 -9.59 6.38 1.99
C THR A 63 -8.54 5.40 1.49
N CYS A 64 -9.01 4.31 0.87
CA CYS A 64 -8.12 3.28 0.35
C CYS A 64 -7.64 3.64 -1.06
N TRP A 65 -6.39 4.10 -1.15
CA TRP A 65 -5.83 4.47 -2.45
C TRP A 65 -5.21 3.26 -3.14
N ASN A 66 -5.84 2.84 -4.23
CA ASN A 66 -5.35 1.68 -5.00
C ASN A 66 -4.83 2.12 -6.36
N ARG A 67 -3.61 1.70 -6.68
CA ARG A 67 -3.00 2.04 -7.96
C ARG A 67 -2.33 0.82 -8.60
N TRP A 68 -2.81 0.44 -9.78
CA TRP A 68 -2.27 -0.71 -10.48
C TRP A 68 -1.94 -0.36 -11.93
N GLY A 69 -1.15 -1.20 -12.58
CA GLY A 69 -0.77 -0.96 -13.95
C GLY A 69 0.56 -1.60 -14.32
N ARG A 70 1.16 -1.14 -15.41
CA ARG A 70 2.43 -1.69 -15.87
C ARG A 70 3.58 -1.15 -15.02
N VAL A 71 4.49 -2.04 -14.64
CA VAL A 71 5.64 -1.66 -13.83
C VAL A 71 6.41 -0.52 -14.47
N GLY A 72 6.53 0.60 -13.76
CA GLY A 72 7.25 1.74 -14.29
C GLY A 72 6.34 2.91 -14.57
N GLU A 73 5.16 2.62 -15.12
CA GLU A 73 4.20 3.66 -15.46
C GLU A 73 3.22 3.89 -14.30
N VAL A 74 2.35 4.89 -14.45
CA VAL A 74 1.36 5.20 -13.42
C VAL A 74 0.24 4.18 -13.41
N GLY A 75 -0.27 3.85 -14.59
CA GLY A 75 -1.35 2.87 -14.68
C GLY A 75 -2.70 3.47 -14.36
N GLN A 76 -3.66 2.61 -14.03
CA GLN A 76 -5.01 3.07 -13.69
C GLN A 76 -5.03 3.74 -12.32
N SER A 77 -6.19 4.26 -11.95
CA SER A 77 -6.34 4.93 -10.66
C SER A 77 -7.68 4.56 -10.01
N LYS A 78 -7.60 4.07 -8.78
CA LYS A 78 -8.81 3.68 -8.04
C LYS A 78 -8.74 4.17 -6.60
N ILE A 79 -9.81 4.82 -6.16
CA ILE A 79 -9.88 5.34 -4.80
C ILE A 79 -11.21 5.00 -4.15
N ASN A 80 -11.16 4.54 -2.90
CA ASN A 80 -12.36 4.18 -2.16
C ASN A 80 -12.42 4.91 -0.82
N HIS A 81 -13.53 5.59 -0.57
CA HIS A 81 -13.71 6.32 0.68
C HIS A 81 -14.61 5.55 1.63
N PHE A 82 -14.05 5.16 2.78
CA PHE A 82 -14.81 4.41 3.78
C PHE A 82 -15.04 5.25 5.03
N THR A 83 -16.30 5.37 5.44
CA THR A 83 -16.65 6.15 6.61
C THR A 83 -16.08 5.53 7.88
N ARG A 84 -16.19 4.21 7.99
CA ARG A 84 -15.68 3.49 9.16
C ARG A 84 -14.23 3.07 8.94
N LEU A 85 -13.49 2.94 10.03
CA LEU A 85 -12.09 2.54 9.98
C LEU A 85 -11.95 1.05 9.65
N GLU A 86 -12.63 0.22 10.43
CA GLU A 86 -12.59 -1.22 10.23
C GLU A 86 -12.89 -1.58 8.77
N ASP A 87 -13.98 -1.03 8.26
CA ASP A 87 -14.39 -1.28 6.88
C ASP A 87 -13.19 -1.18 5.93
N ALA A 88 -12.44 -0.09 6.06
CA ALA A 88 -11.27 0.14 5.22
C ALA A 88 -10.23 -0.95 5.43
N LYS A 89 -9.94 -1.25 6.70
CA LYS A 89 -8.96 -2.27 7.04
C LYS A 89 -9.30 -3.60 6.37
N LYS A 90 -10.57 -4.01 6.49
CA LYS A 90 -11.02 -5.26 5.91
C LYS A 90 -10.64 -5.34 4.43
N ASP A 91 -10.82 -4.23 3.72
CA ASP A 91 -10.48 -4.17 2.30
C ASP A 91 -8.97 -4.25 2.08
N PHE A 92 -8.23 -3.51 2.91
CA PHE A 92 -6.78 -3.49 2.81
C PHE A 92 -6.19 -4.88 3.03
N GLU A 93 -6.68 -5.57 4.06
CA GLU A 93 -6.21 -6.91 4.38
C GLU A 93 -6.76 -7.93 3.38
N LYS A 94 -8.06 -7.84 3.11
CA LYS A 94 -8.72 -8.76 2.18
C LYS A 94 -8.04 -8.71 0.81
N LYS A 95 -7.92 -7.52 0.25
CA LYS A 95 -7.29 -7.34 -1.05
C LYS A 95 -5.84 -7.81 -1.01
N PHE A 96 -5.07 -7.27 -0.07
CA PHE A 96 -3.66 -7.65 0.06
C PHE A 96 -3.50 -9.16 0.10
N ARG A 97 -4.11 -9.79 1.10
CA ARG A 97 -4.04 -11.24 1.24
C ARG A 97 -4.60 -11.94 0.01
N GLU A 98 -5.53 -11.30 -0.66
CA GLU A 98 -6.16 -11.86 -1.85
C GLU A 98 -5.18 -11.85 -3.03
N LYS A 99 -4.18 -10.97 -2.95
CA LYS A 99 -3.18 -10.86 -4.01
C LYS A 99 -1.90 -11.57 -3.61
N THR A 100 -1.66 -11.67 -2.31
CA THR A 100 -0.45 -12.32 -1.80
C THR A 100 -0.80 -13.62 -1.07
N LYS A 101 -2.06 -14.02 -1.16
CA LYS A 101 -2.53 -15.24 -0.51
C LYS A 101 -1.92 -15.37 0.88
N ASN A 102 -1.57 -14.24 1.48
CA ASN A 102 -0.98 -14.24 2.82
C ASN A 102 -1.68 -13.22 3.72
N ASN A 103 -1.77 -13.55 5.01
CA ASN A 103 -2.42 -12.66 5.97
C ASN A 103 -1.48 -11.50 6.34
N TRP A 104 -2.03 -10.29 6.35
CA TRP A 104 -1.25 -9.11 6.70
C TRP A 104 -0.62 -9.25 8.07
N ALA A 105 -1.35 -9.86 8.99
CA ALA A 105 -0.87 -10.06 10.35
C ALA A 105 0.21 -11.15 10.39
N GLU A 106 -0.02 -12.23 9.65
CA GLU A 106 0.93 -13.33 9.61
C GLU A 106 1.94 -13.13 8.48
N ARG A 107 2.31 -11.87 8.24
CA ARG A 107 3.27 -11.54 7.19
C ARG A 107 4.61 -12.23 7.45
N ASP A 108 4.84 -12.62 8.70
CA ASP A 108 6.08 -13.30 9.06
C ASP A 108 6.34 -14.50 8.17
N HIS A 109 5.31 -15.33 7.99
CA HIS A 109 5.43 -16.53 7.15
C HIS A 109 4.92 -16.24 5.74
N PHE A 110 5.16 -15.03 5.26
CA PHE A 110 4.73 -14.64 3.92
C PHE A 110 5.32 -15.56 2.87
N VAL A 111 4.47 -16.41 2.28
CA VAL A 111 4.92 -17.34 1.25
C VAL A 111 4.79 -16.73 -0.14
N SER A 112 5.89 -16.75 -0.89
CA SER A 112 5.91 -16.19 -2.23
C SER A 112 5.67 -17.29 -3.28
N HIS A 113 4.44 -17.36 -3.77
CA HIS A 113 4.08 -18.36 -4.77
C HIS A 113 4.46 -17.88 -6.17
N PRO A 114 4.79 -18.85 -7.06
CA PRO A 114 5.18 -18.55 -8.44
C PRO A 114 4.01 -18.05 -9.27
N GLY A 115 4.16 -16.83 -9.81
CA GLY A 115 3.10 -16.25 -10.62
C GLY A 115 2.28 -15.24 -9.87
N LYS A 116 2.07 -15.48 -8.57
CA LYS A 116 1.30 -14.58 -7.74
C LYS A 116 2.07 -13.29 -7.46
N TYR A 117 1.44 -12.38 -6.73
CA TYR A 117 2.07 -11.10 -6.40
C TYR A 117 3.04 -11.25 -5.24
N THR A 118 4.14 -10.50 -5.29
CA THR A 118 5.15 -10.55 -4.24
C THR A 118 5.09 -9.30 -3.36
N LEU A 119 5.73 -9.38 -2.20
CA LEU A 119 5.75 -8.26 -1.27
C LEU A 119 7.13 -7.60 -1.23
N ILE A 120 7.18 -6.34 -1.65
CA ILE A 120 8.44 -5.59 -1.67
C ILE A 120 8.41 -4.44 -0.67
N GLU A 121 9.54 -3.77 -0.52
CA GLU A 121 9.64 -2.64 0.41
C GLU A 121 10.17 -1.40 -0.32
N VAL A 122 10.13 -1.43 -1.64
CA VAL A 122 10.61 -0.31 -2.45
C VAL A 122 11.99 0.14 -2.00
N GLN A 123 12.58 1.06 -2.75
CA GLN A 123 13.91 1.57 -2.44
C GLN A 123 13.97 3.08 -2.61
N ALA A 124 14.50 3.77 -1.61
CA ALA A 124 14.61 5.22 -1.64
C ALA A 124 15.80 5.70 -0.81
N GLY A 1 31.11 14.95 28.85
CA GLY A 1 29.86 14.63 28.19
C GLY A 1 28.67 15.35 28.80
N SER A 2 28.25 16.43 28.16
CA SER A 2 27.12 17.21 28.66
C SER A 2 25.80 16.60 28.22
N SER A 3 24.95 16.26 29.19
CA SER A 3 23.65 15.67 28.90
C SER A 3 22.99 16.34 27.70
N GLY A 4 22.70 15.55 26.67
CA GLY A 4 22.07 16.10 25.48
C GLY A 4 22.26 15.20 24.27
N SER A 5 21.58 14.07 24.26
CA SER A 5 21.68 13.12 23.15
C SER A 5 20.51 12.15 23.17
N SER A 6 19.56 12.36 22.25
CA SER A 6 18.39 11.51 22.15
C SER A 6 17.83 11.51 20.73
N GLY A 7 18.10 10.43 20.00
CA GLY A 7 17.62 10.33 18.64
C GLY A 7 17.19 8.92 18.27
N ALA A 8 16.52 8.78 17.13
CA ALA A 8 16.06 7.48 16.67
C ALA A 8 15.81 7.47 15.18
N GLU A 9 15.72 6.28 14.60
CA GLU A 9 15.50 6.14 13.17
C GLU A 9 14.09 5.63 12.88
N LYS A 10 13.11 6.20 13.57
CA LYS A 10 11.71 5.82 13.40
C LYS A 10 11.33 5.80 11.92
N ARG A 11 10.54 4.81 11.53
CA ARG A 11 10.10 4.68 10.15
C ARG A 11 9.29 5.90 9.72
N ILE A 12 9.16 6.08 8.40
CA ILE A 12 8.42 7.21 7.87
C ILE A 12 7.58 6.78 6.66
N ILE A 13 6.39 7.36 6.53
CA ILE A 13 5.50 7.05 5.42
C ILE A 13 5.14 8.29 4.63
N ARG A 14 5.23 8.20 3.31
CA ARG A 14 4.91 9.33 2.44
C ARG A 14 3.73 9.00 1.54
N VAL A 15 2.74 9.89 1.52
CA VAL A 15 1.55 9.70 0.69
C VAL A 15 1.90 9.69 -0.79
N ASP A 16 1.61 8.58 -1.46
CA ASP A 16 1.90 8.44 -2.88
C ASP A 16 1.62 9.74 -3.62
N PRO A 17 2.47 10.06 -4.61
CA PRO A 17 2.34 11.28 -5.40
C PRO A 17 1.13 11.23 -6.33
N THR A 18 0.98 10.13 -7.05
CA THR A 18 -0.13 9.96 -7.98
C THR A 18 -1.46 10.30 -7.31
N CYS A 19 -1.55 10.03 -6.01
CA CYS A 19 -2.77 10.31 -5.26
C CYS A 19 -2.96 11.81 -5.10
N PRO A 20 -4.22 12.26 -5.25
CA PRO A 20 -4.58 13.68 -5.12
C PRO A 20 -4.47 14.17 -3.69
N LEU A 21 -5.09 13.45 -2.76
CA LEU A 21 -5.07 13.81 -1.35
C LEU A 21 -3.66 14.24 -0.92
N SER A 22 -2.65 13.59 -1.50
CA SER A 22 -1.27 13.89 -1.18
C SER A 22 -1.05 15.40 -1.06
N SER A 23 -1.52 16.13 -2.06
CA SER A 23 -1.39 17.59 -2.08
C SER A 23 -2.12 18.22 -0.90
N ASN A 24 -3.34 17.77 -0.66
CA ASN A 24 -4.16 18.29 0.44
C ASN A 24 -3.41 18.16 1.76
N PRO A 25 -3.31 19.27 2.51
CA PRO A 25 -2.64 19.31 3.81
C PRO A 25 -3.40 18.53 4.88
N GLY A 26 -2.67 17.80 5.70
CA GLY A 26 -3.30 17.02 6.77
C GLY A 26 -3.44 15.57 6.40
N THR A 27 -3.75 15.29 5.13
CA THR A 27 -3.93 13.93 4.66
C THR A 27 -2.66 13.11 4.87
N GLN A 28 -2.70 12.21 5.86
CA GLN A 28 -1.56 11.36 6.16
C GLN A 28 -1.92 9.88 6.02
N VAL A 29 -0.90 9.03 5.90
CA VAL A 29 -1.11 7.60 5.76
C VAL A 29 -1.38 6.95 7.12
N TYR A 30 -2.56 6.33 7.24
CA TYR A 30 -2.94 5.67 8.48
C TYR A 30 -1.93 4.59 8.87
N GLU A 31 -1.36 4.73 10.06
CA GLU A 31 -0.37 3.78 10.55
C GLU A 31 0.68 3.49 9.49
N ASP A 32 1.15 2.25 9.44
CA ASP A 32 2.16 1.85 8.48
C ASP A 32 1.54 1.01 7.36
N TYR A 33 0.35 1.40 6.93
CA TYR A 33 -0.35 0.69 5.87
C TYR A 33 0.16 1.11 4.50
N ASN A 34 1.39 0.71 4.19
CA ASN A 34 2.01 1.04 2.91
C ASN A 34 2.90 -0.09 2.42
N CYS A 35 2.34 -0.97 1.59
CA CYS A 35 3.09 -2.09 1.06
C CYS A 35 3.03 -2.12 -0.47
N THR A 36 4.13 -2.50 -1.09
CA THR A 36 4.21 -2.56 -2.55
C THR A 36 4.17 -4.00 -3.04
N LEU A 37 3.37 -4.25 -4.07
CA LEU A 37 3.25 -5.60 -4.64
C LEU A 37 3.64 -5.60 -6.11
N ASN A 38 4.23 -6.70 -6.56
CA ASN A 38 4.66 -6.83 -7.94
C ASN A 38 4.03 -8.06 -8.59
N GLN A 39 3.94 -8.04 -9.92
CA GLN A 39 3.35 -9.16 -10.66
C GLN A 39 3.94 -9.24 -12.07
N THR A 40 4.78 -10.24 -12.29
CA THR A 40 5.41 -10.42 -13.60
C THR A 40 4.89 -11.70 -14.27
N ASN A 41 5.03 -11.74 -15.60
CA ASN A 41 4.58 -12.91 -16.36
C ASN A 41 5.42 -13.07 -17.63
N ILE A 42 5.64 -14.33 -18.01
CA ILE A 42 6.43 -14.63 -19.20
C ILE A 42 5.63 -14.36 -20.47
N GLU A 43 5.05 -13.17 -20.57
CA GLU A 43 4.26 -12.78 -21.72
C GLU A 43 4.63 -11.38 -22.19
N ASN A 44 5.30 -11.30 -23.34
CA ASN A 44 5.70 -10.02 -23.89
C ASN A 44 6.26 -9.10 -22.81
N ASN A 45 7.04 -9.68 -21.91
CA ASN A 45 7.64 -8.91 -20.81
C ASN A 45 6.59 -8.06 -20.11
N ASN A 46 5.51 -8.70 -19.66
CA ASN A 46 4.44 -7.99 -18.98
C ASN A 46 4.76 -7.81 -17.49
N ASN A 47 4.99 -6.57 -17.09
CA ASN A 47 5.31 -6.25 -15.70
C ASN A 47 4.40 -5.16 -15.16
N LYS A 48 3.68 -5.47 -14.09
CA LYS A 48 2.77 -4.51 -13.47
C LYS A 48 3.17 -4.22 -12.03
N PHE A 49 2.42 -3.34 -11.37
CA PHE A 49 2.71 -2.97 -9.99
C PHE A 49 1.43 -2.59 -9.25
N TYR A 50 1.22 -3.19 -8.10
CA TYR A 50 0.03 -2.93 -7.29
C TYR A 50 0.39 -2.23 -5.99
N ILE A 51 -0.37 -1.20 -5.65
CA ILE A 51 -0.13 -0.44 -4.43
C ILE A 51 -1.41 -0.28 -3.61
N ILE A 52 -1.30 -0.54 -2.31
CA ILE A 52 -2.45 -0.42 -1.42
C ILE A 52 -2.08 0.33 -0.14
N GLN A 53 -2.53 1.57 -0.06
CA GLN A 53 -2.25 2.40 1.12
C GLN A 53 -3.55 2.85 1.78
N LEU A 54 -3.51 2.99 3.11
CA LEU A 54 -4.68 3.41 3.87
C LEU A 54 -4.51 4.83 4.38
N LEU A 55 -5.24 5.76 3.79
CA LEU A 55 -5.18 7.17 4.18
C LEU A 55 -6.27 7.50 5.19
N GLN A 56 -6.16 8.66 5.82
CA GLN A 56 -7.14 9.10 6.81
C GLN A 56 -7.25 10.62 6.82
N ASP A 57 -8.48 11.12 6.64
CA ASP A 57 -8.72 12.56 6.64
C ASP A 57 -9.09 13.05 8.03
N SER A 58 -9.12 14.37 8.19
CA SER A 58 -9.45 14.97 9.49
C SER A 58 -10.85 14.54 9.93
N ASN A 59 -11.73 14.32 8.97
CA ASN A 59 -13.10 13.90 9.27
C ASN A 59 -13.17 12.40 9.51
N ARG A 60 -12.25 11.89 10.32
CA ARG A 60 -12.21 10.48 10.64
C ARG A 60 -12.67 9.64 9.46
N PHE A 61 -12.37 10.10 8.25
CA PHE A 61 -12.75 9.40 7.03
C PHE A 61 -11.52 8.88 6.28
N PHE A 62 -11.43 7.57 6.13
CA PHE A 62 -10.31 6.95 5.43
C PHE A 62 -10.63 6.76 3.96
N THR A 63 -9.61 6.44 3.18
CA THR A 63 -9.78 6.22 1.74
C THR A 63 -8.77 5.20 1.22
N CYS A 64 -9.28 4.14 0.59
CA CYS A 64 -8.43 3.10 0.04
C CYS A 64 -7.89 3.50 -1.33
N TRP A 65 -6.62 3.88 -1.37
CA TRP A 65 -5.98 4.28 -2.62
C TRP A 65 -5.34 3.09 -3.32
N ASN A 66 -6.01 2.60 -4.37
CA ASN A 66 -5.50 1.47 -5.13
C ASN A 66 -5.10 1.89 -6.54
N ARG A 67 -3.84 1.62 -6.89
CA ARG A 67 -3.34 1.98 -8.22
C ARG A 67 -2.57 0.81 -8.83
N TRP A 68 -2.85 0.52 -10.10
CA TRP A 68 -2.17 -0.57 -10.79
C TRP A 68 -1.93 -0.21 -12.25
N GLY A 69 -1.21 -1.08 -12.96
CA GLY A 69 -0.92 -0.84 -14.36
C GLY A 69 0.47 -1.33 -14.76
N ARG A 70 0.97 -0.80 -15.87
CA ARG A 70 2.28 -1.20 -16.36
C ARG A 70 3.38 -0.54 -15.53
N VAL A 71 4.36 -1.34 -15.11
CA VAL A 71 5.48 -0.84 -14.32
C VAL A 71 6.11 0.39 -14.97
N GLY A 72 6.23 1.46 -14.21
CA GLY A 72 6.82 2.68 -14.72
C GLY A 72 5.79 3.76 -15.01
N GLU A 73 4.64 3.34 -15.55
CA GLU A 73 3.57 4.28 -15.86
C GLU A 73 2.59 4.40 -14.71
N VAL A 74 1.68 5.37 -14.81
CA VAL A 74 0.67 5.58 -13.77
C VAL A 74 -0.34 4.44 -13.74
N GLY A 75 -0.82 4.06 -14.91
CA GLY A 75 -1.80 2.99 -15.00
C GLY A 75 -3.17 3.41 -14.53
N GLN A 76 -4.05 2.44 -14.32
CA GLN A 76 -5.41 2.72 -13.86
C GLN A 76 -5.42 3.19 -12.42
N SER A 77 -6.33 4.10 -12.10
CA SER A 77 -6.44 4.65 -10.76
C SER A 77 -7.78 4.27 -10.13
N LYS A 78 -7.72 3.73 -8.91
CA LYS A 78 -8.94 3.33 -8.20
C LYS A 78 -8.90 3.81 -6.75
N ILE A 79 -9.81 4.72 -6.41
CA ILE A 79 -9.88 5.25 -5.06
C ILE A 79 -11.24 4.97 -4.43
N ASN A 80 -11.24 4.55 -3.17
CA ASN A 80 -12.47 4.24 -2.46
C ASN A 80 -12.52 4.98 -1.12
N HIS A 81 -13.65 5.62 -0.85
CA HIS A 81 -13.83 6.37 0.40
C HIS A 81 -14.69 5.59 1.38
N PHE A 82 -14.11 5.21 2.51
CA PHE A 82 -14.82 4.45 3.53
C PHE A 82 -15.05 5.31 4.77
N THR A 83 -16.32 5.53 5.10
CA THR A 83 -16.69 6.33 6.26
C THR A 83 -16.16 5.69 7.56
N ARG A 84 -16.24 4.37 7.63
CA ARG A 84 -15.77 3.65 8.80
C ARG A 84 -14.32 3.20 8.63
N LEU A 85 -13.64 2.99 9.75
CA LEU A 85 -12.25 2.58 9.73
C LEU A 85 -12.13 1.08 9.42
N GLU A 86 -12.67 0.25 10.31
CA GLU A 86 -12.63 -1.19 10.13
C GLU A 86 -13.05 -1.58 8.72
N ASP A 87 -14.09 -0.92 8.22
CA ASP A 87 -14.60 -1.20 6.88
C ASP A 87 -13.46 -1.16 5.86
N ALA A 88 -12.62 -0.14 5.95
CA ALA A 88 -11.49 0.01 5.03
C ALA A 88 -10.40 -1.01 5.33
N LYS A 89 -10.22 -1.32 6.61
CA LYS A 89 -9.21 -2.28 7.03
C LYS A 89 -9.47 -3.65 6.42
N LYS A 90 -10.74 -4.05 6.41
CA LYS A 90 -11.13 -5.34 5.86
C LYS A 90 -10.79 -5.42 4.37
N ASP A 91 -11.09 -4.34 3.64
CA ASP A 91 -10.81 -4.30 2.21
C ASP A 91 -9.31 -4.22 1.95
N PHE A 92 -8.61 -3.40 2.74
CA PHE A 92 -7.17 -3.24 2.60
C PHE A 92 -6.45 -4.55 2.87
N GLU A 93 -6.86 -5.24 3.94
CA GLU A 93 -6.25 -6.50 4.31
C GLU A 93 -6.67 -7.62 3.35
N LYS A 94 -7.97 -7.71 3.10
CA LYS A 94 -8.51 -8.73 2.20
C LYS A 94 -7.80 -8.70 0.85
N LYS A 95 -7.81 -7.54 0.21
CA LYS A 95 -7.16 -7.38 -1.08
C LYS A 95 -5.71 -7.84 -1.03
N PHE A 96 -4.98 -7.37 -0.01
CA PHE A 96 -3.58 -7.75 0.15
C PHE A 96 -3.42 -9.25 0.28
N ARG A 97 -4.07 -9.83 1.30
CA ARG A 97 -4.01 -11.26 1.53
C ARG A 97 -4.51 -12.04 0.32
N GLU A 98 -5.43 -11.44 -0.42
CA GLU A 98 -6.00 -12.07 -1.60
C GLU A 98 -4.99 -12.07 -2.75
N LYS A 99 -4.08 -11.10 -2.73
CA LYS A 99 -3.06 -10.99 -3.76
C LYS A 99 -1.76 -11.67 -3.33
N THR A 100 -1.58 -11.79 -2.02
CA THR A 100 -0.38 -12.41 -1.48
C THR A 100 -0.73 -13.69 -0.72
N LYS A 101 -1.98 -14.14 -0.86
CA LYS A 101 -2.44 -15.34 -0.19
C LYS A 101 -1.81 -15.49 1.19
N ASN A 102 -1.69 -14.36 1.90
CA ASN A 102 -1.11 -14.36 3.23
C ASN A 102 -1.80 -13.34 4.13
N ASN A 103 -1.65 -13.52 5.44
CA ASN A 103 -2.26 -12.61 6.41
C ASN A 103 -1.33 -11.45 6.73
N TRP A 104 -1.87 -10.25 6.73
CA TRP A 104 -1.08 -9.05 7.02
C TRP A 104 -0.40 -9.17 8.38
N ALA A 105 -1.12 -9.73 9.35
CA ALA A 105 -0.59 -9.90 10.70
C ALA A 105 0.52 -10.95 10.72
N GLU A 106 0.30 -12.05 10.00
CA GLU A 106 1.29 -13.13 9.93
C GLU A 106 2.23 -12.93 8.75
N ARG A 107 2.63 -11.68 8.51
CA ARG A 107 3.53 -11.36 7.41
C ARG A 107 4.88 -12.03 7.60
N ASP A 108 5.18 -12.40 8.84
CA ASP A 108 6.44 -13.05 9.16
C ASP A 108 6.67 -14.27 8.27
N HIS A 109 5.64 -15.09 8.13
CA HIS A 109 5.72 -16.29 7.30
C HIS A 109 5.13 -16.05 5.92
N PHE A 110 5.38 -14.86 5.37
CA PHE A 110 4.88 -14.50 4.05
C PHE A 110 5.30 -15.52 3.00
N VAL A 111 4.36 -16.37 2.60
CA VAL A 111 4.64 -17.39 1.60
C VAL A 111 4.39 -16.87 0.19
N SER A 112 5.47 -16.54 -0.51
CA SER A 112 5.37 -16.03 -1.87
C SER A 112 5.20 -17.16 -2.87
N HIS A 113 3.96 -17.40 -3.30
CA HIS A 113 3.67 -18.46 -4.25
C HIS A 113 4.01 -18.02 -5.68
N PRO A 114 4.36 -18.99 -6.52
CA PRO A 114 4.73 -18.73 -7.92
C PRO A 114 3.54 -18.30 -8.76
N GLY A 115 3.61 -17.10 -9.31
CA GLY A 115 2.53 -16.58 -10.13
C GLY A 115 1.77 -15.46 -9.45
N LYS A 116 1.55 -15.59 -8.15
CA LYS A 116 0.84 -14.58 -7.39
C LYS A 116 1.71 -13.34 -7.17
N TYR A 117 1.14 -12.33 -6.52
CA TYR A 117 1.86 -11.10 -6.25
C TYR A 117 2.94 -11.31 -5.20
N THR A 118 3.94 -10.43 -5.20
CA THR A 118 5.03 -10.52 -4.24
C THR A 118 5.06 -9.31 -3.31
N LEU A 119 5.83 -9.42 -2.23
CA LEU A 119 5.93 -8.34 -1.26
C LEU A 119 7.30 -7.68 -1.32
N ILE A 120 7.35 -6.45 -1.80
CA ILE A 120 8.60 -5.70 -1.91
C ILE A 120 8.61 -4.50 -0.97
N GLU A 121 9.78 -3.88 -0.83
CA GLU A 121 9.91 -2.71 0.02
C GLU A 121 10.34 -1.48 -0.78
N VAL A 122 10.22 -1.59 -2.10
CA VAL A 122 10.59 -0.50 -2.99
C VAL A 122 11.99 0.03 -2.68
N GLN A 123 12.48 0.94 -3.52
CA GLN A 123 13.81 1.51 -3.33
C GLN A 123 13.72 2.81 -2.55
N ALA A 124 13.90 2.72 -1.23
CA ALA A 124 13.85 3.90 -0.37
C ALA A 124 15.24 4.30 0.09
N GLY A 1 2.22 12.08 18.50
CA GLY A 1 3.58 12.50 18.75
C GLY A 1 4.55 11.95 17.71
N SER A 2 5.70 12.62 17.58
CA SER A 2 6.72 12.20 16.62
C SER A 2 8.11 12.54 17.12
N SER A 3 8.69 11.64 17.92
CA SER A 3 10.02 11.83 18.47
C SER A 3 10.90 10.62 18.21
N GLY A 4 12.21 10.81 18.33
CA GLY A 4 13.14 9.72 18.11
C GLY A 4 13.27 8.81 19.32
N SER A 5 14.04 7.73 19.17
CA SER A 5 14.23 6.77 20.26
C SER A 5 15.21 5.67 19.84
N SER A 6 16.22 5.44 20.68
CA SER A 6 17.21 4.42 20.40
C SER A 6 16.56 3.07 20.13
N GLY A 7 17.20 2.27 19.29
CA GLY A 7 16.66 0.96 18.96
C GLY A 7 15.48 1.03 18.03
N ALA A 8 15.73 0.82 16.74
CA ALA A 8 14.68 0.87 15.72
C ALA A 8 14.08 2.27 15.62
N GLU A 9 13.77 2.69 14.39
CA GLU A 9 13.19 4.00 14.15
C GLU A 9 11.83 3.88 13.47
N LYS A 10 10.78 4.31 14.18
CA LYS A 10 9.43 4.25 13.65
C LYS A 10 9.43 4.52 12.15
N ARG A 11 9.02 3.52 11.37
CA ARG A 11 8.98 3.64 9.92
C ARG A 11 7.99 4.73 9.49
N ILE A 12 8.48 5.68 8.70
CA ILE A 12 7.65 6.77 8.23
C ILE A 12 7.05 6.46 6.86
N ILE A 13 5.85 6.96 6.61
CA ILE A 13 5.17 6.74 5.34
C ILE A 13 4.80 8.07 4.68
N ARG A 14 5.09 8.17 3.38
CA ARG A 14 4.77 9.38 2.63
C ARG A 14 3.64 9.14 1.64
N VAL A 15 2.56 9.90 1.78
CA VAL A 15 1.42 9.77 0.89
C VAL A 15 1.84 9.78 -0.57
N ASP A 16 1.48 8.74 -1.30
CA ASP A 16 1.82 8.63 -2.71
C ASP A 16 1.50 9.93 -3.44
N PRO A 17 2.37 10.31 -4.39
CA PRO A 17 2.20 11.53 -5.19
C PRO A 17 1.05 11.43 -6.17
N THR A 18 0.92 10.26 -6.81
CA THR A 18 -0.15 10.04 -7.78
C THR A 18 -1.50 10.35 -7.18
N CYS A 19 -1.66 10.07 -5.89
CA CYS A 19 -2.92 10.32 -5.19
C CYS A 19 -3.14 11.82 -5.00
N PRO A 20 -4.38 12.26 -5.23
CA PRO A 20 -4.75 13.68 -5.08
C PRO A 20 -4.76 14.12 -3.63
N LEU A 21 -5.45 13.37 -2.79
CA LEU A 21 -5.55 13.69 -1.36
C LEU A 21 -4.23 14.25 -0.85
N SER A 22 -3.12 13.69 -1.33
CA SER A 22 -1.79 14.13 -0.91
C SER A 22 -1.73 15.65 -0.83
N SER A 23 -2.17 16.32 -1.89
CA SER A 23 -2.16 17.77 -1.92
C SER A 23 -2.80 18.36 -0.67
N ASN A 24 -3.95 17.80 -0.28
CA ASN A 24 -4.66 18.26 0.90
C ASN A 24 -3.82 18.07 2.16
N PRO A 25 -3.69 19.15 2.94
CA PRO A 25 -2.91 19.14 4.18
C PRO A 25 -3.57 18.30 5.27
N GLY A 26 -2.75 17.67 6.11
CA GLY A 26 -3.28 16.84 7.19
C GLY A 26 -3.43 15.40 6.78
N THR A 27 -3.93 15.17 5.58
CA THR A 27 -4.13 13.81 5.07
C THR A 27 -2.84 13.01 5.12
N GLN A 28 -2.76 12.06 6.04
CA GLN A 28 -1.57 11.23 6.19
C GLN A 28 -1.92 9.75 6.02
N VAL A 29 -0.90 8.93 5.84
CA VAL A 29 -1.10 7.49 5.67
C VAL A 29 -1.35 6.81 7.01
N TYR A 30 -2.59 6.42 7.23
CA TYR A 30 -2.98 5.75 8.47
C TYR A 30 -1.97 4.65 8.84
N GLU A 31 -1.34 4.81 10.00
CA GLU A 31 -0.37 3.83 10.46
C GLU A 31 0.68 3.55 9.38
N ASP A 32 1.10 2.30 9.28
CA ASP A 32 2.09 1.89 8.29
C ASP A 32 1.48 0.94 7.27
N TYR A 33 0.26 1.26 6.83
CA TYR A 33 -0.43 0.43 5.85
C TYR A 33 -0.06 0.84 4.43
N ASN A 34 1.08 0.35 3.95
CA ASN A 34 1.54 0.66 2.61
C ASN A 34 2.60 -0.34 2.15
N CYS A 35 2.26 -1.11 1.11
CA CYS A 35 3.18 -2.10 0.58
C CYS A 35 3.06 -2.21 -0.93
N THR A 36 4.17 -2.53 -1.60
CA THR A 36 4.18 -2.66 -3.05
C THR A 36 4.15 -4.12 -3.48
N LEU A 37 3.27 -4.44 -4.41
CA LEU A 37 3.13 -5.80 -4.91
C LEU A 37 3.53 -5.89 -6.38
N ASN A 38 4.23 -6.96 -6.74
CA ASN A 38 4.67 -7.17 -8.11
C ASN A 38 4.00 -8.40 -8.72
N GLN A 39 3.77 -8.35 -10.02
CA GLN A 39 3.15 -9.46 -10.73
C GLN A 39 3.77 -9.67 -12.10
N THR A 40 4.54 -10.73 -12.24
CA THR A 40 5.21 -11.04 -13.51
C THR A 40 4.71 -12.36 -14.09
N ASN A 41 4.81 -12.50 -15.41
CA ASN A 41 4.37 -13.72 -16.08
C ASN A 41 5.19 -13.97 -17.34
N ILE A 42 5.44 -15.24 -17.62
CA ILE A 42 6.22 -15.62 -18.80
C ILE A 42 5.40 -15.47 -20.08
N GLU A 43 4.81 -14.30 -20.26
CA GLU A 43 4.00 -14.02 -21.44
C GLU A 43 4.30 -12.63 -22.00
N ASN A 44 4.95 -12.60 -23.17
CA ASN A 44 5.30 -11.35 -23.81
C ASN A 44 5.84 -10.35 -22.79
N ASN A 45 6.65 -10.84 -21.86
CA ASN A 45 7.23 -9.99 -20.82
C ASN A 45 6.17 -9.10 -20.19
N ASN A 46 5.11 -9.72 -19.68
CA ASN A 46 4.03 -8.98 -19.05
C ASN A 46 4.35 -8.71 -17.59
N ASN A 47 4.55 -7.43 -17.26
CA ASN A 47 4.86 -7.02 -15.89
C ASN A 47 3.94 -5.91 -15.43
N LYS A 48 3.52 -5.97 -14.17
CA LYS A 48 2.64 -4.95 -13.61
C LYS A 48 3.00 -4.68 -12.15
N PHE A 49 2.40 -3.64 -11.58
CA PHE A 49 2.65 -3.26 -10.20
C PHE A 49 1.35 -2.85 -9.50
N TYR A 50 1.23 -3.22 -8.23
CA TYR A 50 0.04 -2.89 -7.46
C TYR A 50 0.42 -2.21 -6.14
N ILE A 51 -0.26 -1.12 -5.84
CA ILE A 51 0.01 -0.38 -4.60
C ILE A 51 -1.27 -0.23 -3.77
N ILE A 52 -1.14 -0.45 -2.47
CA ILE A 52 -2.28 -0.33 -1.57
C ILE A 52 -1.91 0.43 -0.29
N GLN A 53 -2.43 1.63 -0.15
CA GLN A 53 -2.15 2.46 1.02
C GLN A 53 -3.44 2.95 1.67
N LEU A 54 -3.42 3.11 2.98
CA LEU A 54 -4.59 3.58 3.72
C LEU A 54 -4.37 5.00 4.23
N LEU A 55 -5.11 5.95 3.68
CA LEU A 55 -5.01 7.34 4.08
C LEU A 55 -6.14 7.72 5.04
N GLN A 56 -5.87 8.70 5.90
CA GLN A 56 -6.87 9.14 6.87
C GLN A 56 -7.07 10.65 6.76
N ASP A 57 -8.33 11.09 6.87
CA ASP A 57 -8.66 12.50 6.79
C ASP A 57 -9.10 13.04 8.15
N SER A 58 -9.20 14.36 8.25
CA SER A 58 -9.59 15.00 9.50
C SER A 58 -11.09 14.76 9.78
N ASN A 59 -11.80 14.30 8.75
CA ASN A 59 -13.23 14.05 8.89
C ASN A 59 -13.49 12.58 9.25
N ARG A 60 -12.63 12.04 10.11
CA ARG A 60 -12.77 10.65 10.54
C ARG A 60 -13.12 9.75 9.36
N PHE A 61 -12.75 10.18 8.16
CA PHE A 61 -13.04 9.41 6.95
C PHE A 61 -11.75 9.05 6.22
N PHE A 62 -11.50 7.75 6.09
CA PHE A 62 -10.30 7.27 5.42
C PHE A 62 -10.56 7.03 3.94
N THR A 63 -9.49 6.84 3.17
CA THR A 63 -9.61 6.61 1.74
C THR A 63 -8.58 5.58 1.26
N CYS A 64 -9.06 4.53 0.63
CA CYS A 64 -8.19 3.47 0.12
C CYS A 64 -7.70 3.80 -1.28
N TRP A 65 -6.45 4.24 -1.38
CA TRP A 65 -5.86 4.59 -2.67
C TRP A 65 -5.27 3.37 -3.35
N ASN A 66 -5.72 3.09 -4.57
CA ASN A 66 -5.24 1.94 -5.32
C ASN A 66 -4.63 2.39 -6.65
N ARG A 67 -3.46 1.85 -6.97
CA ARG A 67 -2.78 2.19 -8.22
C ARG A 67 -2.23 0.94 -8.90
N TRP A 68 -2.63 0.73 -10.15
CA TRP A 68 -2.17 -0.43 -10.91
C TRP A 68 -1.88 -0.05 -12.36
N GLY A 69 -1.26 -0.97 -13.09
CA GLY A 69 -0.93 -0.71 -14.48
C GLY A 69 0.27 -1.49 -14.95
N ARG A 70 1.24 -0.79 -15.53
CA ARG A 70 2.46 -1.43 -16.03
C ARG A 70 3.67 -0.97 -15.23
N VAL A 71 4.66 -1.86 -15.10
CA VAL A 71 5.87 -1.56 -14.36
C VAL A 71 6.69 -0.49 -15.08
N GLY A 72 6.76 0.70 -14.49
CA GLY A 72 7.51 1.79 -15.08
C GLY A 72 6.61 2.87 -15.66
N GLU A 73 5.40 2.99 -15.12
CA GLU A 73 4.45 3.99 -15.59
C GLU A 73 3.36 4.23 -14.54
N VAL A 74 2.63 5.32 -14.70
CA VAL A 74 1.56 5.68 -13.79
C VAL A 74 0.44 4.65 -13.82
N GLY A 75 0.11 4.19 -15.03
CA GLY A 75 -0.94 3.21 -15.18
C GLY A 75 -2.30 3.75 -14.78
N GLN A 76 -3.20 2.85 -14.40
CA GLN A 76 -4.55 3.24 -13.99
C GLN A 76 -4.55 3.81 -12.58
N SER A 77 -5.69 4.30 -12.15
CA SER A 77 -5.82 4.88 -10.81
C SER A 77 -7.23 4.66 -10.26
N LYS A 78 -7.30 4.25 -9.00
CA LYS A 78 -8.58 4.01 -8.35
C LYS A 78 -8.57 4.52 -6.90
N ILE A 79 -9.75 4.87 -6.40
CA ILE A 79 -9.87 5.37 -5.03
C ILE A 79 -11.20 4.96 -4.41
N ASN A 80 -11.19 4.70 -3.11
CA ASN A 80 -12.40 4.31 -2.40
C ASN A 80 -12.53 5.05 -1.08
N HIS A 81 -13.69 5.66 -0.85
CA HIS A 81 -13.94 6.41 0.38
C HIS A 81 -14.79 5.59 1.35
N PHE A 82 -14.29 5.42 2.57
CA PHE A 82 -15.01 4.66 3.59
C PHE A 82 -15.21 5.50 4.84
N THR A 83 -16.42 5.45 5.38
CA THR A 83 -16.76 6.21 6.58
C THR A 83 -16.16 5.56 7.83
N ARG A 84 -16.25 4.24 7.90
CA ARG A 84 -15.71 3.50 9.03
C ARG A 84 -14.25 3.13 8.81
N LEU A 85 -13.49 3.06 9.89
CA LEU A 85 -12.08 2.71 9.80
C LEU A 85 -11.88 1.22 9.56
N GLU A 86 -12.55 0.40 10.37
CA GLU A 86 -12.47 -1.05 10.24
C GLU A 86 -12.80 -1.49 8.82
N ASP A 87 -13.89 -0.95 8.29
CA ASP A 87 -14.32 -1.28 6.93
C ASP A 87 -13.17 -1.15 5.94
N ALA A 88 -12.45 -0.02 6.04
CA ALA A 88 -11.33 0.24 5.14
C ALA A 88 -10.24 -0.81 5.33
N LYS A 89 -9.93 -1.13 6.58
CA LYS A 89 -8.90 -2.12 6.90
C LYS A 89 -9.25 -3.47 6.30
N LYS A 90 -10.54 -3.82 6.36
CA LYS A 90 -11.00 -5.10 5.83
C LYS A 90 -10.69 -5.21 4.35
N ASP A 91 -11.01 -4.17 3.59
CA ASP A 91 -10.76 -4.15 2.15
C ASP A 91 -9.26 -4.03 1.86
N PHE A 92 -8.60 -3.13 2.58
CA PHE A 92 -7.17 -2.92 2.40
C PHE A 92 -6.38 -4.21 2.64
N GLU A 93 -6.67 -4.86 3.76
CA GLU A 93 -6.00 -6.11 4.12
C GLU A 93 -6.47 -7.25 3.23
N LYS A 94 -7.79 -7.47 3.20
CA LYS A 94 -8.36 -8.54 2.39
C LYS A 94 -7.68 -8.62 1.03
N LYS A 95 -7.63 -7.49 0.33
CA LYS A 95 -7.00 -7.43 -0.99
C LYS A 95 -5.57 -7.97 -0.92
N PHE A 96 -4.78 -7.44 0.00
CA PHE A 96 -3.39 -7.87 0.15
C PHE A 96 -3.32 -9.38 0.40
N ARG A 97 -4.05 -9.84 1.40
CA ARG A 97 -4.07 -11.25 1.75
C ARG A 97 -4.59 -12.09 0.59
N GLU A 98 -5.42 -11.49 -0.25
CA GLU A 98 -5.98 -12.18 -1.40
C GLU A 98 -5.00 -12.19 -2.57
N LYS A 99 -4.15 -11.18 -2.62
CA LYS A 99 -3.16 -11.07 -3.68
C LYS A 99 -1.87 -11.80 -3.31
N THR A 100 -1.61 -11.90 -2.00
CA THR A 100 -0.42 -12.57 -1.51
C THR A 100 -0.77 -13.89 -0.82
N LYS A 101 -2.07 -14.17 -0.74
CA LYS A 101 -2.54 -15.40 -0.12
C LYS A 101 -1.90 -15.60 1.26
N ASN A 102 -1.78 -14.52 2.01
CA ASN A 102 -1.18 -14.58 3.34
C ASN A 102 -1.72 -13.45 4.23
N ASN A 103 -1.95 -13.77 5.50
CA ASN A 103 -2.45 -12.79 6.45
C ASN A 103 -1.44 -11.67 6.69
N TRP A 104 -1.92 -10.44 6.73
CA TRP A 104 -1.06 -9.28 6.95
C TRP A 104 -0.35 -9.38 8.30
N ALA A 105 -1.07 -9.89 9.29
CA ALA A 105 -0.52 -10.04 10.63
C ALA A 105 0.61 -11.07 10.66
N GLU A 106 0.39 -12.18 9.96
CA GLU A 106 1.38 -13.25 9.89
C GLU A 106 2.36 -13.02 8.75
N ARG A 107 2.71 -11.75 8.53
CA ARG A 107 3.64 -11.39 7.47
C ARG A 107 4.99 -12.07 7.67
N ASP A 108 5.27 -12.45 8.92
CA ASP A 108 6.52 -13.12 9.24
C ASP A 108 6.78 -14.29 8.30
N HIS A 109 5.76 -15.12 8.13
CA HIS A 109 5.87 -16.29 7.25
C HIS A 109 5.30 -15.99 5.87
N PHE A 110 5.54 -14.78 5.39
CA PHE A 110 5.05 -14.36 4.07
C PHE A 110 5.57 -15.29 2.98
N VAL A 111 4.70 -16.16 2.49
CA VAL A 111 5.07 -17.10 1.43
C VAL A 111 4.87 -16.49 0.05
N SER A 112 5.89 -16.59 -0.79
CA SER A 112 5.84 -16.05 -2.14
C SER A 112 5.49 -17.14 -3.15
N HIS A 113 4.23 -17.19 -3.56
CA HIS A 113 3.77 -18.19 -4.52
C HIS A 113 4.21 -17.81 -5.93
N PRO A 114 4.43 -18.83 -6.77
CA PRO A 114 4.86 -18.63 -8.16
C PRO A 114 3.76 -18.03 -9.03
N GLY A 115 3.94 -16.78 -9.44
CA GLY A 115 2.96 -16.11 -10.26
C GLY A 115 2.15 -15.08 -9.49
N LYS A 116 1.85 -15.40 -8.22
CA LYS A 116 1.07 -14.50 -7.38
C LYS A 116 1.83 -13.21 -7.13
N TYR A 117 1.26 -12.34 -6.29
CA TYR A 117 1.88 -11.06 -5.98
C TYR A 117 2.96 -11.23 -4.91
N THR A 118 4.05 -10.49 -5.05
CA THR A 118 5.15 -10.56 -4.11
C THR A 118 5.18 -9.32 -3.22
N LEU A 119 5.96 -9.39 -2.14
CA LEU A 119 6.08 -8.27 -1.20
C LEU A 119 7.43 -7.58 -1.35
N ILE A 120 7.42 -6.40 -1.95
CA ILE A 120 8.64 -5.63 -2.14
C ILE A 120 8.61 -4.33 -1.35
N GLU A 121 9.75 -3.65 -1.30
CA GLU A 121 9.85 -2.38 -0.58
C GLU A 121 10.34 -1.26 -1.50
N VAL A 122 10.20 -1.48 -2.79
CA VAL A 122 10.63 -0.50 -3.78
C VAL A 122 12.03 0.00 -3.49
N GLN A 123 12.53 0.90 -4.33
CA GLN A 123 13.87 1.45 -4.16
C GLN A 123 13.82 2.98 -4.11
N ALA A 124 13.81 3.53 -2.91
CA ALA A 124 13.78 4.98 -2.73
C ALA A 124 14.72 5.43 -1.62
N GLY A 1 29.76 -7.82 9.00
CA GLY A 1 30.27 -6.97 10.07
C GLY A 1 29.34 -5.81 10.37
N SER A 2 28.17 -6.12 10.91
CA SER A 2 27.20 -5.10 11.25
C SER A 2 27.15 -4.86 12.76
N SER A 3 27.01 -3.59 13.15
CA SER A 3 26.96 -3.23 14.56
C SER A 3 25.65 -2.51 14.89
N GLY A 4 24.78 -3.19 15.62
CA GLY A 4 23.50 -2.60 15.99
C GLY A 4 22.43 -3.64 16.25
N SER A 5 21.49 -3.32 17.13
CA SER A 5 20.41 -4.23 17.46
C SER A 5 19.45 -3.60 18.46
N SER A 6 18.18 -3.50 18.07
CA SER A 6 17.15 -2.90 18.93
C SER A 6 17.53 -1.47 19.30
N GLY A 7 16.52 -0.69 19.68
CA GLY A 7 16.75 0.70 20.05
C GLY A 7 15.57 1.59 19.76
N ALA A 8 15.83 2.86 19.52
CA ALA A 8 14.77 3.82 19.22
C ALA A 8 14.72 4.14 17.73
N GLU A 9 14.07 3.28 16.97
CA GLU A 9 13.94 3.47 15.53
C GLU A 9 12.48 3.54 15.11
N LYS A 10 12.07 4.71 14.62
CA LYS A 10 10.69 4.91 14.19
C LYS A 10 10.61 4.93 12.66
N ARG A 11 9.49 4.44 12.14
CA ARG A 11 9.27 4.40 10.69
C ARG A 11 8.42 5.57 10.24
N ILE A 12 8.70 6.07 9.04
CA ILE A 12 7.96 7.19 8.49
C ILE A 12 7.35 6.85 7.13
N ILE A 13 6.15 7.35 6.88
CA ILE A 13 5.46 7.08 5.62
C ILE A 13 5.05 8.40 4.95
N ARG A 14 5.15 8.43 3.62
CA ARG A 14 4.78 9.61 2.85
C ARG A 14 3.72 9.26 1.80
N VAL A 15 2.52 9.80 1.98
CA VAL A 15 1.43 9.55 1.06
C VAL A 15 1.90 9.64 -0.39
N ASP A 16 1.71 8.56 -1.14
CA ASP A 16 2.13 8.51 -2.54
C ASP A 16 1.84 9.83 -3.23
N PRO A 17 2.73 10.24 -4.15
CA PRO A 17 2.60 11.48 -4.90
C PRO A 17 1.44 11.44 -5.90
N THR A 18 1.31 10.31 -6.59
CA THR A 18 0.25 10.13 -7.58
C THR A 18 -1.12 10.39 -6.97
N CYS A 19 -1.28 10.01 -5.71
CA CYS A 19 -2.55 10.22 -5.02
C CYS A 19 -2.87 11.70 -4.88
N PRO A 20 -4.13 12.06 -5.12
CA PRO A 20 -4.60 13.45 -5.04
C PRO A 20 -4.63 13.96 -3.60
N LEU A 21 -5.27 13.19 -2.72
CA LEU A 21 -5.38 13.57 -1.32
C LEU A 21 -4.04 14.08 -0.79
N SER A 22 -2.95 13.48 -1.26
CA SER A 22 -1.61 13.88 -0.84
C SER A 22 -1.50 15.39 -0.72
N SER A 23 -1.95 16.09 -1.77
CA SER A 23 -1.91 17.55 -1.78
C SER A 23 -2.66 18.14 -0.59
N ASN A 24 -3.85 17.62 -0.34
CA ASN A 24 -4.67 18.09 0.78
C ASN A 24 -3.93 17.94 2.10
N PRO A 25 -3.86 19.04 2.86
CA PRO A 25 -3.18 19.06 4.17
C PRO A 25 -3.92 18.26 5.22
N GLY A 26 -3.18 17.48 6.00
CA GLY A 26 -3.79 16.67 7.04
C GLY A 26 -3.91 15.21 6.64
N THR A 27 -4.11 14.96 5.35
CA THR A 27 -4.25 13.61 4.83
C THR A 27 -2.96 12.84 4.98
N GLN A 28 -2.93 11.90 5.93
CA GLN A 28 -1.75 11.09 6.18
C GLN A 28 -2.04 9.61 5.93
N VAL A 29 -1.00 8.78 6.03
CA VAL A 29 -1.15 7.35 5.81
C VAL A 29 -1.41 6.62 7.13
N TYR A 30 -2.61 6.07 7.27
CA TYR A 30 -2.98 5.34 8.48
C TYR A 30 -1.91 4.33 8.86
N GLU A 31 -1.40 4.45 10.08
CA GLU A 31 -0.36 3.54 10.55
C GLU A 31 0.73 3.35 9.51
N ASP A 32 1.24 2.13 9.41
CA ASP A 32 2.29 1.81 8.46
C ASP A 32 1.76 0.93 7.33
N TYR A 33 0.54 1.22 6.89
CA TYR A 33 -0.08 0.45 5.81
C TYR A 33 0.33 0.98 4.45
N ASN A 34 1.49 0.50 3.96
CA ASN A 34 1.99 0.92 2.67
C ASN A 34 2.93 -0.14 2.09
N CYS A 35 2.46 -0.82 1.05
CA CYS A 35 3.26 -1.86 0.40
C CYS A 35 2.97 -1.92 -1.09
N THR A 36 3.88 -2.52 -1.85
CA THR A 36 3.71 -2.64 -3.30
C THR A 36 3.68 -4.11 -3.72
N LEU A 37 2.99 -4.36 -4.84
CA LEU A 37 2.88 -5.72 -5.36
C LEU A 37 3.42 -5.81 -6.78
N ASN A 38 4.04 -6.94 -7.10
CA ASN A 38 4.59 -7.15 -8.44
C ASN A 38 4.18 -8.52 -8.99
N GLN A 39 4.17 -8.63 -10.31
CA GLN A 39 3.79 -9.87 -10.98
C GLN A 39 4.42 -9.96 -12.36
N THR A 40 5.45 -10.80 -12.49
CA THR A 40 6.14 -10.98 -13.76
C THR A 40 5.69 -12.27 -14.44
N ASN A 41 5.77 -12.27 -15.77
CA ASN A 41 5.38 -13.45 -16.55
C ASN A 41 6.21 -13.57 -17.81
N ILE A 42 6.57 -14.80 -18.16
CA ILE A 42 7.38 -15.05 -19.35
C ILE A 42 6.53 -14.93 -20.62
N GLU A 43 5.83 -13.82 -20.75
CA GLU A 43 4.99 -13.57 -21.92
C GLU A 43 5.18 -12.15 -22.45
N ASN A 44 5.84 -12.05 -23.60
CA ASN A 44 6.09 -10.75 -24.21
C ASN A 44 6.51 -9.72 -23.16
N ASN A 45 7.35 -10.15 -22.23
CA ASN A 45 7.82 -9.28 -21.16
C ASN A 45 6.68 -8.48 -20.56
N ASN A 46 5.62 -9.18 -20.15
CA ASN A 46 4.46 -8.55 -19.56
C ASN A 46 4.55 -8.56 -18.03
N ASN A 47 4.62 -7.38 -17.43
CA ASN A 47 4.72 -7.26 -15.98
C ASN A 47 3.71 -6.24 -15.46
N LYS A 48 3.11 -6.56 -14.31
CA LYS A 48 2.12 -5.67 -13.69
C LYS A 48 2.42 -5.47 -12.21
N PHE A 49 1.71 -4.53 -11.59
CA PHE A 49 1.90 -4.24 -10.18
C PHE A 49 0.59 -3.78 -9.54
N TYR A 50 0.59 -3.66 -8.22
CA TYR A 50 -0.60 -3.23 -7.50
C TYR A 50 -0.21 -2.50 -6.20
N ILE A 51 -0.79 -1.32 -6.01
CA ILE A 51 -0.52 -0.52 -4.82
C ILE A 51 -1.74 -0.46 -3.90
N ILE A 52 -1.49 -0.58 -2.61
CA ILE A 52 -2.57 -0.53 -1.62
C ILE A 52 -2.14 0.23 -0.37
N GLN A 53 -2.70 1.42 -0.19
CA GLN A 53 -2.37 2.25 0.96
C GLN A 53 -3.64 2.73 1.66
N LEU A 54 -3.53 3.00 2.96
CA LEU A 54 -4.66 3.46 3.75
C LEU A 54 -4.44 4.88 4.25
N LEU A 55 -5.25 5.81 3.75
CA LEU A 55 -5.14 7.20 4.16
C LEU A 55 -6.20 7.56 5.19
N GLN A 56 -5.96 8.64 5.93
CA GLN A 56 -6.90 9.08 6.95
C GLN A 56 -7.05 10.60 6.93
N ASP A 57 -8.28 11.07 6.83
CA ASP A 57 -8.57 12.50 6.79
C ASP A 57 -8.86 13.04 8.18
N SER A 58 -8.95 14.36 8.31
CA SER A 58 -9.22 14.99 9.60
C SER A 58 -10.63 14.66 10.06
N ASN A 59 -11.54 14.47 9.11
CA ASN A 59 -12.93 14.17 9.42
C ASN A 59 -13.11 12.67 9.65
N ARG A 60 -12.22 12.09 10.45
CA ARG A 60 -12.28 10.67 10.76
C ARG A 60 -12.76 9.87 9.55
N PHE A 61 -12.36 10.32 8.36
CA PHE A 61 -12.74 9.65 7.12
C PHE A 61 -11.50 9.13 6.39
N PHE A 62 -11.43 7.80 6.24
CA PHE A 62 -10.32 7.17 5.56
C PHE A 62 -10.61 6.97 4.08
N THR A 63 -9.58 6.66 3.31
CA THR A 63 -9.73 6.44 1.88
C THR A 63 -8.73 5.42 1.36
N CYS A 64 -9.24 4.36 0.74
CA CYS A 64 -8.39 3.30 0.20
C CYS A 64 -7.83 3.69 -1.16
N TRP A 65 -6.57 4.11 -1.18
CA TRP A 65 -5.91 4.52 -2.42
C TRP A 65 -5.26 3.32 -3.10
N ASN A 66 -5.83 2.91 -4.24
CA ASN A 66 -5.29 1.78 -4.99
C ASN A 66 -4.75 2.23 -6.34
N ARG A 67 -3.63 1.65 -6.75
CA ARG A 67 -3.00 1.99 -8.01
C ARG A 67 -2.28 0.78 -8.62
N TRP A 68 -2.70 0.38 -9.81
CA TRP A 68 -2.10 -0.76 -10.48
C TRP A 68 -1.77 -0.43 -11.93
N GLY A 69 -1.20 -1.38 -12.64
CA GLY A 69 -0.84 -1.18 -14.04
C GLY A 69 0.36 -1.99 -14.46
N ARG A 70 1.13 -1.46 -15.40
CA ARG A 70 2.32 -2.15 -15.90
C ARG A 70 3.55 -1.76 -15.08
N VAL A 71 4.39 -2.76 -14.77
CA VAL A 71 5.61 -2.52 -14.01
C VAL A 71 6.54 -1.56 -14.75
N GLY A 72 6.42 -0.27 -14.44
CA GLY A 72 7.26 0.72 -15.09
C GLY A 72 6.52 2.01 -15.38
N GLU A 73 5.19 1.90 -15.49
CA GLU A 73 4.36 3.07 -15.78
C GLU A 73 3.35 3.32 -14.66
N VAL A 74 2.94 4.57 -14.51
CA VAL A 74 1.98 4.93 -13.48
C VAL A 74 0.84 3.92 -13.40
N GLY A 75 0.33 3.53 -14.56
CA GLY A 75 -0.76 2.57 -14.60
C GLY A 75 -2.12 3.22 -14.42
N GLN A 76 -3.09 2.43 -13.95
CA GLN A 76 -4.44 2.94 -13.73
C GLN A 76 -4.57 3.55 -12.34
N SER A 77 -5.69 4.22 -12.09
CA SER A 77 -5.94 4.86 -10.81
C SER A 77 -7.32 4.50 -10.27
N LYS A 78 -7.40 4.24 -8.97
CA LYS A 78 -8.67 3.89 -8.34
C LYS A 78 -8.66 4.27 -6.86
N ILE A 79 -9.62 5.11 -6.47
CA ILE A 79 -9.72 5.55 -5.08
C ILE A 79 -11.09 5.22 -4.51
N ASN A 80 -11.12 4.77 -3.26
CA ASN A 80 -12.37 4.42 -2.59
C ASN A 80 -12.44 5.08 -1.22
N HIS A 81 -13.49 5.87 -1.01
CA HIS A 81 -13.70 6.56 0.25
C HIS A 81 -14.59 5.74 1.18
N PHE A 82 -14.14 5.59 2.43
CA PHE A 82 -14.90 4.82 3.42
C PHE A 82 -15.19 5.66 4.66
N THR A 83 -16.45 5.70 5.07
CA THR A 83 -16.85 6.47 6.24
C THR A 83 -16.43 5.78 7.52
N ARG A 84 -16.26 4.46 7.46
CA ARG A 84 -15.86 3.68 8.62
C ARG A 84 -14.40 3.25 8.51
N LEU A 85 -13.70 3.22 9.64
CA LEU A 85 -12.30 2.82 9.67
C LEU A 85 -12.15 1.32 9.49
N GLU A 86 -12.89 0.56 10.29
CA GLU A 86 -12.84 -0.90 10.22
C GLU A 86 -13.04 -1.38 8.79
N ASP A 87 -14.16 -0.99 8.19
CA ASP A 87 -14.47 -1.38 6.82
C ASP A 87 -13.23 -1.28 5.93
N ALA A 88 -12.54 -0.14 6.01
CA ALA A 88 -11.35 0.10 5.22
C ALA A 88 -10.28 -0.95 5.53
N LYS A 89 -10.04 -1.20 6.81
CA LYS A 89 -9.05 -2.18 7.22
C LYS A 89 -9.34 -3.55 6.63
N LYS A 90 -10.60 -3.95 6.70
CA LYS A 90 -11.03 -5.25 6.17
C LYS A 90 -10.70 -5.35 4.69
N ASP A 91 -11.04 -4.32 3.93
CA ASP A 91 -10.78 -4.29 2.51
C ASP A 91 -9.29 -4.28 2.22
N PHE A 92 -8.59 -3.31 2.79
CA PHE A 92 -7.14 -3.19 2.59
C PHE A 92 -6.45 -4.53 2.82
N GLU A 93 -6.86 -5.23 3.88
CA GLU A 93 -6.28 -6.52 4.22
C GLU A 93 -6.86 -7.62 3.34
N LYS A 94 -8.14 -7.48 3.00
CA LYS A 94 -8.83 -8.47 2.16
C LYS A 94 -8.15 -8.58 0.79
N LYS A 95 -7.99 -7.44 0.13
CA LYS A 95 -7.37 -7.40 -1.19
C LYS A 95 -5.94 -7.92 -1.12
N PHE A 96 -5.16 -7.36 -0.20
CA PHE A 96 -3.76 -7.77 -0.04
C PHE A 96 -3.66 -9.27 0.27
N ARG A 97 -4.30 -9.68 1.36
CA ARG A 97 -4.29 -11.08 1.76
C ARG A 97 -4.69 -11.98 0.60
N GLU A 98 -5.48 -11.45 -0.32
CA GLU A 98 -5.93 -12.21 -1.47
C GLU A 98 -4.93 -12.12 -2.61
N LYS A 99 -4.26 -10.98 -2.72
CA LYS A 99 -3.26 -10.77 -3.76
C LYS A 99 -1.92 -11.38 -3.36
N THR A 100 -1.77 -11.70 -2.09
CA THR A 100 -0.54 -12.30 -1.58
C THR A 100 -0.81 -13.62 -0.88
N LYS A 101 -2.09 -13.97 -0.75
CA LYS A 101 -2.49 -15.20 -0.10
C LYS A 101 -1.80 -15.35 1.25
N ASN A 102 -1.75 -14.26 2.00
CA ASN A 102 -1.12 -14.27 3.33
C ASN A 102 -1.68 -13.15 4.20
N ASN A 103 -1.87 -13.46 5.48
CA ASN A 103 -2.39 -12.48 6.43
C ASN A 103 -1.43 -11.32 6.62
N TRP A 104 -1.96 -10.10 6.62
CA TRP A 104 -1.14 -8.91 6.79
C TRP A 104 -0.41 -8.94 8.12
N ALA A 105 -1.09 -9.42 9.16
CA ALA A 105 -0.51 -9.51 10.50
C ALA A 105 0.63 -10.53 10.53
N GLU A 106 0.43 -11.64 9.84
CA GLU A 106 1.44 -12.69 9.80
C GLU A 106 2.42 -12.46 8.64
N ARG A 107 2.74 -11.20 8.38
CA ARG A 107 3.66 -10.85 7.30
C ARG A 107 5.02 -11.48 7.52
N ASP A 108 5.34 -11.79 8.77
CA ASP A 108 6.61 -12.40 9.12
C ASP A 108 6.89 -13.61 8.23
N HIS A 109 5.90 -14.48 8.11
CA HIS A 109 6.03 -15.69 7.29
C HIS A 109 5.44 -15.47 5.90
N PHE A 110 5.68 -14.29 5.34
CA PHE A 110 5.16 -13.96 4.01
C PHE A 110 5.68 -14.93 2.97
N VAL A 111 4.82 -15.84 2.53
CA VAL A 111 5.20 -16.84 1.53
C VAL A 111 4.79 -16.38 0.13
N SER A 112 5.78 -16.19 -0.74
CA SER A 112 5.52 -15.75 -2.11
C SER A 112 5.23 -16.94 -3.01
N HIS A 113 3.95 -17.18 -3.26
CA HIS A 113 3.52 -18.28 -4.11
C HIS A 113 3.83 -17.99 -5.58
N PRO A 114 4.05 -19.04 -6.36
CA PRO A 114 4.35 -18.92 -7.79
C PRO A 114 3.14 -18.47 -8.60
N GLY A 115 3.32 -17.41 -9.38
CA GLY A 115 2.23 -16.88 -10.19
C GLY A 115 1.56 -15.69 -9.55
N LYS A 116 1.40 -15.73 -8.23
CA LYS A 116 0.75 -14.65 -7.50
C LYS A 116 1.68 -13.44 -7.42
N TYR A 117 1.21 -12.39 -6.73
CA TYR A 117 1.99 -11.18 -6.59
C TYR A 117 3.02 -11.31 -5.48
N THR A 118 4.00 -10.42 -5.46
CA THR A 118 5.05 -10.44 -4.46
C THR A 118 4.99 -9.21 -3.56
N LEU A 119 5.71 -9.26 -2.45
CA LEU A 119 5.74 -8.14 -1.52
C LEU A 119 7.08 -7.41 -1.58
N ILE A 120 7.06 -6.20 -2.14
CA ILE A 120 8.26 -5.39 -2.27
C ILE A 120 8.21 -4.17 -1.36
N GLU A 121 9.31 -3.42 -1.32
CA GLU A 121 9.37 -2.22 -0.48
C GLU A 121 9.79 -1.01 -1.31
N VAL A 122 9.70 -1.15 -2.63
CA VAL A 122 10.06 -0.05 -3.54
C VAL A 122 11.43 0.51 -3.20
N GLN A 123 11.92 1.40 -4.06
CA GLN A 123 13.23 2.02 -3.85
C GLN A 123 13.13 3.53 -3.95
N ALA A 124 13.52 4.22 -2.87
CA ALA A 124 13.47 5.67 -2.84
C ALA A 124 14.80 6.25 -2.33
N GLY A 1 9.77 23.45 12.57
CA GLY A 1 9.94 23.71 13.98
C GLY A 1 11.02 22.84 14.61
N SER A 2 10.87 22.55 15.89
CA SER A 2 11.83 21.73 16.61
C SER A 2 11.15 20.80 17.59
N SER A 3 11.89 19.83 18.11
CA SER A 3 11.34 18.86 19.06
C SER A 3 12.30 18.65 20.23
N GLY A 4 11.82 17.95 21.25
CA GLY A 4 12.64 17.69 22.42
C GLY A 4 13.85 16.84 22.10
N SER A 5 14.26 16.00 23.04
CA SER A 5 15.41 15.13 22.85
C SER A 5 15.01 13.84 22.15
N SER A 6 15.57 13.61 20.97
CA SER A 6 15.28 12.43 20.19
C SER A 6 16.46 12.04 19.30
N GLY A 7 16.38 10.87 18.68
CA GLY A 7 17.44 10.41 17.81
C GLY A 7 17.43 8.91 17.62
N ALA A 8 16.43 8.40 16.92
CA ALA A 8 16.31 6.98 16.67
C ALA A 8 15.59 6.70 15.36
N GLU A 9 15.74 5.48 14.85
CA GLU A 9 15.08 5.09 13.60
C GLU A 9 13.57 5.21 13.71
N LYS A 10 13.02 6.22 13.03
CA LYS A 10 11.57 6.44 13.04
C LYS A 10 10.98 6.26 11.65
N ARG A 11 10.28 5.15 11.46
CA ARG A 11 9.66 4.86 10.17
C ARG A 11 8.61 5.91 9.81
N ILE A 12 8.68 6.42 8.58
CA ILE A 12 7.74 7.44 8.13
C ILE A 12 7.16 7.07 6.77
N ILE A 13 5.87 7.34 6.59
CA ILE A 13 5.20 7.04 5.33
C ILE A 13 4.74 8.31 4.64
N ARG A 14 5.03 8.42 3.35
CA ARG A 14 4.64 9.59 2.56
C ARG A 14 3.46 9.28 1.66
N VAL A 15 2.49 10.18 1.62
CA VAL A 15 1.30 9.99 0.78
C VAL A 15 1.67 10.02 -0.69
N ASP A 16 1.52 8.87 -1.35
CA ASP A 16 1.83 8.75 -2.77
C ASP A 16 1.49 10.04 -3.50
N PRO A 17 2.35 10.41 -4.48
CA PRO A 17 2.16 11.63 -5.27
C PRO A 17 0.98 11.53 -6.22
N THR A 18 0.84 10.37 -6.86
CA THR A 18 -0.25 10.14 -7.80
C THR A 18 -1.60 10.47 -7.16
N CYS A 19 -1.72 10.18 -5.87
CA CYS A 19 -2.96 10.43 -5.14
C CYS A 19 -3.21 11.94 -5.00
N PRO A 20 -4.47 12.35 -5.19
CA PRO A 20 -4.87 13.76 -5.10
C PRO A 20 -4.81 14.27 -3.66
N LEU A 21 -5.40 13.54 -2.74
CA LEU A 21 -5.42 13.92 -1.34
C LEU A 21 -4.05 14.42 -0.89
N SER A 22 -3.00 13.81 -1.43
CA SER A 22 -1.63 14.20 -1.09
C SER A 22 -1.52 15.71 -0.91
N SER A 23 -1.89 16.45 -1.94
CA SER A 23 -1.83 17.91 -1.90
C SER A 23 -2.56 18.45 -0.67
N ASN A 24 -3.76 17.92 -0.42
CA ASN A 24 -4.56 18.35 0.71
C ASN A 24 -3.80 18.13 2.02
N PRO A 25 -3.69 19.19 2.83
CA PRO A 25 -2.98 19.14 4.12
C PRO A 25 -3.74 18.31 5.16
N GLY A 26 -3.00 17.58 5.98
CA GLY A 26 -3.62 16.76 7.00
C GLY A 26 -3.75 15.30 6.58
N THR A 27 -4.17 15.09 5.33
CA THR A 27 -4.34 13.74 4.81
C THR A 27 -3.03 12.96 4.84
N GLN A 28 -2.90 12.09 5.83
CA GLN A 28 -1.70 11.28 5.98
C GLN A 28 -2.01 9.80 5.83
N VAL A 29 -0.97 8.98 5.74
CA VAL A 29 -1.13 7.54 5.60
C VAL A 29 -1.38 6.87 6.95
N TYR A 30 -2.63 6.54 7.22
CA TYR A 30 -3.01 5.90 8.47
C TYR A 30 -2.00 4.82 8.85
N GLU A 31 -1.25 5.06 9.92
CA GLU A 31 -0.24 4.10 10.38
C GLU A 31 0.76 3.80 9.27
N ASP A 32 1.24 2.56 9.25
CA ASP A 32 2.21 2.13 8.25
C ASP A 32 1.59 1.16 7.25
N TYR A 33 0.34 1.44 6.87
CA TYR A 33 -0.37 0.58 5.93
C TYR A 33 0.03 0.89 4.49
N ASN A 34 1.21 0.43 4.10
CA ASN A 34 1.71 0.67 2.75
C ASN A 34 2.65 -0.46 2.32
N CYS A 35 2.21 -1.25 1.34
CA CYS A 35 3.01 -2.35 0.83
C CYS A 35 2.96 -2.41 -0.70
N THR A 36 4.10 -2.66 -1.32
CA THR A 36 4.18 -2.75 -2.77
C THR A 36 4.17 -4.19 -3.24
N LEU A 37 3.36 -4.47 -4.27
CA LEU A 37 3.26 -5.81 -4.81
C LEU A 37 3.68 -5.85 -6.28
N ASN A 38 4.33 -6.93 -6.68
CA ASN A 38 4.78 -7.08 -8.06
C ASN A 38 4.15 -8.30 -8.71
N GLN A 39 3.98 -8.25 -10.03
CA GLN A 39 3.39 -9.35 -10.77
C GLN A 39 4.01 -9.48 -12.16
N THR A 40 4.82 -10.52 -12.34
CA THR A 40 5.48 -10.77 -13.61
C THR A 40 4.92 -11.99 -14.31
N ASN A 41 5.07 -12.05 -15.62
CA ASN A 41 4.58 -13.17 -16.41
C ASN A 41 5.48 -13.43 -17.62
N ILE A 42 5.61 -14.70 -17.99
CA ILE A 42 6.44 -15.08 -19.13
C ILE A 42 5.74 -14.75 -20.45
N GLU A 43 5.30 -13.51 -20.58
CA GLU A 43 4.62 -13.07 -21.80
C GLU A 43 5.14 -11.71 -22.25
N ASN A 44 5.88 -11.71 -23.35
CA ASN A 44 6.45 -10.48 -23.90
C ASN A 44 7.01 -9.59 -22.78
N ASN A 45 7.67 -10.23 -21.81
CA ASN A 45 8.24 -9.50 -20.69
C ASN A 45 7.26 -8.49 -20.12
N ASN A 46 6.08 -8.97 -19.76
CA ASN A 46 5.04 -8.10 -19.21
C ASN A 46 5.09 -8.11 -17.68
N ASN A 47 5.33 -6.94 -17.09
CA ASN A 47 5.41 -6.80 -15.65
C ASN A 47 4.44 -5.73 -15.15
N LYS A 48 3.75 -6.04 -14.06
CA LYS A 48 2.78 -5.11 -13.47
C LYS A 48 3.10 -4.86 -12.00
N PHE A 49 2.35 -3.94 -11.39
CA PHE A 49 2.55 -3.61 -9.99
C PHE A 49 1.21 -3.29 -9.32
N TYR A 50 1.21 -3.27 -7.99
CA TYR A 50 0.01 -2.98 -7.22
C TYR A 50 0.35 -2.28 -5.92
N ILE A 51 -0.30 -1.15 -5.67
CA ILE A 51 -0.07 -0.37 -4.46
C ILE A 51 -1.35 -0.23 -3.65
N ILE A 52 -1.25 -0.43 -2.34
CA ILE A 52 -2.40 -0.32 -1.45
C ILE A 52 -2.04 0.44 -0.18
N GLN A 53 -2.48 1.69 -0.08
CA GLN A 53 -2.21 2.52 1.09
C GLN A 53 -3.50 2.94 1.77
N LEU A 54 -3.44 3.15 3.07
CA LEU A 54 -4.60 3.57 3.84
C LEU A 54 -4.45 5.00 4.34
N LEU A 55 -5.19 5.92 3.72
CA LEU A 55 -5.14 7.33 4.11
C LEU A 55 -6.26 7.67 5.08
N GLN A 56 -6.02 8.67 5.92
CA GLN A 56 -7.01 9.09 6.91
C GLN A 56 -7.21 10.60 6.86
N ASP A 57 -8.47 11.03 6.78
CA ASP A 57 -8.79 12.45 6.73
C ASP A 57 -9.16 12.98 8.12
N SER A 58 -9.27 14.29 8.24
CA SER A 58 -9.61 14.92 9.50
C SER A 58 -11.05 14.59 9.91
N ASN A 59 -11.92 14.41 8.91
CA ASN A 59 -13.31 14.10 9.16
C ASN A 59 -13.50 12.60 9.41
N ARG A 60 -12.65 12.04 10.26
CA ARG A 60 -12.71 10.61 10.59
C ARG A 60 -13.12 9.80 9.36
N PHE A 61 -12.62 10.20 8.19
CA PHE A 61 -12.92 9.50 6.95
C PHE A 61 -11.65 9.07 6.23
N PHE A 62 -11.48 7.76 6.07
CA PHE A 62 -10.30 7.22 5.41
C PHE A 62 -10.57 7.01 3.92
N THR A 63 -9.50 6.77 3.16
CA THR A 63 -9.61 6.56 1.73
C THR A 63 -8.57 5.56 1.25
N CYS A 64 -9.04 4.45 0.66
CA CYS A 64 -8.15 3.42 0.15
C CYS A 64 -7.67 3.76 -1.25
N TRP A 65 -6.42 4.21 -1.36
CA TRP A 65 -5.83 4.58 -2.64
C TRP A 65 -5.17 3.37 -3.30
N ASN A 66 -5.78 2.88 -4.37
CA ASN A 66 -5.24 1.73 -5.10
C ASN A 66 -4.62 2.17 -6.42
N ARG A 67 -3.45 1.60 -6.72
CA ARG A 67 -2.75 1.93 -7.96
C ARG A 67 -2.12 0.68 -8.57
N TRP A 68 -2.44 0.41 -9.83
CA TRP A 68 -1.91 -0.76 -10.52
C TRP A 68 -1.68 -0.44 -12.00
N GLY A 69 -1.05 -1.38 -12.70
CA GLY A 69 -0.78 -1.19 -14.11
C GLY A 69 0.53 -1.82 -14.55
N ARG A 70 1.29 -1.09 -15.36
CA ARG A 70 2.57 -1.58 -15.85
C ARG A 70 3.72 -0.95 -15.06
N VAL A 71 4.65 -1.79 -14.62
CA VAL A 71 5.80 -1.33 -13.86
C VAL A 71 6.47 -0.14 -14.54
N GLY A 72 6.71 0.91 -13.77
CA GLY A 72 7.34 2.10 -14.32
C GLY A 72 6.34 3.21 -14.60
N GLU A 73 5.22 2.84 -15.20
CA GLU A 73 4.18 3.82 -15.53
C GLU A 73 3.18 3.95 -14.39
N VAL A 74 2.23 4.87 -14.55
CA VAL A 74 1.22 5.10 -13.53
C VAL A 74 0.11 4.04 -13.60
N GLY A 75 -0.29 3.70 -14.83
CA GLY A 75 -1.32 2.70 -15.01
C GLY A 75 -2.70 3.22 -14.65
N GLN A 76 -3.57 2.33 -14.18
CA GLN A 76 -4.92 2.71 -13.80
C GLN A 76 -4.94 3.34 -12.41
N SER A 77 -6.01 4.05 -12.10
CA SER A 77 -6.15 4.71 -10.81
C SER A 77 -7.54 4.47 -10.21
N LYS A 78 -7.57 3.84 -9.04
CA LYS A 78 -8.83 3.55 -8.37
C LYS A 78 -8.78 3.99 -6.91
N ILE A 79 -9.77 4.78 -6.50
CA ILE A 79 -9.84 5.27 -5.13
C ILE A 79 -11.15 4.87 -4.46
N ASN A 80 -11.09 4.58 -3.17
CA ASN A 80 -12.27 4.18 -2.42
C ASN A 80 -12.39 4.97 -1.13
N HIS A 81 -13.48 5.72 -0.99
CA HIS A 81 -13.72 6.53 0.20
C HIS A 81 -14.57 5.77 1.21
N PHE A 82 -14.06 5.64 2.43
CA PHE A 82 -14.78 4.93 3.49
C PHE A 82 -15.08 5.87 4.66
N THR A 83 -16.21 5.64 5.31
CA THR A 83 -16.62 6.47 6.45
C THR A 83 -16.04 5.92 7.75
N ARG A 84 -15.95 4.60 7.85
CA ARG A 84 -15.42 3.96 9.06
C ARG A 84 -13.97 3.57 8.85
N LEU A 85 -13.29 3.23 9.94
CA LEU A 85 -11.89 2.85 9.89
C LEU A 85 -11.75 1.35 9.64
N GLU A 86 -12.40 0.55 10.48
CA GLU A 86 -12.36 -0.91 10.35
C GLU A 86 -12.75 -1.33 8.93
N ASP A 87 -13.88 -0.84 8.46
CA ASP A 87 -14.37 -1.17 7.13
C ASP A 87 -13.23 -1.11 6.10
N ALA A 88 -12.47 -0.02 6.14
CA ALA A 88 -11.36 0.14 5.22
C ALA A 88 -10.29 -0.93 5.44
N LYS A 89 -9.90 -1.12 6.69
CA LYS A 89 -8.89 -2.12 7.03
C LYS A 89 -9.27 -3.49 6.47
N LYS A 90 -10.53 -3.84 6.60
CA LYS A 90 -11.02 -5.13 6.10
C LYS A 90 -10.67 -5.31 4.63
N ASP A 91 -10.86 -4.25 3.84
CA ASP A 91 -10.56 -4.29 2.43
C ASP A 91 -9.05 -4.25 2.17
N PHE A 92 -8.37 -3.35 2.89
CA PHE A 92 -6.93 -3.20 2.76
C PHE A 92 -6.22 -4.53 3.01
N GLU A 93 -6.67 -5.25 4.04
CA GLU A 93 -6.07 -6.53 4.40
C GLU A 93 -6.59 -7.63 3.48
N LYS A 94 -7.86 -7.54 3.11
CA LYS A 94 -8.48 -8.53 2.23
C LYS A 94 -7.80 -8.56 0.87
N LYS A 95 -7.74 -7.39 0.22
CA LYS A 95 -7.11 -7.28 -1.09
C LYS A 95 -5.67 -7.77 -1.05
N PHE A 96 -4.94 -7.37 -0.01
CA PHE A 96 -3.55 -7.78 0.15
C PHE A 96 -3.43 -9.29 0.31
N ARG A 97 -4.20 -9.84 1.24
CA ARG A 97 -4.18 -11.27 1.51
C ARG A 97 -4.73 -12.05 0.31
N GLU A 98 -5.61 -11.40 -0.45
CA GLU A 98 -6.21 -12.03 -1.63
C GLU A 98 -5.20 -12.10 -2.78
N LYS A 99 -4.26 -11.15 -2.80
CA LYS A 99 -3.25 -11.10 -3.84
C LYS A 99 -1.98 -11.81 -3.39
N THR A 100 -1.83 -11.99 -2.08
CA THR A 100 -0.66 -12.66 -1.53
C THR A 100 -1.06 -13.90 -0.73
N LYS A 101 -2.32 -14.30 -0.86
CA LYS A 101 -2.82 -15.47 -0.16
C LYS A 101 -2.17 -15.62 1.21
N ASN A 102 -1.93 -14.49 1.87
CA ASN A 102 -1.31 -14.49 3.19
C ASN A 102 -1.98 -13.47 4.11
N ASN A 103 -1.71 -13.59 5.41
CA ASN A 103 -2.29 -12.69 6.39
C ASN A 103 -1.31 -11.56 6.73
N TRP A 104 -1.82 -10.34 6.72
CA TRP A 104 -1.00 -9.16 7.03
C TRP A 104 -0.30 -9.33 8.37
N ALA A 105 -1.01 -9.90 9.33
CA ALA A 105 -0.46 -10.12 10.67
C ALA A 105 0.65 -11.17 10.63
N GLU A 106 0.42 -12.24 9.90
CA GLU A 106 1.40 -13.32 9.79
C GLU A 106 2.31 -13.10 8.58
N ARG A 107 2.69 -11.85 8.35
CA ARG A 107 3.56 -11.51 7.24
C ARG A 107 4.93 -12.16 7.40
N ASP A 108 5.25 -12.56 8.61
CA ASP A 108 6.53 -13.21 8.89
C ASP A 108 6.73 -14.43 7.99
N HIS A 109 5.73 -15.30 7.96
CA HIS A 109 5.80 -16.50 7.13
C HIS A 109 5.20 -16.26 5.75
N PHE A 110 5.41 -15.05 5.23
CA PHE A 110 4.88 -14.69 3.92
C PHE A 110 5.40 -15.64 2.84
N VAL A 111 4.48 -16.34 2.19
CA VAL A 111 4.83 -17.29 1.14
C VAL A 111 4.62 -16.67 -0.24
N SER A 112 5.65 -16.79 -1.08
CA SER A 112 5.58 -16.24 -2.44
C SER A 112 5.24 -17.33 -3.45
N HIS A 113 3.99 -17.35 -3.90
CA HIS A 113 3.55 -18.34 -4.87
C HIS A 113 3.99 -17.97 -6.28
N PRO A 114 4.20 -18.99 -7.13
CA PRO A 114 4.62 -18.79 -8.52
C PRO A 114 3.53 -18.16 -9.37
N GLY A 115 3.72 -16.89 -9.74
CA GLY A 115 2.74 -16.21 -10.56
C GLY A 115 1.96 -15.18 -9.78
N LYS A 116 1.67 -15.48 -8.52
CA LYS A 116 0.91 -14.57 -7.66
C LYS A 116 1.70 -13.30 -7.41
N TYR A 117 1.12 -12.39 -6.63
CA TYR A 117 1.77 -11.12 -6.31
C TYR A 117 2.80 -11.30 -5.20
N THR A 118 3.96 -10.68 -5.36
CA THR A 118 5.02 -10.76 -4.37
C THR A 118 5.04 -9.54 -3.46
N LEU A 119 5.77 -9.64 -2.36
CA LEU A 119 5.87 -8.54 -1.41
C LEU A 119 7.25 -7.89 -1.46
N ILE A 120 7.31 -6.63 -1.85
CA ILE A 120 8.56 -5.91 -1.93
C ILE A 120 8.56 -4.68 -1.02
N GLU A 121 9.71 -4.02 -0.91
CA GLU A 121 9.84 -2.84 -0.07
C GLU A 121 10.38 -1.66 -0.87
N VAL A 122 10.21 -1.72 -2.20
CA VAL A 122 10.69 -0.65 -3.07
C VAL A 122 12.09 -0.22 -2.69
N GLN A 123 12.59 0.80 -3.39
CA GLN A 123 13.93 1.31 -3.12
C GLN A 123 13.94 2.84 -3.15
N ALA A 124 14.22 3.44 -2.00
CA ALA A 124 14.27 4.90 -1.88
C ALA A 124 14.83 5.53 -3.15
N GLY A 1 20.37 19.83 32.15
CA GLY A 1 20.78 19.04 31.01
C GLY A 1 20.51 17.55 31.21
N SER A 2 19.50 17.04 30.52
CA SER A 2 19.13 15.63 30.63
C SER A 2 18.17 15.23 29.52
N SER A 3 18.69 14.58 28.48
CA SER A 3 17.88 14.15 27.36
C SER A 3 17.91 12.63 27.22
N GLY A 4 16.88 12.08 26.58
CA GLY A 4 16.81 10.63 26.40
C GLY A 4 16.87 10.24 24.94
N SER A 5 18.06 10.38 24.34
CA SER A 5 18.25 10.03 22.95
C SER A 5 19.52 9.20 22.76
N SER A 6 19.35 7.97 22.30
CA SER A 6 20.48 7.08 22.07
C SER A 6 20.23 6.18 20.87
N GLY A 7 19.04 5.60 20.80
CA GLY A 7 18.69 4.72 19.69
C GLY A 7 17.24 4.87 19.27
N ALA A 8 16.56 3.74 19.09
CA ALA A 8 15.16 3.74 18.69
C ALA A 8 14.99 4.38 17.32
N GLU A 9 14.35 3.65 16.40
CA GLU A 9 14.13 4.16 15.05
C GLU A 9 12.65 4.10 14.70
N LYS A 10 12.05 5.27 14.48
CA LYS A 10 10.64 5.35 14.13
C LYS A 10 10.45 5.37 12.62
N ARG A 11 9.54 4.54 12.13
CA ARG A 11 9.27 4.47 10.70
C ARG A 11 8.25 5.54 10.28
N ILE A 12 8.36 6.00 9.04
CA ILE A 12 7.45 7.01 8.52
C ILE A 12 6.91 6.62 7.15
N ILE A 13 5.75 7.15 6.81
CA ILE A 13 5.12 6.86 5.52
C ILE A 13 4.74 8.15 4.79
N ARG A 14 4.99 8.17 3.49
CA ARG A 14 4.67 9.34 2.67
C ARG A 14 3.55 9.02 1.67
N VAL A 15 2.52 9.86 1.66
CA VAL A 15 1.40 9.66 0.75
C VAL A 15 1.85 9.70 -0.71
N ASP A 16 1.61 8.60 -1.42
CA ASP A 16 2.00 8.50 -2.82
C ASP A 16 1.74 9.82 -3.55
N PRO A 17 2.64 10.16 -4.48
CA PRO A 17 2.53 11.40 -5.26
C PRO A 17 1.38 11.35 -6.26
N THR A 18 1.12 10.16 -6.79
CA THR A 18 0.05 9.98 -7.76
C THR A 18 -1.30 10.36 -7.17
N CYS A 19 -1.50 10.04 -5.90
CA CYS A 19 -2.75 10.35 -5.22
C CYS A 19 -2.92 11.86 -5.07
N PRO A 20 -4.16 12.34 -5.31
CA PRO A 20 -4.48 13.77 -5.21
C PRO A 20 -4.45 14.26 -3.77
N LEU A 21 -5.14 13.57 -2.88
CA LEU A 21 -5.20 13.95 -1.47
C LEU A 21 -3.81 14.33 -0.96
N SER A 22 -2.78 13.65 -1.48
CA SER A 22 -1.41 13.91 -1.07
C SER A 22 -1.18 15.42 -0.89
N SER A 23 -1.57 16.19 -1.90
CA SER A 23 -1.40 17.65 -1.84
C SER A 23 -2.15 18.23 -0.65
N ASN A 24 -3.39 17.81 -0.47
CA ASN A 24 -4.21 18.30 0.64
C ASN A 24 -3.48 18.13 1.97
N PRO A 25 -3.33 19.24 2.72
CA PRO A 25 -2.66 19.25 4.01
C PRO A 25 -3.47 18.51 5.09
N GLY A 26 -2.79 17.63 5.82
CA GLY A 26 -3.46 16.89 6.86
C GLY A 26 -3.62 15.42 6.52
N THR A 27 -3.90 15.14 5.25
CA THR A 27 -4.08 13.77 4.79
C THR A 27 -2.79 12.97 4.90
N GLN A 28 -2.74 12.06 5.87
CA GLN A 28 -1.56 11.23 6.08
C GLN A 28 -1.92 9.75 6.00
N VAL A 29 -0.93 8.92 5.67
CA VAL A 29 -1.14 7.49 5.56
C VAL A 29 -1.38 6.87 6.93
N TYR A 30 -2.61 6.41 7.16
CA TYR A 30 -2.97 5.80 8.43
C TYR A 30 -1.96 4.73 8.83
N GLU A 31 -1.36 4.90 10.00
CA GLU A 31 -0.37 3.95 10.50
C GLU A 31 0.64 3.60 9.42
N ASP A 32 1.08 2.35 9.41
CA ASP A 32 2.06 1.89 8.42
C ASP A 32 1.40 0.96 7.40
N TYR A 33 0.19 1.31 6.99
CA TYR A 33 -0.55 0.51 6.02
C TYR A 33 -0.13 0.85 4.60
N ASN A 34 1.02 0.33 4.19
CA ASN A 34 1.54 0.58 2.84
C ASN A 34 2.45 -0.56 2.39
N CYS A 35 1.92 -1.43 1.54
CA CYS A 35 2.69 -2.56 1.03
C CYS A 35 2.70 -2.57 -0.49
N THR A 36 3.79 -3.06 -1.07
CA THR A 36 3.94 -3.12 -2.52
C THR A 36 3.84 -4.56 -3.02
N LEU A 37 3.07 -4.75 -4.08
CA LEU A 37 2.90 -6.09 -4.66
C LEU A 37 3.33 -6.10 -6.12
N ASN A 38 4.13 -7.09 -6.50
CA ASN A 38 4.60 -7.22 -7.86
C ASN A 38 4.00 -8.45 -8.54
N GLN A 39 3.85 -8.39 -9.85
CA GLN A 39 3.28 -9.50 -10.61
C GLN A 39 3.81 -9.50 -12.04
N THR A 40 4.68 -10.45 -12.35
CA THR A 40 5.27 -10.56 -13.68
C THR A 40 4.88 -11.88 -14.34
N ASN A 41 4.94 -11.91 -15.67
CA ASN A 41 4.60 -13.11 -16.42
C ASN A 41 5.54 -13.29 -17.61
N ILE A 42 5.62 -14.52 -18.11
CA ILE A 42 6.47 -14.82 -19.24
C ILE A 42 5.77 -14.51 -20.57
N GLU A 43 5.28 -13.28 -20.69
CA GLU A 43 4.60 -12.85 -21.90
C GLU A 43 4.98 -11.42 -22.27
N ASN A 44 5.71 -11.29 -23.37
CA ASN A 44 6.15 -9.98 -23.83
C ASN A 44 6.64 -9.12 -22.68
N ASN A 45 7.38 -9.75 -21.76
CA ASN A 45 7.91 -9.05 -20.59
C ASN A 45 6.83 -8.21 -19.92
N ASN A 46 5.72 -8.85 -19.57
CA ASN A 46 4.62 -8.16 -18.92
C ASN A 46 4.86 -8.03 -17.41
N ASN A 47 5.01 -6.79 -16.95
CA ASN A 47 5.24 -6.54 -15.54
C ASN A 47 4.29 -5.47 -15.00
N LYS A 48 3.56 -5.83 -13.94
CA LYS A 48 2.60 -4.91 -13.33
C LYS A 48 3.02 -4.55 -11.91
N PHE A 49 2.25 -3.66 -11.28
CA PHE A 49 2.55 -3.24 -9.91
C PHE A 49 1.27 -2.80 -9.19
N TYR A 50 1.02 -3.39 -8.03
CA TYR A 50 -0.16 -3.07 -7.25
C TYR A 50 0.21 -2.36 -5.95
N ILE A 51 -0.53 -1.32 -5.62
CA ILE A 51 -0.27 -0.55 -4.41
C ILE A 51 -1.54 -0.38 -3.58
N ILE A 52 -1.44 -0.62 -2.28
CA ILE A 52 -2.59 -0.49 -1.39
C ILE A 52 -2.20 0.22 -0.10
N GLN A 53 -2.66 1.47 0.05
CA GLN A 53 -2.36 2.25 1.24
C GLN A 53 -3.65 2.75 1.90
N LEU A 54 -3.58 3.01 3.20
CA LEU A 54 -4.73 3.49 3.95
C LEU A 54 -4.50 4.92 4.43
N LEU A 55 -5.22 5.86 3.84
CA LEU A 55 -5.10 7.27 4.22
C LEU A 55 -6.16 7.65 5.24
N GLN A 56 -5.95 8.78 5.92
CA GLN A 56 -6.89 9.25 6.93
C GLN A 56 -7.08 10.76 6.81
N ASP A 57 -8.31 11.18 6.55
CA ASP A 57 -8.63 12.60 6.42
C ASP A 57 -9.01 13.19 7.77
N SER A 58 -9.06 14.52 7.84
CA SER A 58 -9.40 15.22 9.07
C SER A 58 -10.83 14.89 9.50
N ASN A 59 -11.69 14.60 8.52
CA ASN A 59 -13.08 14.28 8.80
C ASN A 59 -13.24 12.79 9.11
N ARG A 60 -12.40 12.29 10.02
CA ARG A 60 -12.45 10.89 10.41
C ARG A 60 -12.89 10.02 9.23
N PHE A 61 -12.46 10.38 8.04
CA PHE A 61 -12.83 9.62 6.83
C PHE A 61 -11.59 9.05 6.15
N PHE A 62 -11.54 7.73 6.04
CA PHE A 62 -10.41 7.06 5.41
C PHE A 62 -10.65 6.85 3.93
N THR A 63 -9.59 6.62 3.17
CA THR A 63 -9.68 6.41 1.74
C THR A 63 -8.69 5.36 1.26
N CYS A 64 -9.19 4.33 0.58
CA CYS A 64 -8.34 3.26 0.08
C CYS A 64 -7.79 3.60 -1.30
N TRP A 65 -6.54 4.03 -1.34
CA TRP A 65 -5.91 4.39 -2.60
C TRP A 65 -5.27 3.17 -3.26
N ASN A 66 -5.78 2.80 -4.43
CA ASN A 66 -5.26 1.66 -5.17
C ASN A 66 -4.75 2.07 -6.54
N ARG A 67 -3.46 1.87 -6.78
CA ARG A 67 -2.85 2.22 -8.06
C ARG A 67 -2.23 0.99 -8.73
N TRP A 68 -2.64 0.74 -9.96
CA TRP A 68 -2.12 -0.42 -10.71
C TRP A 68 -1.94 -0.06 -12.18
N GLY A 69 -1.30 -0.96 -12.92
CA GLY A 69 -1.07 -0.74 -14.33
C GLY A 69 0.21 -1.36 -14.82
N ARG A 70 0.98 -0.61 -15.62
CA ARG A 70 2.24 -1.11 -16.16
C ARG A 70 3.42 -0.51 -15.40
N VAL A 71 4.33 -1.37 -14.95
CA VAL A 71 5.50 -0.94 -14.22
C VAL A 71 6.19 0.24 -14.92
N GLY A 72 6.59 1.24 -14.13
CA GLY A 72 7.24 2.40 -14.70
C GLY A 72 6.29 3.55 -14.93
N GLU A 73 5.11 3.23 -15.48
CA GLU A 73 4.11 4.26 -15.76
C GLU A 73 3.10 4.35 -14.62
N VAL A 74 2.28 5.40 -14.64
CA VAL A 74 1.27 5.60 -13.61
C VAL A 74 0.20 4.53 -13.66
N GLY A 75 -0.27 4.22 -14.88
CA GLY A 75 -1.30 3.22 -15.04
C GLY A 75 -2.67 3.72 -14.67
N GLN A 76 -3.52 2.81 -14.18
CA GLN A 76 -4.88 3.18 -13.79
C GLN A 76 -4.89 3.81 -12.40
N SER A 77 -6.03 4.37 -12.02
CA SER A 77 -6.18 5.01 -10.72
C SER A 77 -7.57 4.76 -10.14
N LYS A 78 -7.61 4.12 -8.97
CA LYS A 78 -8.87 3.82 -8.31
C LYS A 78 -8.82 4.22 -6.84
N ILE A 79 -9.71 5.12 -6.45
CA ILE A 79 -9.76 5.58 -5.06
C ILE A 79 -11.14 5.31 -4.44
N ASN A 80 -11.13 4.86 -3.19
CA ASN A 80 -12.38 4.57 -2.49
C ASN A 80 -12.41 5.25 -1.12
N HIS A 81 -13.57 5.79 -0.77
CA HIS A 81 -13.74 6.47 0.51
C HIS A 81 -14.62 5.66 1.45
N PHE A 82 -14.09 5.30 2.61
CA PHE A 82 -14.83 4.52 3.59
C PHE A 82 -15.06 5.33 4.86
N THR A 83 -16.32 5.49 5.24
CA THR A 83 -16.68 6.24 6.43
C THR A 83 -16.17 5.56 7.69
N ARG A 84 -16.27 4.23 7.72
CA ARG A 84 -15.82 3.45 8.87
C ARG A 84 -14.34 3.08 8.72
N LEU A 85 -13.68 2.87 9.85
CA LEU A 85 -12.27 2.50 9.84
C LEU A 85 -12.10 1.02 9.56
N GLU A 86 -12.77 0.18 10.34
CA GLU A 86 -12.69 -1.26 10.16
C GLU A 86 -13.02 -1.66 8.73
N ASP A 87 -14.13 -1.15 8.22
CA ASP A 87 -14.56 -1.45 6.85
C ASP A 87 -13.39 -1.30 5.87
N ALA A 88 -12.65 -0.21 6.00
CA ALA A 88 -11.50 0.05 5.14
C ALA A 88 -10.41 -1.00 5.35
N LYS A 89 -10.14 -1.30 6.63
CA LYS A 89 -9.11 -2.28 6.97
C LYS A 89 -9.41 -3.63 6.32
N LYS A 90 -10.66 -4.04 6.39
CA LYS A 90 -11.07 -5.32 5.80
C LYS A 90 -10.69 -5.39 4.32
N ASP A 91 -10.88 -4.28 3.62
CA ASP A 91 -10.55 -4.22 2.20
C ASP A 91 -9.04 -4.24 1.99
N PHE A 92 -8.31 -3.57 2.88
CA PHE A 92 -6.86 -3.50 2.79
C PHE A 92 -6.23 -4.87 3.06
N GLU A 93 -6.76 -5.56 4.07
CA GLU A 93 -6.25 -6.87 4.43
C GLU A 93 -6.81 -7.95 3.49
N LYS A 94 -8.09 -7.81 3.14
CA LYS A 94 -8.74 -8.76 2.26
C LYS A 94 -8.09 -8.77 0.88
N LYS A 95 -8.04 -7.60 0.24
CA LYS A 95 -7.43 -7.47 -1.07
C LYS A 95 -5.97 -7.93 -1.06
N PHE A 96 -5.24 -7.49 -0.04
CA PHE A 96 -3.83 -7.85 0.10
C PHE A 96 -3.68 -9.36 0.28
N ARG A 97 -4.31 -9.90 1.32
CA ARG A 97 -4.24 -11.33 1.59
C ARG A 97 -4.79 -12.14 0.42
N GLU A 98 -5.72 -11.56 -0.32
CA GLU A 98 -6.33 -12.23 -1.46
C GLU A 98 -5.39 -12.18 -2.67
N LYS A 99 -4.59 -11.13 -2.75
CA LYS A 99 -3.65 -10.97 -3.85
C LYS A 99 -2.35 -11.72 -3.58
N THR A 100 -2.06 -11.94 -2.30
CA THR A 100 -0.85 -12.65 -1.90
C THR A 100 -1.19 -13.98 -1.25
N LYS A 101 -2.48 -14.23 -1.05
CA LYS A 101 -2.93 -15.48 -0.44
C LYS A 101 -2.24 -15.71 0.90
N ASN A 102 -1.99 -14.64 1.64
CA ASN A 102 -1.34 -14.73 2.93
C ASN A 102 -1.91 -13.69 3.90
N ASN A 103 -1.54 -13.82 5.17
CA ASN A 103 -2.01 -12.90 6.19
C ASN A 103 -1.08 -11.69 6.31
N TRP A 104 -1.65 -10.53 6.62
CA TRP A 104 -0.89 -9.30 6.75
C TRP A 104 -0.05 -9.32 8.03
N ALA A 105 -0.63 -9.87 9.10
CA ALA A 105 0.05 -9.95 10.39
C ALA A 105 1.24 -10.89 10.31
N GLU A 106 1.14 -11.89 9.44
CA GLU A 106 2.22 -12.86 9.27
C GLU A 106 3.23 -12.39 8.23
N ARG A 107 3.35 -11.07 8.09
CA ARG A 107 4.28 -10.49 7.13
C ARG A 107 5.71 -10.99 7.38
N ASP A 108 5.98 -11.40 8.62
CA ASP A 108 7.30 -11.90 8.97
C ASP A 108 7.68 -13.10 8.12
N HIS A 109 6.76 -14.06 8.01
CA HIS A 109 7.00 -15.26 7.21
C HIS A 109 6.12 -15.26 5.95
N PHE A 110 5.95 -14.09 5.37
CA PHE A 110 5.13 -13.96 4.16
C PHE A 110 5.53 -15.01 3.13
N VAL A 111 4.54 -15.77 2.66
CA VAL A 111 4.79 -16.80 1.66
C VAL A 111 4.48 -16.30 0.26
N SER A 112 5.33 -16.67 -0.70
CA SER A 112 5.15 -16.25 -2.09
C SER A 112 4.79 -17.45 -2.97
N HIS A 113 4.01 -17.19 -4.01
CA HIS A 113 3.60 -18.24 -4.93
C HIS A 113 3.91 -17.85 -6.37
N PRO A 114 4.18 -18.86 -7.21
CA PRO A 114 4.49 -18.65 -8.64
C PRO A 114 3.28 -18.16 -9.43
N GLY A 115 3.32 -16.91 -9.85
CA GLY A 115 2.22 -16.35 -10.62
C GLY A 115 1.46 -15.28 -9.86
N LYS A 116 1.32 -15.48 -8.56
CA LYS A 116 0.61 -14.53 -7.72
C LYS A 116 1.48 -13.32 -7.40
N TYR A 117 0.98 -12.42 -6.56
CA TYR A 117 1.72 -11.23 -6.18
C TYR A 117 2.82 -11.56 -5.19
N THR A 118 3.80 -10.65 -5.07
CA THR A 118 4.91 -10.85 -4.15
C THR A 118 5.02 -9.70 -3.16
N LEU A 119 5.66 -9.95 -2.02
CA LEU A 119 5.84 -8.94 -1.00
C LEU A 119 7.21 -8.28 -1.11
N ILE A 120 7.23 -7.03 -1.55
CA ILE A 120 8.48 -6.29 -1.71
C ILE A 120 8.51 -5.08 -0.77
N GLU A 121 9.66 -4.42 -0.71
CA GLU A 121 9.82 -3.25 0.14
C GLU A 121 10.20 -2.03 -0.69
N VAL A 122 10.02 -2.13 -2.00
CA VAL A 122 10.33 -1.04 -2.92
C VAL A 122 11.75 -0.51 -2.66
N GLN A 123 12.20 0.40 -3.53
CA GLN A 123 13.52 0.97 -3.40
C GLN A 123 13.45 2.50 -3.34
N ALA A 124 14.17 3.09 -2.39
CA ALA A 124 14.18 4.53 -2.23
C ALA A 124 15.57 5.03 -1.84
N GLY A 1 6.31 20.66 6.94
CA GLY A 1 7.43 21.06 6.11
C GLY A 1 8.66 21.43 6.93
N SER A 2 9.47 20.43 7.25
CA SER A 2 10.67 20.66 8.04
C SER A 2 11.56 19.42 8.03
N SER A 3 12.73 19.53 8.67
CA SER A 3 13.67 18.42 8.73
C SER A 3 14.37 18.37 10.09
N GLY A 4 14.59 17.16 10.59
CA GLY A 4 15.25 17.01 11.87
C GLY A 4 14.97 15.66 12.51
N SER A 5 16.02 14.99 12.96
CA SER A 5 15.88 13.67 13.59
C SER A 5 17.05 13.38 14.51
N SER A 6 16.75 12.94 15.73
CA SER A 6 17.78 12.63 16.71
C SER A 6 17.21 11.78 17.84
N GLY A 7 17.98 10.79 18.28
CA GLY A 7 17.54 9.92 19.36
C GLY A 7 16.26 9.19 19.02
N ALA A 8 16.37 7.89 18.81
CA ALA A 8 15.21 7.06 18.48
C ALA A 8 14.70 7.39 17.08
N GLU A 9 14.56 6.35 16.25
CA GLU A 9 14.08 6.53 14.88
C GLU A 9 12.70 5.90 14.72
N LYS A 10 11.74 6.73 14.32
CA LYS A 10 10.36 6.26 14.11
C LYS A 10 10.03 6.19 12.63
N ARG A 11 9.56 5.03 12.19
CA ARG A 11 9.21 4.83 10.79
C ARG A 11 8.26 5.92 10.31
N ILE A 12 8.37 6.27 9.03
CA ILE A 12 7.52 7.29 8.45
C ILE A 12 7.03 6.89 7.05
N ILE A 13 5.89 7.42 6.66
CA ILE A 13 5.32 7.11 5.35
C ILE A 13 4.94 8.39 4.60
N ARG A 14 5.26 8.43 3.31
CA ARG A 14 4.94 9.59 2.48
C ARG A 14 3.79 9.29 1.52
N VAL A 15 2.68 9.99 1.68
CA VAL A 15 1.52 9.80 0.84
C VAL A 15 1.92 9.75 -0.63
N ASP A 16 1.73 8.58 -1.25
CA ASP A 16 2.07 8.40 -2.66
C ASP A 16 1.80 9.67 -3.45
N PRO A 17 2.68 9.96 -4.42
CA PRO A 17 2.56 11.15 -5.27
C PRO A 17 1.38 11.06 -6.23
N THR A 18 1.23 9.90 -6.87
CA THR A 18 0.13 9.69 -7.81
C THR A 18 -1.22 9.99 -7.17
N CYS A 19 -1.28 9.87 -5.84
CA CYS A 19 -2.51 10.12 -5.11
C CYS A 19 -2.78 11.62 -5.02
N PRO A 20 -4.03 12.01 -5.31
CA PRO A 20 -4.46 13.41 -5.27
C PRO A 20 -4.52 13.95 -3.85
N LEU A 21 -5.20 13.22 -2.97
CA LEU A 21 -5.34 13.63 -1.58
C LEU A 21 -4.01 14.10 -1.01
N SER A 22 -2.92 13.62 -1.60
CA SER A 22 -1.58 13.99 -1.16
C SER A 22 -1.47 15.52 -1.00
N SER A 23 -1.91 16.24 -2.03
CA SER A 23 -1.85 17.69 -2.01
C SER A 23 -2.55 18.25 -0.78
N ASN A 24 -3.74 17.73 -0.49
CA ASN A 24 -4.52 18.17 0.65
C ASN A 24 -3.71 18.06 1.94
N PRO A 25 -3.59 19.18 2.67
CA PRO A 25 -2.85 19.23 3.92
C PRO A 25 -3.54 18.46 5.05
N GLY A 26 -2.78 17.62 5.74
CA GLY A 26 -3.33 16.83 6.82
C GLY A 26 -3.51 15.37 6.46
N THR A 27 -3.88 15.12 5.21
CA THR A 27 -4.08 13.76 4.74
C THR A 27 -2.79 12.94 4.85
N GLN A 28 -2.68 12.17 5.93
CA GLN A 28 -1.51 11.34 6.17
C GLN A 28 -1.86 9.86 6.03
N VAL A 29 -0.92 9.09 5.51
CA VAL A 29 -1.13 7.65 5.32
C VAL A 29 -1.34 6.96 6.65
N TYR A 30 -2.60 6.64 6.95
CA TYR A 30 -2.95 5.98 8.20
C TYR A 30 -1.86 4.99 8.61
N GLU A 31 -1.45 5.05 9.87
CA GLU A 31 -0.41 4.17 10.39
C GLU A 31 0.63 3.86 9.31
N ASP A 32 1.13 2.63 9.32
CA ASP A 32 2.12 2.20 8.35
C ASP A 32 1.53 1.22 7.35
N TYR A 33 0.28 1.45 6.97
CA TYR A 33 -0.41 0.58 6.03
C TYR A 33 -0.04 0.93 4.59
N ASN A 34 1.15 0.51 4.17
CA ASN A 34 1.63 0.78 2.82
C ASN A 34 2.54 -0.33 2.34
N CYS A 35 2.05 -1.16 1.42
CA CYS A 35 2.83 -2.27 0.87
C CYS A 35 2.76 -2.27 -0.65
N THR A 36 3.88 -2.61 -1.28
CA THR A 36 3.95 -2.66 -2.74
C THR A 36 3.90 -4.10 -3.24
N LEU A 37 3.07 -4.35 -4.26
CA LEU A 37 2.93 -5.68 -4.83
C LEU A 37 3.35 -5.68 -6.30
N ASN A 38 3.95 -6.79 -6.73
CA ASN A 38 4.38 -6.91 -8.12
C ASN A 38 3.77 -8.14 -8.77
N GLN A 39 3.64 -8.11 -10.09
CA GLN A 39 3.06 -9.22 -10.84
C GLN A 39 3.71 -9.34 -12.22
N THR A 40 4.49 -10.40 -12.41
CA THR A 40 5.16 -10.62 -13.68
C THR A 40 4.59 -11.85 -14.39
N ASN A 41 4.77 -11.91 -15.70
CA ASN A 41 4.27 -13.03 -16.50
C ASN A 41 5.16 -13.26 -17.71
N ILE A 42 5.29 -14.53 -18.11
CA ILE A 42 6.11 -14.88 -19.26
C ILE A 42 5.40 -14.54 -20.57
N GLU A 43 4.95 -13.29 -20.69
CA GLU A 43 4.25 -12.83 -21.88
C GLU A 43 4.77 -11.47 -22.32
N ASN A 44 5.49 -11.44 -23.43
CA ASN A 44 6.04 -10.19 -23.96
C ASN A 44 6.61 -9.33 -22.83
N ASN A 45 7.29 -9.97 -21.89
CA ASN A 45 7.88 -9.27 -20.76
C ASN A 45 6.89 -8.27 -20.16
N ASN A 46 5.70 -8.75 -19.82
CA ASN A 46 4.66 -7.90 -19.24
C ASN A 46 4.73 -7.93 -17.72
N ASN A 47 5.02 -6.77 -17.12
CA ASN A 47 5.12 -6.66 -15.67
C ASN A 47 4.12 -5.64 -15.14
N LYS A 48 3.54 -5.94 -13.97
CA LYS A 48 2.57 -5.05 -13.36
C LYS A 48 2.92 -4.80 -11.89
N PHE A 49 2.22 -3.85 -11.27
CA PHE A 49 2.46 -3.53 -9.87
C PHE A 49 1.17 -3.02 -9.21
N TYR A 50 0.90 -3.53 -8.01
CA TYR A 50 -0.29 -3.13 -7.27
C TYR A 50 0.07 -2.43 -5.98
N ILE A 51 -0.50 -1.24 -5.76
CA ILE A 51 -0.23 -0.47 -4.56
C ILE A 51 -1.47 -0.38 -3.67
N ILE A 52 -1.26 -0.43 -2.36
CA ILE A 52 -2.37 -0.35 -1.41
C ILE A 52 -1.96 0.44 -0.17
N GLN A 53 -2.62 1.57 0.05
CA GLN A 53 -2.33 2.42 1.20
C GLN A 53 -3.61 2.94 1.83
N LEU A 54 -3.62 3.05 3.16
CA LEU A 54 -4.79 3.53 3.88
C LEU A 54 -4.58 4.96 4.37
N LEU A 55 -5.34 5.89 3.80
CA LEU A 55 -5.25 7.29 4.18
C LEU A 55 -6.27 7.63 5.25
N GLN A 56 -6.06 8.77 5.91
CA GLN A 56 -6.98 9.22 6.95
C GLN A 56 -7.11 10.74 6.94
N ASP A 57 -8.34 11.22 6.85
CA ASP A 57 -8.60 12.66 6.83
C ASP A 57 -9.02 13.15 8.21
N SER A 58 -9.03 14.47 8.38
CA SER A 58 -9.39 15.07 9.66
C SER A 58 -10.85 14.78 10.00
N ASN A 59 -11.65 14.51 8.97
CA ASN A 59 -13.06 14.22 9.16
C ASN A 59 -13.28 12.73 9.45
N ARG A 60 -12.46 12.18 10.34
CA ARG A 60 -12.57 10.77 10.69
C ARG A 60 -13.03 9.93 9.51
N PHE A 61 -12.59 10.31 8.31
CA PHE A 61 -12.96 9.60 7.10
C PHE A 61 -11.73 9.02 6.40
N PHE A 62 -11.68 7.69 6.31
CA PHE A 62 -10.56 7.02 5.66
C PHE A 62 -10.84 6.80 4.18
N THR A 63 -9.78 6.54 3.41
CA THR A 63 -9.92 6.30 1.98
C THR A 63 -8.91 5.27 1.50
N CYS A 64 -9.42 4.24 0.82
CA CYS A 64 -8.57 3.17 0.30
C CYS A 64 -7.93 3.58 -1.01
N TRP A 65 -6.63 3.88 -0.97
CA TRP A 65 -5.90 4.29 -2.16
C TRP A 65 -5.38 3.07 -2.93
N ASN A 66 -5.98 2.79 -4.07
CA ASN A 66 -5.58 1.66 -4.90
C ASN A 66 -4.96 2.13 -6.21
N ARG A 67 -3.92 1.44 -6.65
CA ARG A 67 -3.24 1.79 -7.89
C ARG A 67 -2.64 0.55 -8.55
N TRP A 68 -2.80 0.44 -9.86
CA TRP A 68 -2.28 -0.70 -10.61
C TRP A 68 -1.90 -0.29 -12.03
N GLY A 69 -1.25 -1.19 -12.74
CA GLY A 69 -0.85 -0.91 -14.11
C GLY A 69 0.44 -1.62 -14.49
N ARG A 70 1.16 -1.07 -15.46
CA ARG A 70 2.41 -1.65 -15.92
C ARG A 70 3.59 -1.06 -15.17
N VAL A 71 4.53 -1.94 -14.79
CA VAL A 71 5.71 -1.50 -14.06
C VAL A 71 6.47 -0.43 -14.83
N GLY A 72 6.89 0.62 -14.11
CA GLY A 72 7.62 1.70 -14.74
C GLY A 72 6.73 2.87 -15.11
N GLU A 73 5.53 2.57 -15.62
CA GLU A 73 4.58 3.62 -16.00
C GLU A 73 3.54 3.83 -14.90
N VAL A 74 2.99 5.04 -14.86
CA VAL A 74 1.97 5.37 -13.87
C VAL A 74 0.90 4.30 -13.79
N GLY A 75 0.37 3.91 -14.95
CA GLY A 75 -0.67 2.90 -15.01
C GLY A 75 -2.04 3.46 -14.70
N GLN A 76 -2.92 2.62 -14.16
CA GLN A 76 -4.26 3.03 -13.81
C GLN A 76 -4.33 3.55 -12.38
N SER A 77 -5.53 3.98 -11.97
CA SER A 77 -5.72 4.50 -10.62
C SER A 77 -7.15 4.24 -10.15
N LYS A 78 -7.29 3.98 -8.85
CA LYS A 78 -8.60 3.71 -8.27
C LYS A 78 -8.63 4.12 -6.80
N ILE A 79 -9.54 5.03 -6.45
CA ILE A 79 -9.68 5.50 -5.08
C ILE A 79 -11.08 5.24 -4.55
N ASN A 80 -11.16 4.70 -3.34
CA ASN A 80 -12.44 4.41 -2.70
C ASN A 80 -12.52 5.02 -1.31
N HIS A 81 -13.50 5.90 -1.10
CA HIS A 81 -13.68 6.55 0.19
C HIS A 81 -14.61 5.73 1.07
N PHE A 82 -14.24 5.61 2.34
CA PHE A 82 -15.04 4.85 3.30
C PHE A 82 -15.35 5.70 4.53
N THR A 83 -16.58 5.56 5.03
CA THR A 83 -17.01 6.32 6.20
C THR A 83 -16.59 5.62 7.49
N ARG A 84 -16.40 4.30 7.42
CA ARG A 84 -16.00 3.52 8.57
C ARG A 84 -14.53 3.12 8.48
N LEU A 85 -13.87 3.00 9.63
CA LEU A 85 -12.47 2.62 9.67
C LEU A 85 -12.29 1.14 9.40
N GLU A 86 -12.98 0.31 10.18
CA GLU A 86 -12.91 -1.13 10.02
C GLU A 86 -13.11 -1.53 8.56
N ASP A 87 -14.23 -1.11 7.98
CA ASP A 87 -14.53 -1.42 6.60
C ASP A 87 -13.30 -1.26 5.71
N ALA A 88 -12.59 -0.16 5.89
CA ALA A 88 -11.38 0.11 5.11
C ALA A 88 -10.30 -0.93 5.41
N LYS A 89 -10.09 -1.22 6.69
CA LYS A 89 -9.09 -2.20 7.10
C LYS A 89 -9.35 -3.56 6.44
N LYS A 90 -10.61 -3.97 6.44
CA LYS A 90 -10.99 -5.24 5.84
C LYS A 90 -10.61 -5.29 4.37
N ASP A 91 -10.94 -4.24 3.64
CA ASP A 91 -10.63 -4.16 2.21
C ASP A 91 -9.13 -4.14 1.99
N PHE A 92 -8.41 -3.45 2.87
CA PHE A 92 -6.96 -3.35 2.76
C PHE A 92 -6.30 -4.70 3.00
N GLU A 93 -6.49 -5.24 4.21
CA GLU A 93 -5.91 -6.53 4.57
C GLU A 93 -6.41 -7.63 3.63
N LYS A 94 -7.73 -7.68 3.43
CA LYS A 94 -8.33 -8.68 2.56
C LYS A 94 -7.67 -8.67 1.19
N LYS A 95 -7.64 -7.50 0.55
CA LYS A 95 -7.03 -7.36 -0.77
C LYS A 95 -5.59 -7.84 -0.76
N PHE A 96 -4.81 -7.37 0.22
CA PHE A 96 -3.41 -7.76 0.33
C PHE A 96 -3.28 -9.27 0.44
N ARG A 97 -4.05 -9.86 1.33
CA ARG A 97 -4.01 -11.31 1.53
C ARG A 97 -4.59 -12.05 0.32
N GLU A 98 -5.51 -11.39 -0.38
CA GLU A 98 -6.14 -11.98 -1.56
C GLU A 98 -5.17 -11.97 -2.75
N LYS A 99 -4.19 -11.08 -2.69
CA LYS A 99 -3.20 -10.96 -3.75
C LYS A 99 -1.88 -11.63 -3.36
N THR A 100 -1.65 -11.73 -2.05
CA THR A 100 -0.44 -12.35 -1.54
C THR A 100 -0.75 -13.64 -0.78
N LYS A 101 -1.99 -14.10 -0.89
CA LYS A 101 -2.42 -15.32 -0.22
C LYS A 101 -1.73 -15.46 1.14
N ASN A 102 -1.58 -14.35 1.84
CA ASN A 102 -0.95 -14.34 3.15
C ASN A 102 -1.59 -13.32 4.07
N ASN A 103 -1.43 -13.51 5.38
CA ASN A 103 -2.00 -12.60 6.36
C ASN A 103 -1.03 -11.47 6.68
N TRP A 104 -1.53 -10.24 6.65
CA TRP A 104 -0.70 -9.07 6.94
C TRP A 104 0.03 -9.23 8.26
N ALA A 105 -0.64 -9.86 9.23
CA ALA A 105 -0.04 -10.07 10.54
C ALA A 105 1.05 -11.13 10.48
N GLU A 106 0.80 -12.19 9.72
CA GLU A 106 1.76 -13.28 9.59
C GLU A 106 2.77 -12.97 8.48
N ARG A 107 3.05 -11.68 8.28
CA ARG A 107 3.99 -11.26 7.26
C ARG A 107 5.37 -11.89 7.48
N ASP A 108 5.54 -12.51 8.64
CA ASP A 108 6.81 -13.16 8.98
C ASP A 108 7.09 -14.31 8.02
N HIS A 109 6.09 -15.14 7.79
CA HIS A 109 6.23 -16.29 6.89
C HIS A 109 5.55 -16.02 5.55
N PHE A 110 5.63 -14.78 5.09
CA PHE A 110 5.01 -14.39 3.83
C PHE A 110 5.33 -15.41 2.74
N VAL A 111 4.43 -16.38 2.57
CA VAL A 111 4.60 -17.41 1.55
C VAL A 111 4.21 -16.91 0.17
N SER A 112 5.20 -16.58 -0.64
CA SER A 112 4.96 -16.09 -1.99
C SER A 112 4.73 -17.24 -2.96
N HIS A 113 3.54 -17.31 -3.53
CA HIS A 113 3.19 -18.37 -4.48
C HIS A 113 3.55 -17.95 -5.90
N PRO A 114 3.88 -18.93 -6.75
CA PRO A 114 4.24 -18.70 -8.14
C PRO A 114 3.05 -18.25 -8.99
N GLY A 115 3.11 -17.01 -9.47
CA GLY A 115 2.04 -16.48 -10.29
C GLY A 115 1.31 -15.33 -9.62
N LYS A 116 1.12 -15.43 -8.31
CA LYS A 116 0.45 -14.38 -7.55
C LYS A 116 1.36 -13.18 -7.35
N TYR A 117 0.88 -12.20 -6.60
CA TYR A 117 1.66 -11.00 -6.34
C TYR A 117 2.77 -11.27 -5.32
N THR A 118 3.75 -10.37 -5.27
CA THR A 118 4.87 -10.52 -4.36
C THR A 118 4.96 -9.34 -3.40
N LEU A 119 5.68 -9.52 -2.30
CA LEU A 119 5.85 -8.47 -1.31
C LEU A 119 7.21 -7.80 -1.44
N ILE A 120 7.22 -6.55 -1.89
CA ILE A 120 8.45 -5.80 -2.06
C ILE A 120 8.48 -4.59 -1.15
N GLU A 121 9.65 -3.95 -1.05
CA GLU A 121 9.81 -2.77 -0.22
C GLU A 121 10.31 -1.59 -1.04
N VAL A 122 10.14 -1.67 -2.36
CA VAL A 122 10.57 -0.61 -3.26
C VAL A 122 11.97 -0.12 -2.91
N GLN A 123 12.42 0.92 -3.60
CA GLN A 123 13.74 1.47 -3.37
C GLN A 123 13.74 2.99 -3.55
N ALA A 124 13.40 3.71 -2.48
CA ALA A 124 13.36 5.16 -2.53
C ALA A 124 12.32 5.65 -3.53
N GLY A 1 21.51 20.43 8.67
CA GLY A 1 21.49 20.69 10.09
C GLY A 1 20.60 19.71 10.84
N SER A 2 19.35 20.11 11.08
CA SER A 2 18.41 19.26 11.80
C SER A 2 19.03 18.74 13.09
N SER A 3 18.24 17.97 13.85
CA SER A 3 18.70 17.41 15.12
C SER A 3 17.98 16.11 15.43
N GLY A 4 16.66 16.12 15.29
CA GLY A 4 15.87 14.93 15.56
C GLY A 4 15.77 14.63 17.04
N SER A 5 15.87 13.35 17.39
CA SER A 5 15.77 12.93 18.79
C SER A 5 16.72 11.76 19.07
N SER A 6 17.15 11.64 20.31
CA SER A 6 18.06 10.58 20.70
C SER A 6 17.28 9.35 21.19
N GLY A 7 17.36 8.27 20.42
CA GLY A 7 16.66 7.05 20.78
C GLY A 7 16.55 6.07 19.63
N ALA A 8 15.83 6.47 18.58
CA ALA A 8 15.66 5.62 17.42
C ALA A 8 14.67 6.24 16.43
N GLU A 9 15.02 6.21 15.15
CA GLU A 9 14.17 6.77 14.10
C GLU A 9 12.89 5.95 13.95
N LYS A 10 11.74 6.63 13.97
CA LYS A 10 10.45 5.97 13.83
C LYS A 10 10.02 5.92 12.37
N ARG A 11 9.67 4.73 11.90
CA ARG A 11 9.23 4.55 10.52
C ARG A 11 8.44 5.76 10.04
N ILE A 12 8.60 6.10 8.77
CA ILE A 12 7.89 7.23 8.18
C ILE A 12 7.26 6.87 6.84
N ILE A 13 6.06 7.38 6.59
CA ILE A 13 5.36 7.11 5.35
C ILE A 13 4.90 8.41 4.68
N ARG A 14 5.05 8.47 3.37
CA ARG A 14 4.64 9.66 2.61
C ARG A 14 3.58 9.29 1.58
N VAL A 15 2.36 9.78 1.80
CA VAL A 15 1.26 9.52 0.89
C VAL A 15 1.72 9.55 -0.56
N ASP A 16 1.43 8.48 -1.30
CA ASP A 16 1.82 8.40 -2.70
C ASP A 16 1.48 9.69 -3.44
N PRO A 17 2.36 10.09 -4.36
CA PRO A 17 2.18 11.31 -5.17
C PRO A 17 1.03 11.17 -6.17
N THR A 18 0.86 9.97 -6.71
CA THR A 18 -0.19 9.72 -7.68
C THR A 18 -1.56 10.07 -7.10
N CYS A 19 -1.74 9.80 -5.82
CA CYS A 19 -3.01 10.08 -5.14
C CYS A 19 -3.26 11.59 -5.07
N PRO A 20 -4.53 11.98 -5.30
CA PRO A 20 -4.93 13.39 -5.27
C PRO A 20 -4.90 13.97 -3.86
N LEU A 21 -5.49 13.25 -2.91
CA LEU A 21 -5.52 13.70 -1.52
C LEU A 21 -4.15 14.18 -1.07
N SER A 22 -3.10 13.55 -1.59
CA SER A 22 -1.74 13.91 -1.24
C SER A 22 -1.59 15.43 -1.12
N SER A 23 -2.14 16.15 -2.09
CA SER A 23 -2.07 17.60 -2.09
C SER A 23 -2.70 18.18 -0.83
N ASN A 24 -3.89 17.69 -0.49
CA ASN A 24 -4.60 18.15 0.70
C ASN A 24 -3.73 18.04 1.94
N PRO A 25 -3.57 19.15 2.66
CA PRO A 25 -2.76 19.20 3.89
C PRO A 25 -3.40 18.42 5.03
N GLY A 26 -2.57 17.73 5.80
CA GLY A 26 -3.07 16.95 6.92
C GLY A 26 -3.24 15.48 6.58
N THR A 27 -3.70 15.21 5.36
CA THR A 27 -3.91 13.83 4.92
C THR A 27 -2.63 13.02 5.02
N GLN A 28 -2.62 12.04 5.92
CA GLN A 28 -1.46 11.18 6.11
C GLN A 28 -1.80 9.73 5.82
N VAL A 29 -0.76 8.90 5.69
CA VAL A 29 -0.94 7.48 5.41
C VAL A 29 -1.19 6.70 6.69
N TYR A 30 -2.45 6.36 6.93
CA TYR A 30 -2.84 5.60 8.13
C TYR A 30 -1.73 4.61 8.51
N GLU A 31 -1.30 4.68 9.76
CA GLU A 31 -0.26 3.79 10.26
C GLU A 31 0.77 3.50 9.16
N ASP A 32 1.32 2.29 9.20
CA ASP A 32 2.32 1.89 8.21
C ASP A 32 1.68 1.07 7.10
N TYR A 33 0.43 1.36 6.80
CA TYR A 33 -0.30 0.65 5.75
C TYR A 33 0.19 1.06 4.36
N ASN A 34 1.29 0.44 3.93
CA ASN A 34 1.86 0.74 2.63
C ASN A 34 2.77 -0.40 2.16
N CYS A 35 2.19 -1.37 1.47
CA CYS A 35 2.94 -2.52 0.97
C CYS A 35 2.94 -2.54 -0.55
N THR A 36 4.07 -2.93 -1.13
CA THR A 36 4.20 -2.99 -2.59
C THR A 36 4.07 -4.43 -3.08
N LEU A 37 3.34 -4.61 -4.17
CA LEU A 37 3.15 -5.93 -4.76
C LEU A 37 3.58 -5.96 -6.22
N ASN A 38 4.38 -6.95 -6.57
CA ASN A 38 4.87 -7.10 -7.94
C ASN A 38 4.25 -8.32 -8.62
N GLN A 39 4.13 -8.26 -9.94
CA GLN A 39 3.56 -9.36 -10.70
C GLN A 39 4.17 -9.43 -12.09
N THR A 40 5.05 -10.41 -12.30
CA THR A 40 5.70 -10.58 -13.59
C THR A 40 5.15 -11.80 -14.33
N ASN A 41 5.32 -11.81 -15.65
CA ASN A 41 4.84 -12.92 -16.46
C ASN A 41 5.76 -13.15 -17.66
N ILE A 42 5.91 -14.41 -18.05
CA ILE A 42 6.75 -14.76 -19.19
C ILE A 42 6.09 -14.41 -20.51
N GLU A 43 5.63 -13.16 -20.62
CA GLU A 43 4.98 -12.69 -21.84
C GLU A 43 5.50 -11.32 -22.25
N ASN A 44 6.25 -11.28 -23.34
CA ASN A 44 6.81 -10.02 -23.83
C ASN A 44 7.35 -9.18 -22.69
N ASN A 45 7.99 -9.82 -21.72
CA ASN A 45 8.56 -9.13 -20.57
C ASN A 45 7.54 -8.14 -19.99
N ASN A 46 6.35 -8.64 -19.66
CA ASN A 46 5.31 -7.80 -19.10
C ASN A 46 5.35 -7.84 -17.57
N ASN A 47 5.60 -6.69 -16.97
CA ASN A 47 5.67 -6.58 -15.51
C ASN A 47 4.69 -5.53 -14.99
N LYS A 48 3.92 -5.89 -13.97
CA LYS A 48 2.95 -4.98 -13.39
C LYS A 48 3.28 -4.70 -11.93
N PHE A 49 2.53 -3.78 -11.32
CA PHE A 49 2.75 -3.42 -9.93
C PHE A 49 1.45 -2.97 -9.27
N TYR A 50 1.19 -3.50 -8.07
CA TYR A 50 -0.03 -3.17 -7.34
C TYR A 50 0.31 -2.53 -6.00
N ILE A 51 -0.15 -1.29 -5.80
CA ILE A 51 0.10 -0.57 -4.56
C ILE A 51 -1.19 -0.38 -3.78
N ILE A 52 -1.15 -0.71 -2.48
CA ILE A 52 -2.31 -0.57 -1.62
C ILE A 52 -1.95 0.17 -0.33
N GLN A 53 -2.37 1.42 -0.24
CA GLN A 53 -2.09 2.24 0.94
C GLN A 53 -3.39 2.75 1.56
N LEU A 54 -3.39 2.87 2.89
CA LEU A 54 -4.57 3.35 3.60
C LEU A 54 -4.35 4.78 4.10
N LEU A 55 -5.16 5.70 3.59
CA LEU A 55 -5.07 7.10 3.99
C LEU A 55 -6.16 7.46 5.00
N GLN A 56 -5.98 8.59 5.68
CA GLN A 56 -6.95 9.04 6.67
C GLN A 56 -6.99 10.56 6.74
N ASP A 57 -8.18 11.12 6.56
CA ASP A 57 -8.36 12.57 6.60
C ASP A 57 -8.77 13.03 8.00
N SER A 58 -8.76 14.35 8.21
CA SER A 58 -9.12 14.91 9.50
C SER A 58 -10.64 14.85 9.72
N ASN A 59 -11.34 14.37 8.71
CA ASN A 59 -12.80 14.26 8.78
C ASN A 59 -13.21 12.85 9.20
N ARG A 60 -12.43 12.26 10.11
CA ARG A 60 -12.72 10.91 10.59
C ARG A 60 -13.16 10.00 9.45
N PHE A 61 -12.59 10.23 8.27
CA PHE A 61 -12.92 9.42 7.10
C PHE A 61 -11.66 8.94 6.39
N PHE A 62 -11.54 7.62 6.27
CA PHE A 62 -10.38 7.02 5.61
C PHE A 62 -10.66 6.78 4.13
N THR A 63 -9.59 6.59 3.36
CA THR A 63 -9.71 6.35 1.94
C THR A 63 -8.64 5.37 1.44
N CYS A 64 -9.09 4.24 0.91
CA CYS A 64 -8.18 3.23 0.41
C CYS A 64 -7.76 3.53 -1.02
N TRP A 65 -6.53 3.99 -1.19
CA TRP A 65 -6.00 4.33 -2.51
C TRP A 65 -5.39 3.10 -3.17
N ASN A 66 -5.84 2.80 -4.39
CA ASN A 66 -5.33 1.66 -5.14
C ASN A 66 -4.75 2.10 -6.48
N ARG A 67 -3.50 1.73 -6.72
CA ARG A 67 -2.83 2.09 -7.98
C ARG A 67 -2.14 0.88 -8.58
N TRP A 68 -2.68 0.38 -9.68
CA TRP A 68 -2.11 -0.79 -10.36
C TRP A 68 -1.78 -0.46 -11.81
N GLY A 69 -0.94 -1.28 -12.42
CA GLY A 69 -0.56 -1.07 -13.81
C GLY A 69 0.81 -1.63 -14.14
N ARG A 70 1.34 -1.26 -15.29
CA ARG A 70 2.65 -1.74 -15.72
C ARG A 70 3.76 -1.07 -14.92
N VAL A 71 4.76 -1.85 -14.50
CA VAL A 71 5.87 -1.32 -13.74
C VAL A 71 6.53 -0.15 -14.46
N GLY A 72 6.49 1.03 -13.83
CA GLY A 72 7.09 2.21 -14.42
C GLY A 72 6.06 3.27 -14.73
N GLU A 73 4.89 2.85 -15.21
CA GLU A 73 3.82 3.79 -15.55
C GLU A 73 2.88 3.99 -14.36
N VAL A 74 1.94 4.93 -14.51
CA VAL A 74 0.99 5.22 -13.44
C VAL A 74 -0.07 4.13 -13.35
N GLY A 75 -0.56 3.68 -14.50
CA GLY A 75 -1.58 2.65 -14.52
C GLY A 75 -2.97 3.20 -14.23
N GLN A 76 -3.91 2.30 -13.94
CA GLN A 76 -5.27 2.70 -13.64
C GLN A 76 -5.36 3.39 -12.29
N SER A 77 -6.42 4.17 -12.09
CA SER A 77 -6.62 4.89 -10.84
C SER A 77 -7.93 4.49 -10.18
N LYS A 78 -7.84 3.93 -8.97
CA LYS A 78 -9.02 3.50 -8.24
C LYS A 78 -8.93 3.93 -6.78
N ILE A 79 -9.92 4.70 -6.32
CA ILE A 79 -9.95 5.16 -4.94
C ILE A 79 -11.25 4.76 -4.26
N ASN A 80 -11.19 4.58 -2.95
CA ASN A 80 -12.36 4.18 -2.18
C ASN A 80 -12.40 4.93 -0.84
N HIS A 81 -13.56 5.48 -0.51
CA HIS A 81 -13.73 6.22 0.74
C HIS A 81 -14.67 5.48 1.68
N PHE A 82 -14.18 5.17 2.88
CA PHE A 82 -14.98 4.46 3.87
C PHE A 82 -15.23 5.33 5.09
N THR A 83 -16.47 5.32 5.58
CA THR A 83 -16.85 6.11 6.74
C THR A 83 -16.34 5.48 8.03
N ARG A 84 -16.32 4.14 8.06
CA ARG A 84 -15.86 3.42 9.24
C ARG A 84 -14.45 2.88 9.03
N LEU A 85 -13.54 3.22 9.94
CA LEU A 85 -12.16 2.78 9.86
C LEU A 85 -12.08 1.28 9.58
N GLU A 86 -12.73 0.50 10.42
CA GLU A 86 -12.75 -0.96 10.26
C GLU A 86 -13.04 -1.34 8.81
N ASP A 87 -14.22 -0.97 8.33
CA ASP A 87 -14.62 -1.27 6.96
C ASP A 87 -13.46 -1.08 6.00
N ALA A 88 -12.72 0.01 6.18
CA ALA A 88 -11.58 0.31 5.33
C ALA A 88 -10.48 -0.74 5.49
N LYS A 89 -10.21 -1.12 6.72
CA LYS A 89 -9.18 -2.12 7.01
C LYS A 89 -9.50 -3.44 6.30
N LYS A 90 -10.76 -3.82 6.33
CA LYS A 90 -11.20 -5.07 5.69
C LYS A 90 -10.82 -5.08 4.21
N ASP A 91 -11.14 -4.00 3.51
CA ASP A 91 -10.83 -3.89 2.10
C ASP A 91 -9.33 -3.94 1.86
N PHE A 92 -8.59 -3.14 2.63
CA PHE A 92 -7.14 -3.10 2.50
C PHE A 92 -6.52 -4.47 2.74
N GLU A 93 -6.73 -5.01 3.93
CA GLU A 93 -6.20 -6.33 4.28
C GLU A 93 -6.71 -7.39 3.32
N LYS A 94 -8.01 -7.34 3.01
CA LYS A 94 -8.61 -8.30 2.11
C LYS A 94 -7.88 -8.34 0.77
N LYS A 95 -7.74 -7.17 0.14
CA LYS A 95 -7.05 -7.06 -1.14
C LYS A 95 -5.62 -7.60 -1.03
N PHE A 96 -4.86 -7.08 -0.08
CA PHE A 96 -3.49 -7.50 0.13
C PHE A 96 -3.41 -9.02 0.27
N ARG A 97 -4.13 -9.55 1.25
CA ARG A 97 -4.14 -10.99 1.49
C ARG A 97 -4.70 -11.75 0.28
N GLU A 98 -5.62 -11.11 -0.43
CA GLU A 98 -6.23 -11.72 -1.60
C GLU A 98 -5.26 -11.75 -2.78
N LYS A 99 -4.30 -10.83 -2.76
CA LYS A 99 -3.30 -10.75 -3.83
C LYS A 99 -2.01 -11.46 -3.41
N THR A 100 -1.86 -11.69 -2.11
CA THR A 100 -0.67 -12.36 -1.58
C THR A 100 -1.05 -13.58 -0.76
N LYS A 101 -2.32 -14.00 -0.87
CA LYS A 101 -2.80 -15.16 -0.14
C LYS A 101 -2.13 -15.27 1.23
N ASN A 102 -1.88 -14.11 1.86
CA ASN A 102 -1.25 -14.08 3.17
C ASN A 102 -1.93 -13.07 4.07
N ASN A 103 -1.66 -13.17 5.37
CA ASN A 103 -2.24 -12.26 6.35
C ASN A 103 -1.29 -11.13 6.69
N TRP A 104 -1.79 -9.90 6.63
CA TRP A 104 -0.98 -8.73 6.93
C TRP A 104 -0.27 -8.88 8.27
N ALA A 105 -0.98 -9.41 9.26
CA ALA A 105 -0.41 -9.62 10.59
C ALA A 105 0.67 -10.69 10.56
N GLU A 106 0.45 -11.73 9.75
CA GLU A 106 1.42 -12.83 9.64
C GLU A 106 2.32 -12.63 8.43
N ARG A 107 2.65 -11.38 8.14
CA ARG A 107 3.51 -11.05 7.00
C ARG A 107 4.88 -11.70 7.16
N ASP A 108 5.20 -12.12 8.38
CA ASP A 108 6.48 -12.77 8.66
C ASP A 108 6.65 -14.03 7.82
N HIS A 109 5.65 -14.90 7.84
CA HIS A 109 5.70 -16.14 7.08
C HIS A 109 5.07 -15.96 5.70
N PHE A 110 5.26 -14.77 5.13
CA PHE A 110 4.71 -14.46 3.82
C PHE A 110 5.20 -15.46 2.78
N VAL A 111 4.27 -16.19 2.17
CA VAL A 111 4.62 -17.18 1.16
C VAL A 111 4.41 -16.63 -0.24
N SER A 112 5.48 -16.59 -1.03
CA SER A 112 5.42 -16.09 -2.39
C SER A 112 5.08 -17.20 -3.38
N HIS A 113 3.81 -17.26 -3.78
CA HIS A 113 3.37 -18.28 -4.72
C HIS A 113 3.68 -17.88 -6.16
N PRO A 114 3.91 -18.87 -7.02
CA PRO A 114 4.22 -18.64 -8.44
C PRO A 114 3.02 -18.11 -9.22
N GLY A 115 3.20 -16.96 -9.86
CA GLY A 115 2.13 -16.37 -10.63
C GLY A 115 1.46 -15.21 -9.91
N LYS A 116 1.21 -15.39 -8.62
CA LYS A 116 0.57 -14.35 -7.81
C LYS A 116 1.53 -13.20 -7.55
N TYR A 117 1.09 -12.24 -6.74
CA TYR A 117 1.92 -11.09 -6.41
C TYR A 117 3.05 -11.47 -5.47
N THR A 118 3.91 -10.51 -5.16
CA THR A 118 5.03 -10.74 -4.26
C THR A 118 5.18 -9.60 -3.27
N LEU A 119 5.83 -9.88 -2.13
CA LEU A 119 6.04 -8.88 -1.10
C LEU A 119 7.42 -8.24 -1.25
N ILE A 120 7.43 -6.94 -1.56
CA ILE A 120 8.68 -6.21 -1.73
C ILE A 120 8.71 -4.98 -0.84
N GLU A 121 9.84 -4.29 -0.82
CA GLU A 121 10.01 -3.09 -0.01
C GLU A 121 10.42 -1.90 -0.86
N VAL A 122 10.13 -1.99 -2.16
CA VAL A 122 10.48 -0.92 -3.09
C VAL A 122 11.90 -0.43 -2.86
N GLN A 123 12.30 0.61 -3.60
CA GLN A 123 13.63 1.16 -3.48
C GLN A 123 13.58 2.67 -3.22
N ALA A 124 13.81 3.06 -1.98
CA ALA A 124 13.79 4.48 -1.61
C ALA A 124 15.17 4.95 -1.16
N GLY A 1 2.12 12.51 22.10
CA GLY A 1 1.81 12.66 20.69
C GLY A 1 2.65 11.75 19.82
N SER A 2 3.97 11.81 20.00
CA SER A 2 4.88 11.00 19.22
C SER A 2 6.16 10.69 20.00
N SER A 3 6.86 9.65 19.58
CA SER A 3 8.10 9.25 20.26
C SER A 3 8.94 10.46 20.61
N GLY A 4 9.73 10.34 21.67
CA GLY A 4 10.57 11.44 22.11
C GLY A 4 11.60 11.01 23.15
N SER A 5 11.12 10.61 24.32
CA SER A 5 11.99 10.18 25.40
C SER A 5 12.43 8.73 25.20
N SER A 6 13.61 8.56 24.59
CA SER A 6 14.15 7.23 24.34
C SER A 6 13.23 6.45 23.41
N GLY A 7 13.82 5.61 22.57
CA GLY A 7 13.05 4.81 21.64
C GLY A 7 13.85 4.39 20.43
N ALA A 8 13.19 3.71 19.47
CA ALA A 8 13.85 3.24 18.27
C ALA A 8 13.33 3.98 17.04
N GLU A 9 14.23 4.35 16.14
CA GLU A 9 13.85 5.07 14.93
C GLU A 9 12.75 4.31 14.18
N LYS A 10 11.54 4.86 14.22
CA LYS A 10 10.40 4.25 13.55
C LYS A 10 10.40 4.59 12.07
N ARG A 11 9.98 3.63 11.25
CA ARG A 11 9.94 3.83 9.80
C ARG A 11 9.14 5.09 9.45
N ILE A 12 9.24 5.52 8.20
CA ILE A 12 8.53 6.72 7.74
C ILE A 12 7.81 6.44 6.43
N ILE A 13 6.61 6.98 6.32
CA ILE A 13 5.80 6.81 5.11
C ILE A 13 5.55 8.14 4.41
N ARG A 14 5.26 8.08 3.11
CA ARG A 14 5.01 9.28 2.33
C ARG A 14 3.81 9.08 1.40
N VAL A 15 2.77 9.88 1.61
CA VAL A 15 1.56 9.79 0.79
C VAL A 15 1.91 9.80 -0.69
N ASP A 16 1.66 8.67 -1.35
CA ASP A 16 1.94 8.55 -2.77
C ASP A 16 1.60 9.83 -3.51
N PRO A 17 2.50 10.25 -4.43
CA PRO A 17 2.31 11.47 -5.22
C PRO A 17 1.18 11.34 -6.24
N THR A 18 0.88 10.10 -6.61
CA THR A 18 -0.18 9.85 -7.58
C THR A 18 -1.56 10.14 -6.98
N CYS A 19 -1.67 9.97 -5.67
CA CYS A 19 -2.93 10.22 -4.97
C CYS A 19 -3.28 11.70 -5.00
N PRO A 20 -4.54 12.01 -5.34
CA PRO A 20 -5.03 13.38 -5.41
C PRO A 20 -5.15 14.03 -4.03
N LEU A 21 -5.73 13.29 -3.09
CA LEU A 21 -5.91 13.79 -1.73
C LEU A 21 -4.56 14.15 -1.11
N SER A 22 -3.48 13.74 -1.77
CA SER A 22 -2.13 14.02 -1.27
C SER A 22 -1.88 15.52 -1.18
N SER A 23 -2.23 16.24 -2.23
CA SER A 23 -2.05 17.69 -2.27
C SER A 23 -2.68 18.35 -1.06
N ASN A 24 -3.87 17.89 -0.69
CA ASN A 24 -4.58 18.45 0.46
C ASN A 24 -3.74 18.31 1.73
N PRO A 25 -3.62 19.42 2.47
CA PRO A 25 -2.85 19.45 3.72
C PRO A 25 -3.53 18.66 4.84
N GLY A 26 -2.75 17.78 5.49
CA GLY A 26 -3.29 16.98 6.56
C GLY A 26 -3.45 15.52 6.18
N THR A 27 -3.83 15.29 4.92
CA THR A 27 -4.03 13.94 4.43
C THR A 27 -2.74 13.13 4.53
N GLN A 28 -2.69 12.23 5.51
CA GLN A 28 -1.51 11.39 5.71
C GLN A 28 -1.87 9.91 5.60
N VAL A 29 -0.86 9.05 5.72
CA VAL A 29 -1.07 7.62 5.64
C VAL A 29 -1.33 7.01 7.02
N TYR A 30 -2.52 6.46 7.21
CA TYR A 30 -2.89 5.86 8.48
C TYR A 30 -1.89 4.78 8.89
N GLU A 31 -1.17 5.04 9.98
CA GLU A 31 -0.17 4.08 10.48
C GLU A 31 0.84 3.73 9.39
N ASP A 32 1.25 2.48 9.35
CA ASP A 32 2.22 2.02 8.37
C ASP A 32 1.54 1.15 7.31
N TYR A 33 0.32 1.52 6.94
CA TYR A 33 -0.43 0.76 5.94
C TYR A 33 0.03 1.10 4.53
N ASN A 34 1.17 0.54 4.14
CA ASN A 34 1.73 0.79 2.82
C ASN A 34 2.63 -0.38 2.38
N CYS A 35 2.11 -1.21 1.49
CA CYS A 35 2.87 -2.36 0.99
C CYS A 35 2.88 -2.38 -0.54
N THR A 36 4.05 -2.62 -1.11
CA THR A 36 4.20 -2.67 -2.56
C THR A 36 4.14 -4.11 -3.07
N LEU A 37 3.34 -4.32 -4.11
CA LEU A 37 3.19 -5.65 -4.71
C LEU A 37 3.67 -5.66 -6.15
N ASN A 38 4.31 -6.76 -6.55
CA ASN A 38 4.81 -6.90 -7.91
C ASN A 38 4.15 -8.08 -8.62
N GLN A 39 4.15 -8.04 -9.95
CA GLN A 39 3.55 -9.09 -10.75
C GLN A 39 4.18 -9.16 -12.14
N THR A 40 4.94 -10.21 -12.40
CA THR A 40 5.60 -10.39 -13.68
C THR A 40 5.21 -11.72 -14.32
N ASN A 41 5.26 -11.78 -15.65
CA ASN A 41 4.92 -12.98 -16.37
C ASN A 41 5.85 -13.18 -17.56
N ILE A 42 5.94 -14.42 -18.04
CA ILE A 42 6.80 -14.75 -19.18
C ILE A 42 6.10 -14.42 -20.50
N GLU A 43 5.62 -13.19 -20.63
CA GLU A 43 4.94 -12.75 -21.84
C GLU A 43 5.34 -11.33 -22.21
N ASN A 44 6.07 -11.18 -23.31
CA ASN A 44 6.51 -9.87 -23.77
C ASN A 44 7.01 -9.02 -22.60
N ASN A 45 7.74 -9.66 -21.69
CA ASN A 45 8.28 -8.97 -20.52
C ASN A 45 7.21 -8.11 -19.86
N ASN A 46 6.08 -8.73 -19.53
CA ASN A 46 4.98 -8.02 -18.89
C ASN A 46 5.26 -7.79 -17.41
N ASN A 47 5.44 -6.52 -17.03
CA ASN A 47 5.72 -6.17 -15.64
C ASN A 47 4.68 -5.20 -15.11
N LYS A 48 3.99 -5.60 -14.04
CA LYS A 48 2.96 -4.77 -13.43
C LYS A 48 3.32 -4.43 -11.99
N PHE A 49 2.46 -3.66 -11.34
CA PHE A 49 2.69 -3.26 -9.95
C PHE A 49 1.39 -2.87 -9.27
N TYR A 50 1.15 -3.41 -8.08
CA TYR A 50 -0.06 -3.11 -7.33
C TYR A 50 0.27 -2.45 -6.00
N ILE A 51 -0.29 -1.26 -5.78
CA ILE A 51 -0.06 -0.52 -4.55
C ILE A 51 -1.34 -0.41 -3.73
N ILE A 52 -1.21 -0.53 -2.41
CA ILE A 52 -2.35 -0.43 -1.52
C ILE A 52 -1.99 0.28 -0.22
N GLN A 53 -2.48 1.51 -0.06
CA GLN A 53 -2.21 2.29 1.13
C GLN A 53 -3.49 2.74 1.81
N LEU A 54 -3.41 3.02 3.10
CA LEU A 54 -4.57 3.45 3.87
C LEU A 54 -4.41 4.90 4.35
N LEU A 55 -5.15 5.80 3.73
CA LEU A 55 -5.09 7.21 4.09
C LEU A 55 -6.15 7.56 5.13
N GLN A 56 -5.90 8.60 5.91
CA GLN A 56 -6.84 9.03 6.94
C GLN A 56 -7.06 10.54 6.87
N ASP A 57 -8.30 10.94 6.61
CA ASP A 57 -8.64 12.35 6.52
C ASP A 57 -8.96 12.92 7.90
N SER A 58 -9.08 14.24 7.98
CA SER A 58 -9.38 14.91 9.24
C SER A 58 -10.78 14.53 9.74
N ASN A 59 -11.67 14.24 8.81
CA ASN A 59 -13.04 13.85 9.16
C ASN A 59 -13.11 12.37 9.49
N ARG A 60 -12.18 11.90 10.31
CA ARG A 60 -12.15 10.49 10.70
C ARG A 60 -12.60 9.60 9.56
N PHE A 61 -12.29 10.01 8.33
CA PHE A 61 -12.66 9.24 7.15
C PHE A 61 -11.42 8.72 6.42
N PHE A 62 -11.31 7.40 6.34
CA PHE A 62 -10.18 6.76 5.68
C PHE A 62 -10.47 6.53 4.20
N THR A 63 -9.41 6.42 3.40
CA THR A 63 -9.55 6.20 1.96
C THR A 63 -8.45 5.29 1.44
N CYS A 64 -8.85 4.14 0.90
CA CYS A 64 -7.89 3.18 0.36
C CYS A 64 -7.50 3.54 -1.07
N TRP A 65 -6.28 4.06 -1.22
CA TRP A 65 -5.78 4.46 -2.53
C TRP A 65 -5.15 3.27 -3.25
N ASN A 66 -5.65 2.99 -4.45
CA ASN A 66 -5.13 1.88 -5.25
C ASN A 66 -4.59 2.38 -6.59
N ARG A 67 -3.48 1.80 -7.02
CA ARG A 67 -2.85 2.18 -8.28
C ARG A 67 -2.16 0.99 -8.93
N TRP A 68 -2.69 0.53 -10.05
CA TRP A 68 -2.12 -0.61 -10.76
C TRP A 68 -1.95 -0.29 -12.24
N GLY A 69 -1.17 -1.11 -12.94
CA GLY A 69 -0.94 -0.90 -14.36
C GLY A 69 0.42 -1.38 -14.80
N ARG A 70 1.08 -0.59 -15.64
CA ARG A 70 2.41 -0.94 -16.16
C ARG A 70 3.50 -0.37 -15.26
N VAL A 71 4.43 -1.22 -14.85
CA VAL A 71 5.53 -0.79 -13.99
C VAL A 71 6.22 0.45 -14.56
N GLY A 72 6.28 1.51 -13.74
CA GLY A 72 6.92 2.73 -14.18
C GLY A 72 5.92 3.85 -14.41
N GLU A 73 4.80 3.53 -15.02
CA GLU A 73 3.75 4.51 -15.30
C GLU A 73 2.70 4.51 -14.19
N VAL A 74 1.81 5.51 -14.23
CA VAL A 74 0.76 5.62 -13.23
C VAL A 74 -0.26 4.50 -13.37
N GLY A 75 -0.57 4.15 -14.62
CA GLY A 75 -1.54 3.09 -14.86
C GLY A 75 -2.96 3.49 -14.50
N GLN A 76 -3.80 2.50 -14.23
CA GLN A 76 -5.19 2.76 -13.87
C GLN A 76 -5.27 3.61 -12.60
N SER A 77 -6.49 4.01 -12.23
CA SER A 77 -6.69 4.83 -11.05
C SER A 77 -8.00 4.46 -10.36
N LYS A 78 -7.90 4.04 -9.10
CA LYS A 78 -9.07 3.65 -8.32
C LYS A 78 -8.92 4.08 -6.87
N ILE A 79 -9.96 4.69 -6.32
CA ILE A 79 -9.95 5.15 -4.93
C ILE A 79 -11.20 4.71 -4.20
N ASN A 80 -11.04 4.25 -2.96
CA ASN A 80 -12.16 3.80 -2.15
C ASN A 80 -12.22 4.56 -0.83
N HIS A 81 -13.33 5.25 -0.60
CA HIS A 81 -13.51 6.02 0.62
C HIS A 81 -14.42 5.28 1.60
N PHE A 82 -13.86 4.93 2.76
CA PHE A 82 -14.60 4.21 3.78
C PHE A 82 -14.88 5.11 4.99
N THR A 83 -16.14 5.17 5.40
CA THR A 83 -16.54 6.00 6.52
C THR A 83 -16.01 5.42 7.84
N ARG A 84 -16.14 4.10 8.00
CA ARG A 84 -15.67 3.43 9.20
C ARG A 84 -14.23 2.97 9.04
N LEU A 85 -13.50 2.92 10.15
CA LEU A 85 -12.11 2.49 10.13
C LEU A 85 -12.00 1.01 9.80
N GLU A 86 -12.68 0.18 10.59
CA GLU A 86 -12.67 -1.26 10.38
C GLU A 86 -12.99 -1.61 8.93
N ASP A 87 -14.05 -0.98 8.41
CA ASP A 87 -14.47 -1.23 7.04
C ASP A 87 -13.31 -1.07 6.07
N ALA A 88 -12.51 -0.03 6.27
CA ALA A 88 -11.35 0.23 5.42
C ALA A 88 -10.30 -0.87 5.57
N LYS A 89 -9.99 -1.20 6.81
CA LYS A 89 -9.00 -2.24 7.09
C LYS A 89 -9.35 -3.54 6.39
N LYS A 90 -10.63 -3.90 6.44
CA LYS A 90 -11.11 -5.12 5.80
C LYS A 90 -10.76 -5.14 4.31
N ASP A 91 -10.98 -4.01 3.64
CA ASP A 91 -10.68 -3.89 2.22
C ASP A 91 -9.18 -3.95 1.97
N PHE A 92 -8.43 -3.17 2.73
CA PHE A 92 -6.97 -3.13 2.60
C PHE A 92 -6.37 -4.52 2.80
N GLU A 93 -6.68 -5.13 3.94
CA GLU A 93 -6.17 -6.46 4.26
C GLU A 93 -6.66 -7.49 3.24
N LYS A 94 -7.96 -7.50 2.99
CA LYS A 94 -8.55 -8.43 2.04
C LYS A 94 -7.78 -8.43 0.72
N LYS A 95 -7.66 -7.26 0.11
CA LYS A 95 -6.94 -7.13 -1.14
C LYS A 95 -5.53 -7.70 -1.03
N PHE A 96 -4.77 -7.20 -0.06
CA PHE A 96 -3.41 -7.67 0.15
C PHE A 96 -3.36 -9.20 0.24
N ARG A 97 -4.08 -9.75 1.20
CA ARG A 97 -4.12 -11.20 1.38
C ARG A 97 -4.63 -11.89 0.13
N GLU A 98 -5.51 -11.22 -0.59
CA GLU A 98 -6.08 -11.77 -1.82
C GLU A 98 -5.04 -11.80 -2.94
N LYS A 99 -4.09 -10.86 -2.88
CA LYS A 99 -3.05 -10.78 -3.88
C LYS A 99 -1.78 -11.49 -3.42
N THR A 100 -1.68 -11.69 -2.10
CA THR A 100 -0.51 -12.36 -1.52
C THR A 100 -0.93 -13.65 -0.84
N LYS A 101 -2.18 -14.07 -1.04
CA LYS A 101 -2.69 -15.29 -0.44
C LYS A 101 -2.09 -15.51 0.94
N ASN A 102 -1.92 -14.43 1.69
CA ASN A 102 -1.37 -14.50 3.04
C ASN A 102 -2.03 -13.49 3.96
N ASN A 103 -1.90 -13.71 5.26
CA ASN A 103 -2.49 -12.81 6.25
C ASN A 103 -1.58 -11.62 6.52
N TRP A 104 -2.18 -10.44 6.64
CA TRP A 104 -1.43 -9.23 6.90
C TRP A 104 -0.79 -9.26 8.29
N ALA A 105 -1.48 -9.89 9.24
CA ALA A 105 -0.97 -9.98 10.59
C ALA A 105 0.22 -10.93 10.67
N GLU A 106 0.12 -12.07 9.99
CA GLU A 106 1.19 -13.06 9.98
C GLU A 106 2.16 -12.79 8.83
N ARG A 107 2.39 -11.52 8.53
CA ARG A 107 3.29 -11.13 7.46
C ARG A 107 4.67 -11.73 7.67
N ASP A 108 4.91 -12.26 8.87
CA ASP A 108 6.19 -12.87 9.19
C ASP A 108 6.47 -14.07 8.30
N HIS A 109 5.44 -14.88 8.07
CA HIS A 109 5.57 -16.07 7.22
C HIS A 109 4.98 -15.82 5.84
N PHE A 110 5.20 -14.62 5.32
CA PHE A 110 4.68 -14.25 4.01
C PHE A 110 5.03 -15.32 2.97
N VAL A 111 4.11 -16.26 2.77
CA VAL A 111 4.32 -17.34 1.81
C VAL A 111 3.93 -16.91 0.40
N SER A 112 4.93 -16.69 -0.44
CA SER A 112 4.68 -16.27 -1.82
C SER A 112 4.45 -17.47 -2.72
N HIS A 113 3.65 -17.27 -3.77
CA HIS A 113 3.35 -18.34 -4.72
C HIS A 113 3.67 -17.90 -6.14
N PRO A 114 3.98 -18.88 -7.00
CA PRO A 114 4.31 -18.63 -8.41
C PRO A 114 3.09 -18.18 -9.22
N GLY A 115 3.09 -16.94 -9.66
CA GLY A 115 1.98 -16.42 -10.44
C GLY A 115 1.27 -15.29 -9.73
N LYS A 116 1.25 -15.33 -8.40
CA LYS A 116 0.59 -14.30 -7.61
C LYS A 116 1.51 -13.12 -7.38
N TYR A 117 1.05 -12.15 -6.60
CA TYR A 117 1.84 -10.96 -6.30
C TYR A 117 2.87 -11.24 -5.21
N THR A 118 3.90 -10.40 -5.14
CA THR A 118 4.95 -10.57 -4.15
C THR A 118 5.00 -9.37 -3.20
N LEU A 119 5.74 -9.53 -2.11
CA LEU A 119 5.88 -8.48 -1.11
C LEU A 119 7.26 -7.84 -1.18
N ILE A 120 7.31 -6.58 -1.59
CA ILE A 120 8.57 -5.86 -1.68
C ILE A 120 8.59 -4.64 -0.78
N GLU A 121 9.73 -3.98 -0.69
CA GLU A 121 9.88 -2.79 0.14
C GLU A 121 10.43 -1.62 -0.66
N VAL A 122 10.31 -1.71 -1.98
CA VAL A 122 10.80 -0.66 -2.87
C VAL A 122 12.17 -0.18 -2.45
N GLN A 123 12.67 0.85 -3.13
CA GLN A 123 13.99 1.40 -2.83
C GLN A 123 13.98 2.93 -2.94
N ALA A 124 13.56 3.59 -1.86
CA ALA A 124 13.50 5.04 -1.83
C ALA A 124 12.50 5.57 -2.84
N GLY A 1 17.58 13.07 28.69
CA GLY A 1 17.96 11.74 28.26
C GLY A 1 19.05 11.75 27.21
N SER A 2 19.49 10.57 26.80
CA SER A 2 20.55 10.46 25.80
C SER A 2 20.69 9.01 25.33
N SER A 3 21.25 8.83 24.14
CA SER A 3 21.44 7.52 23.56
C SER A 3 22.28 7.58 22.28
N GLY A 4 23.19 6.63 22.14
CA GLY A 4 24.04 6.60 20.96
C GLY A 4 23.42 5.85 19.80
N SER A 5 23.85 4.61 19.60
CA SER A 5 23.32 3.78 18.52
C SER A 5 23.51 2.30 18.83
N SER A 6 22.40 1.58 18.93
CA SER A 6 22.43 0.15 19.22
C SER A 6 21.83 -0.66 18.07
N GLY A 7 20.60 -0.34 17.70
CA GLY A 7 19.94 -1.05 16.63
C GLY A 7 18.43 -0.90 16.68
N ALA A 8 17.92 0.22 16.18
CA ALA A 8 16.49 0.47 16.18
C ALA A 8 16.12 1.54 15.16
N GLU A 9 15.11 1.27 14.34
CA GLU A 9 14.67 2.21 13.32
C GLU A 9 13.15 2.30 13.28
N LYS A 10 12.63 3.52 13.23
CA LYS A 10 11.19 3.73 13.19
C LYS A 10 10.69 3.83 11.75
N ARG A 11 9.86 2.88 11.35
CA ARG A 11 9.32 2.86 9.99
C ARG A 11 8.60 4.17 9.69
N ILE A 12 8.87 4.72 8.50
CA ILE A 12 8.24 5.96 8.08
C ILE A 12 7.47 5.78 6.78
N ILE A 13 6.30 6.40 6.70
CA ILE A 13 5.45 6.31 5.51
C ILE A 13 5.25 7.68 4.88
N ARG A 14 5.18 7.71 3.55
CA ARG A 14 4.98 8.95 2.83
C ARG A 14 3.86 8.81 1.80
N VAL A 15 2.76 9.53 2.04
CA VAL A 15 1.61 9.48 1.13
C VAL A 15 2.06 9.53 -0.32
N ASP A 16 1.78 8.47 -1.07
CA ASP A 16 2.15 8.40 -2.47
C ASP A 16 1.90 9.73 -3.17
N PRO A 17 2.80 10.10 -4.09
CA PRO A 17 2.70 11.35 -4.84
C PRO A 17 1.54 11.35 -5.84
N THR A 18 1.40 10.24 -6.57
CA THR A 18 0.34 10.11 -7.55
C THR A 18 -1.03 10.34 -6.92
N CYS A 19 -1.14 10.05 -5.63
CA CYS A 19 -2.39 10.23 -4.91
C CYS A 19 -2.73 11.71 -4.77
N PRO A 20 -4.00 12.05 -4.99
CA PRO A 20 -4.48 13.43 -4.91
C PRO A 20 -4.51 13.94 -3.46
N LEU A 21 -5.14 13.16 -2.58
CA LEU A 21 -5.23 13.52 -1.17
C LEU A 21 -3.91 14.09 -0.67
N SER A 22 -2.80 13.52 -1.15
CA SER A 22 -1.48 13.98 -0.74
C SER A 22 -1.42 15.50 -0.65
N SER A 23 -1.95 16.16 -1.67
CA SER A 23 -1.95 17.61 -1.71
C SER A 23 -2.63 18.20 -0.47
N ASN A 24 -3.78 17.65 -0.12
CA ASN A 24 -4.52 18.11 1.05
C ASN A 24 -3.68 17.98 2.32
N PRO A 25 -3.56 19.09 3.06
CA PRO A 25 -2.78 19.12 4.30
C PRO A 25 -3.44 18.32 5.42
N GLY A 26 -2.64 17.52 6.12
CA GLY A 26 -3.16 16.71 7.21
C GLY A 26 -3.34 15.26 6.82
N THR A 27 -3.62 15.02 5.54
CA THR A 27 -3.82 13.66 5.03
C THR A 27 -2.55 12.83 5.21
N GLN A 28 -2.61 11.85 6.12
CA GLN A 28 -1.48 10.98 6.38
C GLN A 28 -1.88 9.51 6.26
N VAL A 29 -0.91 8.66 5.93
CA VAL A 29 -1.16 7.24 5.77
C VAL A 29 -1.47 6.59 7.12
N TYR A 30 -2.69 6.11 7.28
CA TYR A 30 -3.11 5.47 8.52
C TYR A 30 -2.14 4.35 8.90
N GLU A 31 -1.42 4.55 10.00
CA GLU A 31 -0.46 3.56 10.48
C GLU A 31 0.60 3.27 9.41
N ASP A 32 0.99 2.01 9.29
CA ASP A 32 1.99 1.60 8.32
C ASP A 32 1.36 0.79 7.20
N TYR A 33 0.20 1.25 6.72
CA TYR A 33 -0.51 0.56 5.65
C TYR A 33 -0.05 1.05 4.29
N ASN A 34 1.09 0.52 3.83
CA ASN A 34 1.64 0.91 2.53
C ASN A 34 2.66 -0.12 2.05
N CYS A 35 2.41 -0.69 0.88
CA CYS A 35 3.30 -1.69 0.30
C CYS A 35 3.07 -1.85 -1.19
N THR A 36 4.08 -2.31 -1.90
CA THR A 36 3.97 -2.51 -3.35
C THR A 36 3.86 -3.98 -3.70
N LEU A 37 3.08 -4.28 -4.74
CA LEU A 37 2.88 -5.66 -5.18
C LEU A 37 3.32 -5.83 -6.63
N ASN A 38 3.92 -6.97 -6.94
CA ASN A 38 4.38 -7.26 -8.29
C ASN A 38 3.79 -8.57 -8.80
N GLN A 39 3.49 -8.62 -10.09
CA GLN A 39 2.91 -9.82 -10.69
C GLN A 39 3.40 -9.99 -12.13
N THR A 40 4.18 -11.03 -12.37
CA THR A 40 4.71 -11.30 -13.70
C THR A 40 4.19 -12.63 -14.24
N ASN A 41 4.20 -12.77 -15.56
CA ASN A 41 3.74 -14.00 -16.21
C ASN A 41 4.49 -14.26 -17.50
N ILE A 42 4.67 -15.53 -17.83
CA ILE A 42 5.39 -15.91 -19.05
C ILE A 42 4.50 -15.70 -20.28
N GLU A 43 3.93 -14.51 -20.40
CA GLU A 43 3.06 -14.20 -21.53
C GLU A 43 3.41 -12.82 -22.10
N ASN A 44 4.01 -12.82 -23.30
CA ASN A 44 4.38 -11.59 -23.95
C ASN A 44 5.01 -10.61 -22.97
N ASN A 45 5.84 -11.13 -22.07
CA ASN A 45 6.51 -10.30 -21.06
C ASN A 45 5.51 -9.39 -20.36
N ASN A 46 4.46 -10.00 -19.81
CA ASN A 46 3.43 -9.25 -19.10
C ASN A 46 3.85 -8.95 -17.67
N ASN A 47 4.09 -7.67 -17.37
CA ASN A 47 4.50 -7.25 -16.04
C ASN A 47 3.67 -6.07 -15.56
N LYS A 48 3.03 -6.24 -14.40
CA LYS A 48 2.20 -5.19 -13.83
C LYS A 48 2.51 -4.99 -12.35
N PHE A 49 1.94 -3.94 -11.76
CA PHE A 49 2.16 -3.64 -10.35
C PHE A 49 0.87 -3.20 -9.68
N TYR A 50 0.77 -3.46 -8.38
CA TYR A 50 -0.42 -3.09 -7.61
C TYR A 50 -0.04 -2.41 -6.31
N ILE A 51 -0.65 -1.26 -6.04
CA ILE A 51 -0.37 -0.50 -4.83
C ILE A 51 -1.61 -0.42 -3.95
N ILE A 52 -1.40 -0.54 -2.63
CA ILE A 52 -2.49 -0.48 -1.68
C ILE A 52 -2.08 0.25 -0.41
N GLN A 53 -2.62 1.45 -0.22
CA GLN A 53 -2.30 2.26 0.95
C GLN A 53 -3.58 2.77 1.63
N LEU A 54 -3.55 2.86 2.95
CA LEU A 54 -4.70 3.32 3.72
C LEU A 54 -4.48 4.74 4.22
N LEU A 55 -5.29 5.66 3.75
CA LEU A 55 -5.19 7.07 4.14
C LEU A 55 -6.32 7.45 5.09
N GLN A 56 -6.14 8.54 5.81
CA GLN A 56 -7.15 9.01 6.75
C GLN A 56 -7.18 10.54 6.80
N ASP A 57 -8.38 11.10 6.65
CA ASP A 57 -8.55 12.55 6.67
C ASP A 57 -8.96 13.03 8.06
N SER A 58 -8.97 14.35 8.25
CA SER A 58 -9.34 14.93 9.53
C SER A 58 -10.85 15.06 9.66
N ASN A 59 -11.57 14.16 8.99
CA ASN A 59 -13.03 14.17 9.03
C ASN A 59 -13.56 12.83 9.51
N ARG A 60 -12.74 12.10 10.24
CA ARG A 60 -13.13 10.79 10.77
C ARG A 60 -13.50 9.85 9.64
N PHE A 61 -12.94 10.10 8.45
CA PHE A 61 -13.21 9.26 7.28
C PHE A 61 -11.91 8.79 6.64
N PHE A 62 -11.83 7.49 6.37
CA PHE A 62 -10.64 6.91 5.75
C PHE A 62 -10.85 6.69 4.25
N THR A 63 -9.76 6.68 3.51
CA THR A 63 -9.82 6.49 2.07
C THR A 63 -8.77 5.48 1.61
N CYS A 64 -9.21 4.47 0.87
CA CYS A 64 -8.31 3.44 0.36
C CYS A 64 -7.72 3.84 -0.99
N TRP A 65 -6.43 4.12 -1.01
CA TRP A 65 -5.74 4.51 -2.23
C TRP A 65 -5.20 3.31 -2.98
N ASN A 66 -5.68 3.11 -4.20
CA ASN A 66 -5.25 1.99 -5.02
C ASN A 66 -4.64 2.48 -6.34
N ARG A 67 -3.69 1.71 -6.86
CA ARG A 67 -3.03 2.06 -8.11
C ARG A 67 -2.48 0.82 -8.81
N TRP A 68 -2.62 0.77 -10.13
CA TRP A 68 -2.13 -0.37 -10.91
C TRP A 68 -1.70 0.08 -12.30
N GLY A 69 -1.16 -0.87 -13.07
CA GLY A 69 -0.72 -0.55 -14.42
C GLY A 69 0.52 -1.33 -14.81
N ARG A 70 1.16 -0.91 -15.90
CA ARG A 70 2.37 -1.58 -16.38
C ARG A 70 3.58 -1.19 -15.53
N VAL A 71 4.40 -2.19 -15.22
CA VAL A 71 5.60 -1.94 -14.42
C VAL A 71 6.49 -0.88 -15.04
N GLY A 72 6.79 0.16 -14.27
CA GLY A 72 7.63 1.23 -14.77
C GLY A 72 6.86 2.51 -15.03
N GLU A 73 5.67 2.36 -15.61
CA GLU A 73 4.83 3.52 -15.91
C GLU A 73 3.83 3.77 -14.79
N VAL A 74 3.17 4.92 -14.84
CA VAL A 74 2.18 5.28 -13.83
C VAL A 74 0.95 4.38 -13.92
N GLY A 75 0.44 4.21 -15.14
CA GLY A 75 -0.73 3.37 -15.34
C GLY A 75 -2.01 4.08 -14.95
N GLN A 76 -3.01 3.30 -14.52
CA GLN A 76 -4.29 3.85 -14.12
C GLN A 76 -4.27 4.25 -12.65
N SER A 77 -5.42 4.70 -12.14
CA SER A 77 -5.53 5.12 -10.75
C SER A 77 -6.98 5.00 -10.27
N LYS A 78 -7.15 4.63 -9.00
CA LYS A 78 -8.47 4.49 -8.41
C LYS A 78 -8.43 4.77 -6.92
N ILE A 79 -9.51 5.36 -6.41
CA ILE A 79 -9.61 5.69 -5.00
C ILE A 79 -11.00 5.36 -4.45
N ASN A 80 -11.02 4.76 -3.25
CA ASN A 80 -12.28 4.39 -2.61
C ASN A 80 -12.40 5.05 -1.24
N HIS A 81 -13.55 5.66 -1.00
CA HIS A 81 -13.80 6.33 0.27
C HIS A 81 -14.72 5.49 1.15
N PHE A 82 -14.34 5.33 2.42
CA PHE A 82 -15.13 4.55 3.37
C PHE A 82 -15.47 5.37 4.60
N THR A 83 -16.69 5.19 5.11
CA THR A 83 -17.14 5.92 6.29
C THR A 83 -16.58 5.30 7.56
N ARG A 84 -16.54 3.98 7.61
CA ARG A 84 -16.02 3.27 8.77
C ARG A 84 -14.56 2.87 8.57
N LEU A 85 -13.80 2.84 9.66
CA LEU A 85 -12.39 2.48 9.59
C LEU A 85 -12.21 1.00 9.29
N GLU A 86 -12.88 0.17 10.08
CA GLU A 86 -12.80 -1.28 9.91
C GLU A 86 -13.08 -1.67 8.45
N ASP A 87 -14.20 -1.19 7.93
CA ASP A 87 -14.59 -1.47 6.55
C ASP A 87 -13.41 -1.31 5.61
N ALA A 88 -12.65 -0.24 5.79
CA ALA A 88 -11.49 0.04 4.96
C ALA A 88 -10.41 -1.02 5.16
N LYS A 89 -10.10 -1.31 6.42
CA LYS A 89 -9.08 -2.30 6.75
C LYS A 89 -9.39 -3.63 6.08
N LYS A 90 -10.65 -4.04 6.14
CA LYS A 90 -11.09 -5.31 5.54
C LYS A 90 -10.72 -5.35 4.06
N ASP A 91 -11.07 -4.30 3.33
CA ASP A 91 -10.78 -4.23 1.91
C ASP A 91 -9.28 -4.25 1.66
N PHE A 92 -8.54 -3.46 2.45
CA PHE A 92 -7.09 -3.39 2.32
C PHE A 92 -6.45 -4.76 2.53
N GLU A 93 -6.69 -5.34 3.71
CA GLU A 93 -6.13 -6.65 4.04
C GLU A 93 -6.67 -7.72 3.09
N LYS A 94 -7.95 -7.62 2.76
CA LYS A 94 -8.58 -8.58 1.86
C LYS A 94 -7.84 -8.65 0.53
N LYS A 95 -7.67 -7.50 -0.11
CA LYS A 95 -6.97 -7.44 -1.39
C LYS A 95 -5.55 -7.99 -1.26
N PHE A 96 -4.80 -7.45 -0.32
CA PHE A 96 -3.43 -7.88 -0.09
C PHE A 96 -3.37 -9.38 0.20
N ARG A 97 -3.97 -9.79 1.32
CA ARG A 97 -3.98 -11.19 1.71
C ARG A 97 -4.51 -12.07 0.58
N GLU A 98 -5.16 -11.44 -0.39
CA GLU A 98 -5.71 -12.16 -1.53
C GLU A 98 -4.70 -12.23 -2.68
N LYS A 99 -3.81 -11.25 -2.73
CA LYS A 99 -2.79 -11.21 -3.77
C LYS A 99 -1.48 -11.83 -3.28
N THR A 100 -1.33 -11.91 -1.96
CA THR A 100 -0.13 -12.48 -1.36
C THR A 100 -0.46 -13.76 -0.59
N LYS A 101 -1.74 -14.07 -0.47
CA LYS A 101 -2.18 -15.26 0.24
C LYS A 101 -1.54 -15.34 1.62
N ASN A 102 -1.43 -14.19 2.28
CA ASN A 102 -0.83 -14.13 3.61
C ASN A 102 -1.43 -12.99 4.43
N ASN A 103 -1.64 -13.24 5.72
CA ASN A 103 -2.21 -12.24 6.61
C ASN A 103 -1.29 -11.03 6.72
N TRP A 104 -1.89 -9.84 6.72
CA TRP A 104 -1.12 -8.60 6.82
C TRP A 104 -0.42 -8.51 8.17
N ALA A 105 -1.07 -9.04 9.21
CA ALA A 105 -0.51 -9.02 10.56
C ALA A 105 0.67 -9.98 10.68
N GLU A 106 0.54 -11.14 10.03
CA GLU A 106 1.59 -12.16 10.07
C GLU A 106 2.56 -11.98 8.90
N ARG A 107 2.80 -10.74 8.53
CA ARG A 107 3.70 -10.43 7.42
C ARG A 107 5.10 -10.98 7.70
N ASP A 108 5.40 -11.22 8.97
CA ASP A 108 6.70 -11.76 9.37
C ASP A 108 7.03 -13.01 8.60
N HIS A 109 6.06 -13.92 8.49
CA HIS A 109 6.25 -15.18 7.77
C HIS A 109 5.67 -15.09 6.36
N PHE A 110 5.87 -13.95 5.71
CA PHE A 110 5.37 -13.74 4.37
C PHE A 110 5.91 -14.81 3.41
N VAL A 111 5.01 -15.68 2.95
CA VAL A 111 5.39 -16.74 2.03
C VAL A 111 5.09 -16.36 0.59
N SER A 112 6.13 -16.12 -0.19
CA SER A 112 5.98 -15.74 -1.60
C SER A 112 5.69 -16.96 -2.46
N HIS A 113 4.42 -17.17 -2.79
CA HIS A 113 4.01 -18.30 -3.61
C HIS A 113 4.22 -18.00 -5.08
N PRO A 114 4.64 -19.03 -5.84
CA PRO A 114 4.88 -18.90 -7.28
C PRO A 114 3.60 -18.71 -8.07
N GLY A 115 3.46 -17.55 -8.70
CA GLY A 115 2.27 -17.26 -9.48
C GLY A 115 1.51 -16.07 -8.97
N LYS A 116 1.43 -15.93 -7.64
CA LYS A 116 0.72 -14.83 -7.02
C LYS A 116 1.61 -13.59 -6.95
N TYR A 117 1.08 -12.52 -6.38
CA TYR A 117 1.82 -11.27 -6.25
C TYR A 117 2.89 -11.37 -5.18
N THR A 118 3.87 -10.49 -5.25
CA THR A 118 4.96 -10.49 -4.27
C THR A 118 4.97 -9.20 -3.46
N LEU A 119 5.63 -9.23 -2.31
CA LEU A 119 5.73 -8.06 -1.43
C LEU A 119 7.10 -7.40 -1.56
N ILE A 120 7.14 -6.24 -2.21
CA ILE A 120 8.38 -5.51 -2.38
C ILE A 120 8.38 -4.23 -1.56
N GLU A 121 9.55 -3.60 -1.46
CA GLU A 121 9.68 -2.37 -0.69
C GLU A 121 10.07 -1.21 -1.60
N VAL A 122 9.96 -1.42 -2.91
CA VAL A 122 10.29 -0.39 -3.89
C VAL A 122 11.67 0.21 -3.60
N GLN A 123 12.14 1.04 -4.52
CA GLN A 123 13.45 1.68 -4.37
C GLN A 123 13.29 3.14 -3.97
N ALA A 124 13.55 3.42 -2.69
CA ALA A 124 13.44 4.78 -2.17
C ALA A 124 14.63 5.63 -2.60
#